data_1KXO
# 
_entry.id   1KXO 
# 
_audit_conform.dict_name       mmcif_pdbx.dic 
_audit_conform.dict_version    5.398 
_audit_conform.dict_location   http://mmcif.pdb.org/dictionaries/ascii/mmcif_pdbx.dic 
# 
loop_
_database_2.database_id 
_database_2.database_code 
_database_2.pdbx_database_accession 
_database_2.pdbx_DOI 
PDB   1KXO         pdb_00001kxo 10.2210/pdb1kxo/pdb 
RCSB  RCSB015443   ?            ?                   
WWPDB D_1000015443 ?            ?                   
# 
loop_
_pdbx_audit_revision_history.ordinal 
_pdbx_audit_revision_history.data_content_type 
_pdbx_audit_revision_history.major_revision 
_pdbx_audit_revision_history.minor_revision 
_pdbx_audit_revision_history.revision_date 
1 'Structure model' 1 0 2003-06-10 
2 'Structure model' 1 1 2008-04-27 
3 'Structure model' 1 2 2011-07-13 
4 'Structure model' 1 3 2019-07-24 
5 'Structure model' 1 4 2021-10-27 
6 'Structure model' 1 5 2024-04-03 
7 'Structure model' 1 6 2024-10-30 
# 
_pdbx_audit_revision_details.ordinal             1 
_pdbx_audit_revision_details.revision_ordinal    1 
_pdbx_audit_revision_details.data_content_type   'Structure model' 
_pdbx_audit_revision_details.provider            repository 
_pdbx_audit_revision_details.type                'Initial release' 
_pdbx_audit_revision_details.description         ? 
_pdbx_audit_revision_details.details             ? 
# 
loop_
_pdbx_audit_revision_group.ordinal 
_pdbx_audit_revision_group.revision_ordinal 
_pdbx_audit_revision_group.data_content_type 
_pdbx_audit_revision_group.group 
1 2 'Structure model' 'Version format compliance' 
2 3 'Structure model' 'Version format compliance' 
3 4 'Structure model' 'Data collection'           
4 4 'Structure model' 'Refinement description'    
5 5 'Structure model' 'Database references'       
6 6 'Structure model' 'Data collection'           
7 6 'Structure model' 'Refinement description'    
8 7 'Structure model' 'Structure summary'         
# 
loop_
_pdbx_audit_revision_category.ordinal 
_pdbx_audit_revision_category.revision_ordinal 
_pdbx_audit_revision_category.data_content_type 
_pdbx_audit_revision_category.category 
1 4 'Structure model' software                      
2 5 'Structure model' database_2                    
3 5 'Structure model' struct_ref_seq_dif            
4 6 'Structure model' chem_comp_atom                
5 6 'Structure model' chem_comp_bond                
6 6 'Structure model' pdbx_initial_refinement_model 
7 7 'Structure model' pdbx_entry_details            
8 7 'Structure model' pdbx_modification_feature     
# 
loop_
_pdbx_audit_revision_item.ordinal 
_pdbx_audit_revision_item.revision_ordinal 
_pdbx_audit_revision_item.data_content_type 
_pdbx_audit_revision_item.item 
1 4 'Structure model' '_software.classification'            
2 4 'Structure model' '_software.name'                      
3 4 'Structure model' '_software.version'                   
4 5 'Structure model' '_database_2.pdbx_DOI'                
5 5 'Structure model' '_database_2.pdbx_database_accession' 
6 5 'Structure model' '_struct_ref_seq_dif.details'         
# 
_pdbx_database_status.status_code                     REL 
_pdbx_database_status.entry_id                        1KXO 
_pdbx_database_status.recvd_initial_deposition_date   2002-02-01 
_pdbx_database_status.deposit_site                    RCSB 
_pdbx_database_status.process_site                    RCSB 
_pdbx_database_status.status_code_sf                  REL 
_pdbx_database_status.SG_entry                        . 
_pdbx_database_status.pdb_format_compatible           Y 
_pdbx_database_status.status_code_mr                  ? 
_pdbx_database_status.status_code_cs                  ? 
_pdbx_database_status.methods_development_category    ? 
_pdbx_database_status.status_code_nmr_data            ? 
# 
loop_
_pdbx_database_related.db_name 
_pdbx_database_related.db_id 
_pdbx_database_related.details 
_pdbx_database_related.content_type 
PDB 1BBP 'BILIN-BINDING PROTEIN'                                     unspecified 
PDB 1N0S 'ENGINEERED LIPOCALIN FLUA IN COMPLEX WITH FLUORESCEIN'     unspecified 
PDB 1LNM 'ENGINEERED LIPOCALIN DIGA16 IN COMPLEX WITH DIGITOXIGENIN' unspecified 
PDB 1LKE 'ENGINEERED LIPOCALIN DIGA16 IN COMPLEX WITH DIGOXIGENIN'   unspecified 
# 
loop_
_audit_author.name 
_audit_author.pdbx_ordinal 
'Korndoerfer, I.P.' 1 
'Skerra, A.'        2 
# 
loop_
_citation.id 
_citation.title 
_citation.journal_abbrev 
_citation.journal_volume 
_citation.page_first 
_citation.page_last 
_citation.year 
_citation.journal_id_ASTM 
_citation.country 
_citation.journal_id_ISSN 
_citation.journal_id_CSD 
_citation.book_publisher 
_citation.pdbx_database_id_PubMed 
_citation.pdbx_database_id_DOI 
primary 'Structural mechanism of specific ligand recognition by a lipocalin tailored for the complexation of digoxigenin.' 
J.Mol.Biol.            330 385  396  2003 JMOBAK UK 0022-2836 0070 ? 12823976 '10.1016/S0022-2836(03)00573-4' 
1       'A Novel Type of Receptor Protein, based on the Lipocalin Scaffold, with Specificity for Digoxigenin'              
J.Mol.Biol.            297 1105 1120 2000 JMOBAK UK 0022-2836 0070 ? ?        10.1006/jmbi.2000.3646          
2       'Small Antibody-like Proteins with Prescribed Ligand Specificities Derived from the Lipocalin Fold.'               
Proc.Natl.Acad.Sci.USA 96  1898 1903 1999 PNASA6 US 0027-8424 0040 ? ?        10.1073/pnas.96.5.1898          
# 
loop_
_citation_author.citation_id 
_citation_author.name 
_citation_author.ordinal 
_citation_author.identifier_ORCID 
primary 'Korndoerfer, I.P.' 1  ? 
primary 'Schlehuber, S.'    2  ? 
primary 'Skerra, A.'        3  ? 
1       'Schlehuber, S.'    4  ? 
1       'Beste, G.'         5  ? 
1       'Skerra, A.'        6  ? 
2       'Beste, G.'         7  ? 
2       'Schmidt, F.S.'     8  ? 
2       'Stibora, T.'       9  ? 
2       'Skerra, A.'        10 ? 
# 
loop_
_entity.id 
_entity.type 
_entity.src_method 
_entity.pdbx_description 
_entity.formula_weight 
_entity.pdbx_number_of_molecules 
_entity.pdbx_ec 
_entity.pdbx_mutation 
_entity.pdbx_fragment 
_entity.details 
1 polymer man DigA16 20833.158 1   ? 
'N1D, N21G, E28Q, K31A, N34D, S35H, V36I, E37T, N48R, H60S, I69S, K87S, L88Y, Y90I, K95Q, N97G, Y114F, K116S, Q125M, F127L, K135M' 
? 'genetically engineered variant of bilin binding protein' 
2 water   nat water  18.015    104 ? ? ? ?                                                         
# 
_entity_name_com.entity_id   1 
_entity_name_com.name        'BILIN BINDING PROTEIN, BBP, DIGA16 ANTICALIN' 
# 
_entity_poly.entity_id                      1 
_entity_poly.type                           'polypeptide(L)' 
_entity_poly.nstd_linkage                   no 
_entity_poly.nstd_monomer                   no 
_entity_poly.pdbx_seq_one_letter_code       
;DVYHDGACPEVKPVDNFDWSQYHGKWWQVAAYPDHITKYGKCGWAEYTPEGKSVKVSRYSVIHGKEYFSEGTAYPVGDSK
IGKIYHSYTIGGVTQEGVFNVLSTDNKNYIIGYFCSYDEDKKGHMDLVWVLSRSMVLTGEAKTAVENYLIGSPVVDSQKL
VYSDFSEAACKVNNSNWSHPQFEK
;
_entity_poly.pdbx_seq_one_letter_code_can   
;DVYHDGACPEVKPVDNFDWSQYHGKWWQVAAYPDHITKYGKCGWAEYTPEGKSVKVSRYSVIHGKEYFSEGTAYPVGDSK
IGKIYHSYTIGGVTQEGVFNVLSTDNKNYIIGYFCSYDEDKKGHMDLVWVLSRSMVLTGEAKTAVENYLIGSPVVDSQKL
VYSDFSEAACKVNNSNWSHPQFEK
;
_entity_poly.pdbx_strand_id                 A 
_entity_poly.pdbx_target_identifier         ? 
# 
_pdbx_entity_nonpoly.entity_id   2 
_pdbx_entity_nonpoly.name        water 
_pdbx_entity_nonpoly.comp_id     HOH 
# 
loop_
_entity_poly_seq.entity_id 
_entity_poly_seq.num 
_entity_poly_seq.mon_id 
_entity_poly_seq.hetero 
1 1   ASP n 
1 2   VAL n 
1 3   TYR n 
1 4   HIS n 
1 5   ASP n 
1 6   GLY n 
1 7   ALA n 
1 8   CYS n 
1 9   PRO n 
1 10  GLU n 
1 11  VAL n 
1 12  LYS n 
1 13  PRO n 
1 14  VAL n 
1 15  ASP n 
1 16  ASN n 
1 17  PHE n 
1 18  ASP n 
1 19  TRP n 
1 20  SER n 
1 21  GLN n 
1 22  TYR n 
1 23  HIS n 
1 24  GLY n 
1 25  LYS n 
1 26  TRP n 
1 27  TRP n 
1 28  GLN n 
1 29  VAL n 
1 30  ALA n 
1 31  ALA n 
1 32  TYR n 
1 33  PRO n 
1 34  ASP n 
1 35  HIS n 
1 36  ILE n 
1 37  THR n 
1 38  LYS n 
1 39  TYR n 
1 40  GLY n 
1 41  LYS n 
1 42  CYS n 
1 43  GLY n 
1 44  TRP n 
1 45  ALA n 
1 46  GLU n 
1 47  TYR n 
1 48  THR n 
1 49  PRO n 
1 50  GLU n 
1 51  GLY n 
1 52  LYS n 
1 53  SER n 
1 54  VAL n 
1 55  LYS n 
1 56  VAL n 
1 57  SER n 
1 58  ARG n 
1 59  TYR n 
1 60  SER n 
1 61  VAL n 
1 62  ILE n 
1 63  HIS n 
1 64  GLY n 
1 65  LYS n 
1 66  GLU n 
1 67  TYR n 
1 68  PHE n 
1 69  SER n 
1 70  GLU n 
1 71  GLY n 
1 72  THR n 
1 73  ALA n 
1 74  TYR n 
1 75  PRO n 
1 76  VAL n 
1 77  GLY n 
1 78  ASP n 
1 79  SER n 
1 80  LYS n 
1 81  ILE n 
1 82  GLY n 
1 83  LYS n 
1 84  ILE n 
1 85  TYR n 
1 86  HIS n 
1 87  SER n 
1 88  TYR n 
1 89  THR n 
1 90  ILE n 
1 91  GLY n 
1 92  GLY n 
1 93  VAL n 
1 94  THR n 
1 95  GLN n 
1 96  GLU n 
1 97  GLY n 
1 98  VAL n 
1 99  PHE n 
1 100 ASN n 
1 101 VAL n 
1 102 LEU n 
1 103 SER n 
1 104 THR n 
1 105 ASP n 
1 106 ASN n 
1 107 LYS n 
1 108 ASN n 
1 109 TYR n 
1 110 ILE n 
1 111 ILE n 
1 112 GLY n 
1 113 TYR n 
1 114 PHE n 
1 115 CYS n 
1 116 SER n 
1 117 TYR n 
1 118 ASP n 
1 119 GLU n 
1 120 ASP n 
1 121 LYS n 
1 122 LYS n 
1 123 GLY n 
1 124 HIS n 
1 125 MET n 
1 126 ASP n 
1 127 LEU n 
1 128 VAL n 
1 129 TRP n 
1 130 VAL n 
1 131 LEU n 
1 132 SER n 
1 133 ARG n 
1 134 SER n 
1 135 MET n 
1 136 VAL n 
1 137 LEU n 
1 138 THR n 
1 139 GLY n 
1 140 GLU n 
1 141 ALA n 
1 142 LYS n 
1 143 THR n 
1 144 ALA n 
1 145 VAL n 
1 146 GLU n 
1 147 ASN n 
1 148 TYR n 
1 149 LEU n 
1 150 ILE n 
1 151 GLY n 
1 152 SER n 
1 153 PRO n 
1 154 VAL n 
1 155 VAL n 
1 156 ASP n 
1 157 SER n 
1 158 GLN n 
1 159 LYS n 
1 160 LEU n 
1 161 VAL n 
1 162 TYR n 
1 163 SER n 
1 164 ASP n 
1 165 PHE n 
1 166 SER n 
1 167 GLU n 
1 168 ALA n 
1 169 ALA n 
1 170 CYS n 
1 171 LYS n 
1 172 VAL n 
1 173 ASN n 
1 174 ASN n 
1 175 SER n 
1 176 ASN n 
1 177 TRP n 
1 178 SER n 
1 179 HIS n 
1 180 PRO n 
1 181 GLN n 
1 182 PHE n 
1 183 GLU n 
1 184 LYS n 
# 
_entity_src_gen.entity_id                          1 
_entity_src_gen.pdbx_src_id                        1 
_entity_src_gen.pdbx_alt_source_flag               sample 
_entity_src_gen.pdbx_seq_type                      ? 
_entity_src_gen.pdbx_beg_seq_num                   ? 
_entity_src_gen.pdbx_end_seq_num                   ? 
_entity_src_gen.gene_src_common_name               'large cabbage white' 
_entity_src_gen.gene_src_genus                     Pieris 
_entity_src_gen.pdbx_gene_src_gene                 ? 
_entity_src_gen.gene_src_species                   ? 
_entity_src_gen.gene_src_strain                    ? 
_entity_src_gen.gene_src_tissue                    ? 
_entity_src_gen.gene_src_tissue_fraction           ? 
_entity_src_gen.gene_src_details                   ? 
_entity_src_gen.pdbx_gene_src_fragment             ? 
_entity_src_gen.pdbx_gene_src_scientific_name      'Pieris brassicae' 
_entity_src_gen.pdbx_gene_src_ncbi_taxonomy_id     7116 
_entity_src_gen.pdbx_gene_src_variant              ? 
_entity_src_gen.pdbx_gene_src_cell_line            ? 
_entity_src_gen.pdbx_gene_src_atcc                 ? 
_entity_src_gen.pdbx_gene_src_organ                ? 
_entity_src_gen.pdbx_gene_src_organelle            ? 
_entity_src_gen.pdbx_gene_src_cell                 ? 
_entity_src_gen.pdbx_gene_src_cellular_location    ? 
_entity_src_gen.host_org_common_name               ? 
_entity_src_gen.pdbx_host_org_scientific_name      'Escherichia coli' 
_entity_src_gen.pdbx_host_org_ncbi_taxonomy_id     562 
_entity_src_gen.host_org_genus                     Escherichia 
_entity_src_gen.pdbx_host_org_gene                 ? 
_entity_src_gen.pdbx_host_org_organ                ? 
_entity_src_gen.host_org_species                   ? 
_entity_src_gen.pdbx_host_org_tissue               ? 
_entity_src_gen.pdbx_host_org_tissue_fraction      ? 
_entity_src_gen.pdbx_host_org_strain               jm83 
_entity_src_gen.pdbx_host_org_variant              ? 
_entity_src_gen.pdbx_host_org_cell_line            ? 
_entity_src_gen.pdbx_host_org_atcc                 ? 
_entity_src_gen.pdbx_host_org_culture_collection   ? 
_entity_src_gen.pdbx_host_org_cell                 ? 
_entity_src_gen.pdbx_host_org_organelle            ? 
_entity_src_gen.pdbx_host_org_cellular_location    ? 
_entity_src_gen.pdbx_host_org_vector_type          plasmid 
_entity_src_gen.pdbx_host_org_vector               ? 
_entity_src_gen.host_org_details                   ? 
_entity_src_gen.expression_system_id               ? 
_entity_src_gen.plasmid_name                       pbbp21-diga16 
_entity_src_gen.plasmid_details                    ? 
_entity_src_gen.pdbx_description                   ? 
# 
loop_
_chem_comp.id 
_chem_comp.type 
_chem_comp.mon_nstd_flag 
_chem_comp.name 
_chem_comp.pdbx_synonyms 
_chem_comp.formula 
_chem_comp.formula_weight 
ALA 'L-peptide linking' y ALANINE         ? 'C3 H7 N O2'     89.093  
ARG 'L-peptide linking' y ARGININE        ? 'C6 H15 N4 O2 1' 175.209 
ASN 'L-peptide linking' y ASPARAGINE      ? 'C4 H8 N2 O3'    132.118 
ASP 'L-peptide linking' y 'ASPARTIC ACID' ? 'C4 H7 N O4'     133.103 
CYS 'L-peptide linking' y CYSTEINE        ? 'C3 H7 N O2 S'   121.158 
GLN 'L-peptide linking' y GLUTAMINE       ? 'C5 H10 N2 O3'   146.144 
GLU 'L-peptide linking' y 'GLUTAMIC ACID' ? 'C5 H9 N O4'     147.129 
GLY 'peptide linking'   y GLYCINE         ? 'C2 H5 N O2'     75.067  
HIS 'L-peptide linking' y HISTIDINE       ? 'C6 H10 N3 O2 1' 156.162 
HOH non-polymer         . WATER           ? 'H2 O'           18.015  
ILE 'L-peptide linking' y ISOLEUCINE      ? 'C6 H13 N O2'    131.173 
LEU 'L-peptide linking' y LEUCINE         ? 'C6 H13 N O2'    131.173 
LYS 'L-peptide linking' y LYSINE          ? 'C6 H15 N2 O2 1' 147.195 
MET 'L-peptide linking' y METHIONINE      ? 'C5 H11 N O2 S'  149.211 
PHE 'L-peptide linking' y PHENYLALANINE   ? 'C9 H11 N O2'    165.189 
PRO 'L-peptide linking' y PROLINE         ? 'C5 H9 N O2'     115.130 
SER 'L-peptide linking' y SERINE          ? 'C3 H7 N O3'     105.093 
THR 'L-peptide linking' y THREONINE       ? 'C4 H9 N O3'     119.119 
TRP 'L-peptide linking' y TRYPTOPHAN      ? 'C11 H12 N2 O2'  204.225 
TYR 'L-peptide linking' y TYROSINE        ? 'C9 H11 N O3'    181.189 
VAL 'L-peptide linking' y VALINE          ? 'C5 H11 N O2'    117.146 
# 
loop_
_pdbx_poly_seq_scheme.asym_id 
_pdbx_poly_seq_scheme.entity_id 
_pdbx_poly_seq_scheme.seq_id 
_pdbx_poly_seq_scheme.mon_id 
_pdbx_poly_seq_scheme.ndb_seq_num 
_pdbx_poly_seq_scheme.pdb_seq_num 
_pdbx_poly_seq_scheme.auth_seq_num 
_pdbx_poly_seq_scheme.pdb_mon_id 
_pdbx_poly_seq_scheme.auth_mon_id 
_pdbx_poly_seq_scheme.pdb_strand_id 
_pdbx_poly_seq_scheme.pdb_ins_code 
_pdbx_poly_seq_scheme.hetero 
A 1 1   ASP 1   1   1   ASP ASP A . n 
A 1 2   VAL 2   2   2   VAL VAL A . n 
A 1 3   TYR 3   3   3   TYR TYR A . n 
A 1 4   HIS 4   4   4   HIS HIS A . n 
A 1 5   ASP 5   5   5   ASP ASP A . n 
A 1 6   GLY 6   6   6   GLY GLY A . n 
A 1 7   ALA 7   7   7   ALA ALA A . n 
A 1 8   CYS 8   8   8   CYS CYS A . n 
A 1 9   PRO 9   9   9   PRO PRO A . n 
A 1 10  GLU 10  10  10  GLU GLU A . n 
A 1 11  VAL 11  11  11  VAL VAL A . n 
A 1 12  LYS 12  12  12  LYS LYS A . n 
A 1 13  PRO 13  13  13  PRO PRO A . n 
A 1 14  VAL 14  14  14  VAL VAL A . n 
A 1 15  ASP 15  15  15  ASP ASP A . n 
A 1 16  ASN 16  16  16  ASN ASN A . n 
A 1 17  PHE 17  17  17  PHE PHE A . n 
A 1 18  ASP 18  18  18  ASP ASP A . n 
A 1 19  TRP 19  19  19  TRP TRP A . n 
A 1 20  SER 20  20  20  SER SER A . n 
A 1 21  GLN 21  21  21  GLN GLN A . n 
A 1 22  TYR 22  22  22  TYR TYR A . n 
A 1 23  HIS 23  23  23  HIS HIS A . n 
A 1 24  GLY 24  24  24  GLY GLY A . n 
A 1 25  LYS 25  25  25  LYS LYS A . n 
A 1 26  TRP 26  26  26  TRP TRP A . n 
A 1 27  TRP 27  27  27  TRP TRP A . n 
A 1 28  GLN 28  28  28  GLN GLN A . n 
A 1 29  VAL 29  29  29  VAL VAL A . n 
A 1 30  ALA 30  30  30  ALA ALA A . n 
A 1 31  ALA 31  31  31  ALA ALA A . n 
A 1 32  TYR 32  32  32  TYR TYR A . n 
A 1 33  PRO 33  33  33  PRO PRO A . n 
A 1 34  ASP 34  34  34  ASP ASP A . n 
A 1 35  HIS 35  35  35  HIS HIS A . n 
A 1 36  ILE 36  36  36  ILE ILE A . n 
A 1 37  THR 37  37  37  THR THR A . n 
A 1 38  LYS 38  38  38  LYS LYS A . n 
A 1 39  TYR 39  39  39  TYR TYR A . n 
A 1 40  GLY 40  40  40  GLY GLY A . n 
A 1 41  LYS 41  41  41  LYS LYS A . n 
A 1 42  CYS 42  42  42  CYS CYS A . n 
A 1 43  GLY 43  43  43  GLY GLY A . n 
A 1 44  TRP 44  44  44  TRP TRP A . n 
A 1 45  ALA 45  45  45  ALA ALA A . n 
A 1 46  GLU 46  46  46  GLU GLU A . n 
A 1 47  TYR 47  47  47  TYR TYR A . n 
A 1 48  THR 48  48  48  THR THR A . n 
A 1 49  PRO 49  49  49  PRO PRO A . n 
A 1 50  GLU 50  50  50  GLU GLU A . n 
A 1 51  GLY 51  51  51  GLY GLY A . n 
A 1 52  LYS 52  52  52  LYS LYS A . n 
A 1 53  SER 53  53  53  SER SER A . n 
A 1 54  VAL 54  54  54  VAL VAL A . n 
A 1 55  LYS 55  55  55  LYS LYS A . n 
A 1 56  VAL 56  56  56  VAL VAL A . n 
A 1 57  SER 57  57  57  SER SER A . n 
A 1 58  ARG 58  58  58  ARG ARG A . n 
A 1 59  TYR 59  59  59  TYR TYR A . n 
A 1 60  SER 60  60  60  SER SER A . n 
A 1 61  VAL 61  61  61  VAL VAL A . n 
A 1 62  ILE 62  62  62  ILE ILE A . n 
A 1 63  HIS 63  63  63  HIS HIS A . n 
A 1 64  GLY 64  64  64  GLY GLY A . n 
A 1 65  LYS 65  65  65  LYS LYS A . n 
A 1 66  GLU 66  66  66  GLU GLU A . n 
A 1 67  TYR 67  67  67  TYR TYR A . n 
A 1 68  PHE 68  68  68  PHE PHE A . n 
A 1 69  SER 69  69  69  SER SER A . n 
A 1 70  GLU 70  70  70  GLU GLU A . n 
A 1 71  GLY 71  71  71  GLY GLY A . n 
A 1 72  THR 72  72  72  THR THR A . n 
A 1 73  ALA 73  73  73  ALA ALA A . n 
A 1 74  TYR 74  74  74  TYR TYR A . n 
A 1 75  PRO 75  75  75  PRO PRO A . n 
A 1 76  VAL 76  76  76  VAL VAL A . n 
A 1 77  GLY 77  77  77  GLY GLY A . n 
A 1 78  ASP 78  78  78  ASP ASP A . n 
A 1 79  SER 79  79  79  SER SER A . n 
A 1 80  LYS 80  80  80  LYS LYS A . n 
A 1 81  ILE 81  81  81  ILE ILE A . n 
A 1 82  GLY 82  82  82  GLY GLY A . n 
A 1 83  LYS 83  83  83  LYS LYS A . n 
A 1 84  ILE 84  84  84  ILE ILE A . n 
A 1 85  TYR 85  85  85  TYR TYR A . n 
A 1 86  HIS 86  86  86  HIS HIS A . n 
A 1 87  SER 87  87  87  SER SER A . n 
A 1 88  TYR 88  88  88  TYR TYR A . n 
A 1 89  THR 89  89  89  THR THR A . n 
A 1 90  ILE 90  90  ?   ?   ?   A . n 
A 1 91  GLY 91  91  ?   ?   ?   A . n 
A 1 92  GLY 92  92  92  GLY GLY A . n 
A 1 93  VAL 93  93  93  VAL VAL A . n 
A 1 94  THR 94  94  94  THR THR A . n 
A 1 95  GLN 95  95  95  GLN GLN A . n 
A 1 96  GLU 96  96  96  GLU GLU A . n 
A 1 97  GLY 97  97  97  GLY GLY A . n 
A 1 98  VAL 98  98  98  VAL VAL A . n 
A 1 99  PHE 99  99  99  PHE PHE A . n 
A 1 100 ASN 100 100 100 ASN ASN A . n 
A 1 101 VAL 101 101 101 VAL VAL A . n 
A 1 102 LEU 102 102 102 LEU LEU A . n 
A 1 103 SER 103 103 103 SER SER A . n 
A 1 104 THR 104 104 104 THR THR A . n 
A 1 105 ASP 105 105 105 ASP ASP A . n 
A 1 106 ASN 106 106 106 ASN ASN A . n 
A 1 107 LYS 107 107 107 LYS LYS A . n 
A 1 108 ASN 108 108 108 ASN ASN A . n 
A 1 109 TYR 109 109 109 TYR TYR A . n 
A 1 110 ILE 110 110 110 ILE ILE A . n 
A 1 111 ILE 111 111 111 ILE ILE A . n 
A 1 112 GLY 112 112 112 GLY GLY A . n 
A 1 113 TYR 113 113 113 TYR TYR A . n 
A 1 114 PHE 114 114 114 PHE PHE A . n 
A 1 115 CYS 115 115 115 CYS CYS A . n 
A 1 116 SER 116 116 116 SER SER A . n 
A 1 117 TYR 117 117 117 TYR TYR A . n 
A 1 118 ASP 118 118 ?   ?   ?   A . n 
A 1 119 GLU 119 119 ?   ?   ?   A . n 
A 1 120 ASP 120 120 120 ASP ASP A . n 
A 1 121 LYS 121 121 121 LYS LYS A . n 
A 1 122 LYS 122 122 122 LYS LYS A . n 
A 1 123 GLY 123 123 123 GLY GLY A . n 
A 1 124 HIS 124 124 124 HIS HIS A . n 
A 1 125 MET 125 125 125 MET MET A . n 
A 1 126 ASP 126 126 126 ASP ASP A . n 
A 1 127 LEU 127 127 127 LEU LEU A . n 
A 1 128 VAL 128 128 128 VAL VAL A . n 
A 1 129 TRP 129 129 129 TRP TRP A . n 
A 1 130 VAL 130 130 130 VAL VAL A . n 
A 1 131 LEU 131 131 131 LEU LEU A . n 
A 1 132 SER 132 132 132 SER SER A . n 
A 1 133 ARG 133 133 133 ARG ARG A . n 
A 1 134 SER 134 134 134 SER SER A . n 
A 1 135 MET 135 135 135 MET MET A . n 
A 1 136 VAL 136 136 136 VAL VAL A . n 
A 1 137 LEU 137 137 137 LEU LEU A . n 
A 1 138 THR 138 138 138 THR THR A . n 
A 1 139 GLY 139 139 139 GLY GLY A . n 
A 1 140 GLU 140 140 140 GLU GLU A . n 
A 1 141 ALA 141 141 141 ALA ALA A . n 
A 1 142 LYS 142 142 142 LYS LYS A . n 
A 1 143 THR 143 143 143 THR THR A . n 
A 1 144 ALA 144 144 144 ALA ALA A . n 
A 1 145 VAL 145 145 145 VAL VAL A . n 
A 1 146 GLU 146 146 146 GLU GLU A . n 
A 1 147 ASN 147 147 147 ASN ASN A . n 
A 1 148 TYR 148 148 148 TYR TYR A . n 
A 1 149 LEU 149 149 149 LEU LEU A . n 
A 1 150 ILE 150 150 150 ILE ILE A . n 
A 1 151 GLY 151 151 151 GLY GLY A . n 
A 1 152 SER 152 152 152 SER SER A . n 
A 1 153 PRO 153 153 153 PRO PRO A . n 
A 1 154 VAL 154 154 154 VAL VAL A . n 
A 1 155 VAL 155 155 155 VAL VAL A . n 
A 1 156 ASP 156 156 156 ASP ASP A . n 
A 1 157 SER 157 157 157 SER SER A . n 
A 1 158 GLN 158 158 158 GLN GLN A . n 
A 1 159 LYS 159 159 159 LYS LYS A . n 
A 1 160 LEU 160 160 160 LEU LEU A . n 
A 1 161 VAL 161 161 161 VAL VAL A . n 
A 1 162 TYR 162 162 162 TYR TYR A . n 
A 1 163 SER 163 163 163 SER SER A . n 
A 1 164 ASP 164 164 164 ASP ASP A . n 
A 1 165 PHE 165 165 165 PHE PHE A . n 
A 1 166 SER 166 166 166 SER SER A . n 
A 1 167 GLU 167 167 167 GLU GLU A . n 
A 1 168 ALA 168 168 ?   ?   ?   A . n 
A 1 169 ALA 169 169 ?   ?   ?   A . n 
A 1 170 CYS 170 170 170 CYS CYS A . n 
A 1 171 LYS 171 171 171 LYS LYS A . n 
A 1 172 VAL 172 172 ?   ?   ?   A . n 
A 1 173 ASN 173 173 ?   ?   ?   A . n 
A 1 174 ASN 174 174 ?   ?   ?   A . n 
A 1 175 SER 175 175 ?   ?   ?   A . n 
A 1 176 ASN 176 176 ?   ?   ?   A . n 
A 1 177 TRP 177 177 ?   ?   ?   A . n 
A 1 178 SER 178 178 ?   ?   ?   A . n 
A 1 179 HIS 179 179 ?   ?   ?   A . n 
A 1 180 PRO 180 180 ?   ?   ?   A . n 
A 1 181 GLN 181 181 ?   ?   ?   A . n 
A 1 182 PHE 182 182 ?   ?   ?   A . n 
A 1 183 GLU 183 183 ?   ?   ?   A . n 
A 1 184 LYS 184 184 ?   ?   ?   A . n 
# 
loop_
_pdbx_nonpoly_scheme.asym_id 
_pdbx_nonpoly_scheme.entity_id 
_pdbx_nonpoly_scheme.mon_id 
_pdbx_nonpoly_scheme.ndb_seq_num 
_pdbx_nonpoly_scheme.pdb_seq_num 
_pdbx_nonpoly_scheme.auth_seq_num 
_pdbx_nonpoly_scheme.pdb_mon_id 
_pdbx_nonpoly_scheme.auth_mon_id 
_pdbx_nonpoly_scheme.pdb_strand_id 
_pdbx_nonpoly_scheme.pdb_ins_code 
B 2 HOH 1   185 1   HOH HOH A . 
B 2 HOH 2   186 2   HOH HOH A . 
B 2 HOH 3   187 3   HOH HOH A . 
B 2 HOH 4   188 4   HOH HOH A . 
B 2 HOH 5   189 5   HOH HOH A . 
B 2 HOH 6   190 6   HOH HOH A . 
B 2 HOH 7   191 7   HOH HOH A . 
B 2 HOH 8   192 8   HOH HOH A . 
B 2 HOH 9   193 9   HOH HOH A . 
B 2 HOH 10  194 10  HOH HOH A . 
B 2 HOH 11  195 11  HOH HOH A . 
B 2 HOH 12  196 12  HOH HOH A . 
B 2 HOH 13  197 13  HOH HOH A . 
B 2 HOH 14  198 14  HOH HOH A . 
B 2 HOH 15  199 15  HOH HOH A . 
B 2 HOH 16  200 16  HOH HOH A . 
B 2 HOH 17  201 17  HOH HOH A . 
B 2 HOH 18  202 18  HOH HOH A . 
B 2 HOH 19  203 19  HOH HOH A . 
B 2 HOH 20  204 20  HOH HOH A . 
B 2 HOH 21  205 21  HOH HOH A . 
B 2 HOH 22  206 22  HOH HOH A . 
B 2 HOH 23  207 23  HOH HOH A . 
B 2 HOH 24  208 24  HOH HOH A . 
B 2 HOH 25  209 25  HOH HOH A . 
B 2 HOH 26  210 26  HOH HOH A . 
B 2 HOH 27  211 27  HOH HOH A . 
B 2 HOH 28  212 28  HOH HOH A . 
B 2 HOH 29  213 29  HOH HOH A . 
B 2 HOH 30  214 30  HOH HOH A . 
B 2 HOH 31  215 31  HOH HOH A . 
B 2 HOH 32  216 32  HOH HOH A . 
B 2 HOH 33  217 33  HOH HOH A . 
B 2 HOH 34  218 34  HOH HOH A . 
B 2 HOH 35  219 35  HOH HOH A . 
B 2 HOH 36  220 36  HOH HOH A . 
B 2 HOH 37  221 37  HOH HOH A . 
B 2 HOH 38  222 38  HOH HOH A . 
B 2 HOH 39  223 39  HOH HOH A . 
B 2 HOH 40  224 40  HOH HOH A . 
B 2 HOH 41  225 41  HOH HOH A . 
B 2 HOH 42  226 42  HOH HOH A . 
B 2 HOH 43  227 43  HOH HOH A . 
B 2 HOH 44  228 44  HOH HOH A . 
B 2 HOH 45  229 45  HOH HOH A . 
B 2 HOH 46  230 46  HOH HOH A . 
B 2 HOH 47  231 47  HOH HOH A . 
B 2 HOH 48  232 48  HOH HOH A . 
B 2 HOH 49  233 49  HOH HOH A . 
B 2 HOH 50  234 50  HOH HOH A . 
B 2 HOH 51  235 51  HOH HOH A . 
B 2 HOH 52  236 52  HOH HOH A . 
B 2 HOH 53  237 53  HOH HOH A . 
B 2 HOH 54  238 54  HOH HOH A . 
B 2 HOH 55  239 55  HOH HOH A . 
B 2 HOH 56  240 56  HOH HOH A . 
B 2 HOH 57  241 57  HOH HOH A . 
B 2 HOH 58  242 58  HOH HOH A . 
B 2 HOH 59  243 59  HOH HOH A . 
B 2 HOH 60  244 60  HOH HOH A . 
B 2 HOH 61  245 61  HOH HOH A . 
B 2 HOH 62  246 62  HOH HOH A . 
B 2 HOH 63  247 63  HOH HOH A . 
B 2 HOH 64  248 64  HOH HOH A . 
B 2 HOH 65  249 65  HOH HOH A . 
B 2 HOH 66  250 66  HOH HOH A . 
B 2 HOH 67  251 67  HOH HOH A . 
B 2 HOH 68  252 68  HOH HOH A . 
B 2 HOH 69  253 69  HOH HOH A . 
B 2 HOH 70  254 70  HOH HOH A . 
B 2 HOH 71  255 71  HOH HOH A . 
B 2 HOH 72  256 72  HOH HOH A . 
B 2 HOH 73  257 73  HOH HOH A . 
B 2 HOH 74  258 74  HOH HOH A . 
B 2 HOH 75  259 75  HOH HOH A . 
B 2 HOH 76  260 76  HOH HOH A . 
B 2 HOH 77  261 77  HOH HOH A . 
B 2 HOH 78  262 78  HOH HOH A . 
B 2 HOH 79  263 79  HOH HOH A . 
B 2 HOH 80  264 80  HOH HOH A . 
B 2 HOH 81  265 81  HOH HOH A . 
B 2 HOH 82  266 82  HOH HOH A . 
B 2 HOH 83  267 83  HOH HOH A . 
B 2 HOH 84  268 84  HOH HOH A . 
B 2 HOH 85  269 85  HOH HOH A . 
B 2 HOH 86  270 86  HOH HOH A . 
B 2 HOH 87  271 87  HOH HOH A . 
B 2 HOH 88  272 88  HOH HOH A . 
B 2 HOH 89  273 89  HOH HOH A . 
B 2 HOH 90  274 90  HOH HOH A . 
B 2 HOH 91  275 91  HOH HOH A . 
B 2 HOH 92  276 92  HOH HOH A . 
B 2 HOH 93  277 93  HOH HOH A . 
B 2 HOH 94  278 94  HOH HOH A . 
B 2 HOH 95  279 95  HOH HOH A . 
B 2 HOH 96  280 96  HOH HOH A . 
B 2 HOH 97  281 97  HOH HOH A . 
B 2 HOH 98  282 98  HOH HOH A . 
B 2 HOH 99  283 99  HOH HOH A . 
B 2 HOH 100 284 100 HOH HOH A . 
B 2 HOH 101 285 101 HOH HOH A . 
B 2 HOH 102 286 102 HOH HOH A . 
B 2 HOH 103 287 103 HOH HOH A . 
B 2 HOH 104 288 104 HOH HOH A . 
# 
loop_
_software.name 
_software.classification 
_software.version 
_software.citation_id 
_software.pdbx_ordinal 
REFMAC    refinement       5.0 ? 1 
SCALEPACK 'data scaling'   .   ? 2 
CNS       refinement       .   ? 3 
DENZO     'data reduction' .   ? 4 
CNS       phasing          .   ? 5 
# 
_cell.entry_id           1KXO 
_cell.length_a           73.873 
_cell.length_b           63.476 
_cell.length_c           38.191 
_cell.angle_alpha        90.00 
_cell.angle_beta         92.02 
_cell.angle_gamma        90.00 
_cell.Z_PDB              4 
_cell.pdbx_unique_axis   ? 
# 
_symmetry.entry_id                         1KXO 
_symmetry.space_group_name_H-M             'C 1 2 1' 
_symmetry.pdbx_full_space_group_name_H-M   ? 
_symmetry.cell_setting                     ? 
_symmetry.Int_Tables_number                5 
# 
_exptl.entry_id          1KXO 
_exptl.method            'X-RAY DIFFRACTION' 
_exptl.crystals_number   1 
# 
_exptl_crystal.id                    1 
_exptl_crystal.density_meas          ? 
_exptl_crystal.density_Matthews      2.5 
_exptl_crystal.density_percent_sol   51.1 
_exptl_crystal.description           ? 
# 
_exptl_crystal_grow.crystal_id      1 
_exptl_crystal_grow.method          'VAPOR DIFFUSION, HANGING DROP' 
_exptl_crystal_grow.temp            298 
_exptl_crystal_grow.temp_details    ? 
_exptl_crystal_grow.pH              7.6 
_exptl_crystal_grow.pdbx_details    
'0.1-M Hepes, 10% Isopropanole, 19% PEG 4000, pH = 7.8, pH 7.6, VAPOR DIFFUSION, HANGING DROP, temperature 298K' 
_exptl_crystal_grow.pdbx_pH_range   ? 
# 
_diffrn.id                     1 
_diffrn.ambient_temp           298 
_diffrn.ambient_temp_details   ? 
_diffrn.crystal_id             1 
# 
_diffrn_detector.diffrn_id              1 
_diffrn_detector.detector               'IMAGE PLATE' 
_diffrn_detector.type                   'MAR scanner 345 mm plate' 
_diffrn_detector.pdbx_collection_date   2001-11-06 
_diffrn_detector.details                ? 
# 
_diffrn_radiation.diffrn_id                        1 
_diffrn_radiation.wavelength_id                    1 
_diffrn_radiation.pdbx_monochromatic_or_laue_m_l   M 
_diffrn_radiation.monochromator                    'osmic mirrors' 
_diffrn_radiation.pdbx_diffrn_protocol             'SINGLE WAVELENGTH' 
_diffrn_radiation.pdbx_scattering_type             x-ray 
# 
_diffrn_radiation_wavelength.id           1 
_diffrn_radiation_wavelength.wavelength   1.5418 
_diffrn_radiation_wavelength.wt           1.0 
# 
_diffrn_source.diffrn_id                   1 
_diffrn_source.source                      'ROTATING ANODE' 
_diffrn_source.type                        'RIGAKU RU300' 
_diffrn_source.pdbx_synchrotron_site       ? 
_diffrn_source.pdbx_synchrotron_beamline   ? 
_diffrn_source.pdbx_wavelength             ? 
_diffrn_source.pdbx_wavelength_list        1.5418 
# 
_reflns.entry_id                     1KXO 
_reflns.observed_criterion_sigma_I   -3 
_reflns.observed_criterion_sigma_F   ? 
_reflns.d_resolution_low             48.22 
_reflns.d_resolution_high            1.8 
_reflns.number_obs                   14754 
_reflns.number_all                   14754 
_reflns.percent_possible_obs         89.1 
_reflns.pdbx_Rmerge_I_obs            ? 
_reflns.pdbx_Rsym_value              0.04 
_reflns.pdbx_netI_over_sigmaI        14.2 
_reflns.B_iso_Wilson_estimate        ? 
_reflns.pdbx_redundancy              2.3 
_reflns.R_free_details               ? 
_reflns.limit_h_max                  ? 
_reflns.limit_h_min                  ? 
_reflns.limit_k_max                  ? 
_reflns.limit_k_min                  ? 
_reflns.limit_l_max                  ? 
_reflns.limit_l_min                  ? 
_reflns.observed_criterion_F_max     ? 
_reflns.observed_criterion_F_min     ? 
_reflns.pdbx_diffrn_id               1 
_reflns.pdbx_ordinal                 1 
# 
_reflns_shell.d_res_high             1.80 
_reflns_shell.d_res_low              1.86 
_reflns_shell.percent_possible_all   77.2 
_reflns_shell.Rmerge_I_obs           ? 
_reflns_shell.pdbx_Rsym_value        0.2 
_reflns_shell.meanI_over_sigI_obs    2.3 
_reflns_shell.pdbx_redundancy        1.2 
_reflns_shell.percent_possible_obs   ? 
_reflns_shell.number_unique_all      1260 
_reflns_shell.pdbx_diffrn_id         ? 
_reflns_shell.pdbx_ordinal           1 
# 
_refine.entry_id                                 1KXO 
_refine.ls_number_reflns_obs                     14674 
_refine.ls_number_reflns_all                     14674 
_refine.pdbx_ls_sigma_I                          ? 
_refine.pdbx_ls_sigma_F                          0 
_refine.pdbx_data_cutoff_high_absF               ? 
_refine.pdbx_data_cutoff_low_absF                ? 
_refine.ls_d_res_low                             48.22 
_refine.ls_d_res_high                            1.80 
_refine.ls_percent_reflns_obs                    89.45 
_refine.ls_R_factor_obs                          0.21229 
_refine.ls_R_factor_all                          ? 
_refine.ls_R_factor_R_work                       0.209 
_refine.ls_R_factor_R_free                       0.289 
_refine.ls_R_factor_R_free_error                 ? 
_refine.ls_R_factor_R_free_error_details         ? 
_refine.ls_percent_reflns_R_free                 4.9 
_refine.ls_number_reflns_R_free                  726 
_refine.ls_number_parameters                     ? 
_refine.ls_number_restraints                     ? 
_refine.occupancy_min                            ? 
_refine.occupancy_max                            ? 
_refine.B_iso_mean                               28.316 
_refine.aniso_B[1][1]                            -0.21 
_refine.aniso_B[2][2]                            -2.68 
_refine.aniso_B[3][3]                            2.90 
_refine.aniso_B[1][2]                            0.00 
_refine.aniso_B[1][3]                            0.10 
_refine.aniso_B[2][3]                            0.00 
_refine.solvent_model_details                    'BABINET MODEL WITH MASK' 
_refine.solvent_model_param_ksol                 ? 
_refine.solvent_model_param_bsol                 ? 
_refine.pdbx_ls_cross_valid_method               THROUGHOUT 
_refine.details                                  ? 
_refine.pdbx_starting_model                      
;The structure of diga16 in presence of 
digoxigenin
;
_refine.pdbx_method_to_determine_struct          'FOURIER SYNTHESIS' 
_refine.pdbx_isotropic_thermal_model             ? 
_refine.pdbx_stereochemistry_target_values       'Engh & Huber' 
_refine.pdbx_stereochem_target_val_spec_case     ? 
_refine.pdbx_R_Free_selection_details            RANDOM 
_refine.pdbx_overall_ESU_R                       0.164 
_refine.pdbx_overall_ESU_R_Free                  0.176 
_refine.overall_SU_ML                            0.171 
_refine.overall_SU_B                             5.518 
_refine.ls_redundancy_reflns_obs                 ? 
_refine.B_iso_min                                ? 
_refine.B_iso_max                                ? 
_refine.overall_SU_R_Cruickshank_DPI             ? 
_refine.overall_SU_R_free                        ? 
_refine.pdbx_data_cutoff_high_rms_absF           ? 
_refine.correlation_coeff_Fo_to_Fc               0.945 
_refine.correlation_coeff_Fo_to_Fc_free          0.894 
_refine.pdbx_solvent_vdw_probe_radii             1.40 
_refine.pdbx_solvent_ion_probe_radii             0.80 
_refine.pdbx_solvent_shrinkage_radii             0.80 
_refine.pdbx_refine_id                           'X-RAY DIFFRACTION' 
_refine.pdbx_diffrn_id                           1 
_refine.pdbx_TLS_residual_ADP_flag               ? 
_refine.pdbx_overall_phase_error                 ? 
_refine.pdbx_overall_SU_R_free_Cruickshank_DPI   ? 
_refine.pdbx_overall_SU_R_Blow_DPI               ? 
_refine.pdbx_overall_SU_R_free_Blow_DPI          ? 
# 
_refine_hist.pdbx_refine_id                   'X-RAY DIFFRACTION' 
_refine_hist.cycle_id                         LAST 
_refine_hist.pdbx_number_atoms_protein        1320 
_refine_hist.pdbx_number_atoms_nucleic_acid   0 
_refine_hist.pdbx_number_atoms_ligand         0 
_refine_hist.number_atoms_solvent             104 
_refine_hist.number_atoms_total               1424 
_refine_hist.d_res_high                       1.80 
_refine_hist.d_res_low                        48.22 
# 
loop_
_refine_ls_restr.type 
_refine_ls_restr.dev_ideal 
_refine_ls_restr.dev_ideal_target 
_refine_ls_restr.weight 
_refine_ls_restr.number 
_refine_ls_restr.pdbx_refine_id 
_refine_ls_restr.pdbx_restraint_function 
r_bond_refined_d         0.018  0.021  ? 1352 'X-RAY DIFFRACTION' ? 
r_bond_other_d           0.001  0.020  ? 1128 'X-RAY DIFFRACTION' ? 
r_angle_refined_deg      2.684  1.922  ? 1834 'X-RAY DIFFRACTION' ? 
r_angle_other_deg        1.316  3.000  ? 2643 'X-RAY DIFFRACTION' ? 
r_dihedral_angle_1_deg   6.865  3.000  ? 161  'X-RAY DIFFRACTION' ? 
r_dihedral_angle_3_deg   15.968 15.000 ? 214  'X-RAY DIFFRACTION' ? 
r_chiral_restr           0.162  0.200  ? 189  'X-RAY DIFFRACTION' ? 
r_gen_planes_refined     0.015  0.020  ? 1496 'X-RAY DIFFRACTION' ? 
r_gen_planes_other       0.010  0.020  ? 285  'X-RAY DIFFRACTION' ? 
r_nbd_refined            0.249  0.300  ? 278  'X-RAY DIFFRACTION' ? 
r_nbd_other              0.205  0.300  ? 1090 'X-RAY DIFFRACTION' ? 
r_nbtor_other            ?      ?      ? ?    'X-RAY DIFFRACTION' ? 
r_xyhbond_nbd_refined    0.196  0.500  ? 232  'X-RAY DIFFRACTION' ? 
r_xyhbond_nbd_other      ?      ?      ? ?    'X-RAY DIFFRACTION' ? 
r_symmetry_vdw_refined   0.266  0.300  ? 7    'X-RAY DIFFRACTION' ? 
r_symmetry_vdw_other     0.245  0.300  ? 22   'X-RAY DIFFRACTION' ? 
r_symmetry_hbond_refined 0.187  0.500  ? 9    'X-RAY DIFFRACTION' ? 
r_symmetry_hbond_other   ?      ?      ? ?    'X-RAY DIFFRACTION' ? 
r_mcbond_it              5.672  2.000  ? 812  'X-RAY DIFFRACTION' ? 
r_mcangle_it             7.394  3.000  ? 1305 'X-RAY DIFFRACTION' ? 
r_scbond_it              6.409  2.000  ? 540  'X-RAY DIFFRACTION' ? 
r_scangle_it             8.467  3.000  ? 529  'X-RAY DIFFRACTION' ? 
r_rigid_bond_restr       ?      ?      ? ?    'X-RAY DIFFRACTION' ? 
r_sphericity_free        ?      ?      ? ?    'X-RAY DIFFRACTION' ? 
r_sphericity_bonded      ?      ?      ? ?    'X-RAY DIFFRACTION' ? 
# 
_refine_ls_shell.pdbx_total_number_of_bins_used   20 
_refine_ls_shell.d_res_high                       1.80 
_refine_ls_shell.d_res_low                        1.9 
_refine_ls_shell.number_reflns_R_work             892 
_refine_ls_shell.R_factor_R_work                  0.278 
_refine_ls_shell.percent_reflns_obs               78.63 
_refine_ls_shell.R_factor_R_free                  0.442 
_refine_ls_shell.R_factor_R_free_error            ? 
_refine_ls_shell.percent_reflns_R_free            ? 
_refine_ls_shell.number_reflns_R_free             46 
_refine_ls_shell.number_reflns_obs                ? 
_refine_ls_shell.redundancy_reflns_obs            ? 
_refine_ls_shell.number_reflns_all                ? 
_refine_ls_shell.pdbx_refine_id                   'X-RAY DIFFRACTION' 
_refine_ls_shell.R_factor_all                     ? 
# 
_struct.entry_id                  1KXO 
_struct.title                     'ENGINEERED LIPOCALIN DIGA16 : APO-FORM' 
_struct.pdbx_model_details        ? 
_struct.pdbx_CASP_flag            ? 
_struct.pdbx_model_type_details   ? 
# 
_struct_keywords.entry_id        1KXO 
_struct_keywords.pdbx_keywords   'LIGAND BINDING PROTEIN' 
_struct_keywords.text            
'pieris brassicae, lipocalin, anticalin, genetical engineering, digoxigenin, LIGAND BINDING PROTEIN' 
# 
loop_
_struct_asym.id 
_struct_asym.pdbx_blank_PDB_chainid_flag 
_struct_asym.pdbx_modified 
_struct_asym.entity_id 
_struct_asym.details 
A N N 1 ? 
B N N 2 ? 
# 
_struct_ref.id                         1 
_struct_ref.db_name                    UNP 
_struct_ref.db_code                    BBP_PIEBR 
_struct_ref.entity_id                  1 
_struct_ref.pdbx_seq_one_letter_code   
;NVYHDGACPEVKPVDNFDWSNYHGKWWEVAKYPNSVEKYGKCGWAEYTPEGKSVKVSNYHVIHGKEYFIEGTAYPVGDSK
IGKIYHKLTYGGVTKENVFNVLSTDNKNYIIGYYCKYDEDKKGHQDFVWVLSRSKVLTGEAKTAVENYLIGSPVVDSQKL
VYSDFSEAACKVNN
;
_struct_ref.pdbx_align_begin           16 
_struct_ref.pdbx_db_accession          P09464 
_struct_ref.pdbx_db_isoform            ? 
# 
_struct_ref_seq.align_id                      1 
_struct_ref_seq.ref_id                        1 
_struct_ref_seq.pdbx_PDB_id_code              1KXO 
_struct_ref_seq.pdbx_strand_id                A 
_struct_ref_seq.seq_align_beg                 1 
_struct_ref_seq.pdbx_seq_align_beg_ins_code   ? 
_struct_ref_seq.seq_align_end                 174 
_struct_ref_seq.pdbx_seq_align_end_ins_code   ? 
_struct_ref_seq.pdbx_db_accession             P09464 
_struct_ref_seq.db_align_beg                  16 
_struct_ref_seq.pdbx_db_align_beg_ins_code    ? 
_struct_ref_seq.db_align_end                  189 
_struct_ref_seq.pdbx_db_align_end_ins_code    ? 
_struct_ref_seq.pdbx_auth_seq_align_beg       1 
_struct_ref_seq.pdbx_auth_seq_align_end       174 
# 
loop_
_struct_ref_seq_dif.align_id 
_struct_ref_seq_dif.pdbx_pdb_id_code 
_struct_ref_seq_dif.mon_id 
_struct_ref_seq_dif.pdbx_pdb_strand_id 
_struct_ref_seq_dif.seq_num 
_struct_ref_seq_dif.pdbx_pdb_ins_code 
_struct_ref_seq_dif.pdbx_seq_db_name 
_struct_ref_seq_dif.pdbx_seq_db_accession_code 
_struct_ref_seq_dif.db_mon_id 
_struct_ref_seq_dif.pdbx_seq_db_seq_num 
_struct_ref_seq_dif.details 
_struct_ref_seq_dif.pdbx_auth_seq_num 
_struct_ref_seq_dif.pdbx_ordinal 
1 1KXO ASP A 1   ? UNP P09464 ASN 16  'engineered mutation' 1   1  
1 1KXO GLN A 21  ? UNP P09464 ASN 36  'engineered mutation' 21  2  
1 1KXO GLN A 28  ? UNP P09464 GLU 43  'engineered mutation' 28  3  
1 1KXO ALA A 31  ? UNP P09464 LYS 46  'engineered mutation' 31  4  
1 1KXO ASP A 34  ? UNP P09464 ASN 49  'engineered mutation' 34  5  
1 1KXO HIS A 35  ? UNP P09464 SER 50  'engineered mutation' 35  6  
1 1KXO ILE A 36  ? UNP P09464 VAL 51  'engineered mutation' 36  7  
1 1KXO THR A 37  ? UNP P09464 GLU 52  'engineered mutation' 37  8  
1 1KXO ARG A 58  ? UNP P09464 ASN 73  'engineered mutation' 58  9  
1 1KXO SER A 60  ? UNP P09464 HIS 75  'engineered mutation' 60  10 
1 1KXO SER A 69  ? UNP P09464 ILE 84  'engineered mutation' 69  11 
1 1KXO SER A 87  ? UNP P09464 LYS 102 'engineered mutation' 87  12 
1 1KXO TYR A 88  ? UNP P09464 LEU 103 'engineered mutation' 88  13 
1 1KXO ILE A 90  ? UNP P09464 TYR 105 'engineered mutation' 90  14 
1 1KXO GLN A 95  ? UNP P09464 LYS 110 'engineered mutation' 95  15 
1 1KXO GLY A 97  ? UNP P09464 ASN 112 'engineered mutation' 97  16 
1 1KXO PHE A 114 ? UNP P09464 TYR 129 'engineered mutation' 114 17 
1 1KXO SER A 116 ? UNP P09464 LYS 131 'engineered mutation' 116 18 
1 1KXO MET A 125 ? UNP P09464 GLN 140 'engineered mutation' 125 19 
1 1KXO LEU A 127 ? UNP P09464 PHE 142 'engineered mutation' 127 20 
1 1KXO MET A 135 ? UNP P09464 LYS 150 'engineered mutation' 135 21 
1 1KXO SER A 175 ? UNP P09464 ?   ?   'SEE REMARK 999'      175 22 
1 1KXO ASN A 176 ? UNP P09464 ?   ?   'SEE REMARK 999'      176 23 
1 1KXO TRP A 177 ? UNP P09464 ?   ?   'SEE REMARK 999'      177 24 
1 1KXO SER A 178 ? UNP P09464 ?   ?   'SEE REMARK 999'      178 25 
1 1KXO HIS A 179 ? UNP P09464 ?   ?   'SEE REMARK 999'      179 26 
1 1KXO PRO A 180 ? UNP P09464 ?   ?   'SEE REMARK 999'      180 27 
1 1KXO GLN A 181 ? UNP P09464 ?   ?   'SEE REMARK 999'      181 28 
1 1KXO PHE A 182 ? UNP P09464 ?   ?   'SEE REMARK 999'      182 29 
1 1KXO GLU A 183 ? UNP P09464 ?   ?   'SEE REMARK 999'      183 30 
1 1KXO LYS A 184 ? UNP P09464 ?   ?   'SEE REMARK 999'      184 31 
# 
_pdbx_struct_assembly.id                   1 
_pdbx_struct_assembly.details              author_defined_assembly 
_pdbx_struct_assembly.method_details       ? 
_pdbx_struct_assembly.oligomeric_details   monomeric 
_pdbx_struct_assembly.oligomeric_count     1 
# 
_pdbx_struct_assembly_gen.assembly_id       1 
_pdbx_struct_assembly_gen.oper_expression   1 
_pdbx_struct_assembly_gen.asym_id_list      A,B 
# 
_pdbx_struct_oper_list.id                   1 
_pdbx_struct_oper_list.type                 'identity operation' 
_pdbx_struct_oper_list.name                 1_555 
_pdbx_struct_oper_list.symmetry_operation   x,y,z 
_pdbx_struct_oper_list.matrix[1][1]         1.0000000000 
_pdbx_struct_oper_list.matrix[1][2]         0.0000000000 
_pdbx_struct_oper_list.matrix[1][3]         0.0000000000 
_pdbx_struct_oper_list.vector[1]            0.0000000000 
_pdbx_struct_oper_list.matrix[2][1]         0.0000000000 
_pdbx_struct_oper_list.matrix[2][2]         1.0000000000 
_pdbx_struct_oper_list.matrix[2][3]         0.0000000000 
_pdbx_struct_oper_list.vector[2]            0.0000000000 
_pdbx_struct_oper_list.matrix[3][1]         0.0000000000 
_pdbx_struct_oper_list.matrix[3][2]         0.0000000000 
_pdbx_struct_oper_list.matrix[3][3]         1.0000000000 
_pdbx_struct_oper_list.vector[3]            0.0000000000 
# 
loop_
_struct_conf.conf_type_id 
_struct_conf.id 
_struct_conf.pdbx_PDB_helix_id 
_struct_conf.beg_label_comp_id 
_struct_conf.beg_label_asym_id 
_struct_conf.beg_label_seq_id 
_struct_conf.pdbx_beg_PDB_ins_code 
_struct_conf.end_label_comp_id 
_struct_conf.end_label_asym_id 
_struct_conf.end_label_seq_id 
_struct_conf.pdbx_end_PDB_ins_code 
_struct_conf.beg_auth_comp_id 
_struct_conf.beg_auth_asym_id 
_struct_conf.beg_auth_seq_id 
_struct_conf.end_auth_comp_id 
_struct_conf.end_auth_asym_id 
_struct_conf.end_auth_seq_id 
_struct_conf.pdbx_PDB_helix_class 
_struct_conf.details 
_struct_conf.pdbx_PDB_helix_length 
HELX_P HELX_P1 1 ASP A 18  ? TYR A 22  ? ASP A 18  TYR A 22  5 ? 5  
HELX_P HELX_P2 2 TYR A 32  ? GLY A 40  ? TYR A 32  GLY A 40  1 ? 9  
HELX_P HELX_P3 3 ASP A 78  ? ILE A 81  ? ASP A 78  ILE A 81  5 ? 4  
HELX_P HELX_P4 4 THR A 138 ? LEU A 149 ? THR A 138 LEU A 149 1 ? 12 
HELX_P HELX_P5 5 ASP A 156 ? LEU A 160 ? ASP A 156 LEU A 160 5 ? 5  
# 
_struct_conf_type.id          HELX_P 
_struct_conf_type.criteria    ? 
_struct_conf_type.reference   ? 
# 
loop_
_struct_conn.id 
_struct_conn.conn_type_id 
_struct_conn.pdbx_leaving_atom_flag 
_struct_conn.pdbx_PDB_id 
_struct_conn.ptnr1_label_asym_id 
_struct_conn.ptnr1_label_comp_id 
_struct_conn.ptnr1_label_seq_id 
_struct_conn.ptnr1_label_atom_id 
_struct_conn.pdbx_ptnr1_label_alt_id 
_struct_conn.pdbx_ptnr1_PDB_ins_code 
_struct_conn.pdbx_ptnr1_standard_comp_id 
_struct_conn.ptnr1_symmetry 
_struct_conn.ptnr2_label_asym_id 
_struct_conn.ptnr2_label_comp_id 
_struct_conn.ptnr2_label_seq_id 
_struct_conn.ptnr2_label_atom_id 
_struct_conn.pdbx_ptnr2_label_alt_id 
_struct_conn.pdbx_ptnr2_PDB_ins_code 
_struct_conn.ptnr1_auth_asym_id 
_struct_conn.ptnr1_auth_comp_id 
_struct_conn.ptnr1_auth_seq_id 
_struct_conn.ptnr2_auth_asym_id 
_struct_conn.ptnr2_auth_comp_id 
_struct_conn.ptnr2_auth_seq_id 
_struct_conn.ptnr2_symmetry 
_struct_conn.pdbx_ptnr3_label_atom_id 
_struct_conn.pdbx_ptnr3_label_seq_id 
_struct_conn.pdbx_ptnr3_label_comp_id 
_struct_conn.pdbx_ptnr3_label_asym_id 
_struct_conn.pdbx_ptnr3_label_alt_id 
_struct_conn.pdbx_ptnr3_PDB_ins_code 
_struct_conn.details 
_struct_conn.pdbx_dist_value 
_struct_conn.pdbx_value_order 
_struct_conn.pdbx_role 
disulf1 disulf ? ? A CYS 8  SG ? ? ? 1_555 A CYS 115 SG ? ? A CYS 8  A CYS 115 1_555 ? ? ? ? ? ? ? 2.040 ? ? 
disulf2 disulf ? ? A CYS 42 SG ? ? ? 1_555 A CYS 170 SG ? ? A CYS 42 A CYS 170 1_555 ? ? ? ? ? ? ? 2.025 ? ? 
# 
_struct_conn_type.id          disulf 
_struct_conn_type.criteria    ? 
_struct_conn_type.reference   ? 
# 
loop_
_pdbx_modification_feature.ordinal 
_pdbx_modification_feature.label_comp_id 
_pdbx_modification_feature.label_asym_id 
_pdbx_modification_feature.label_seq_id 
_pdbx_modification_feature.label_alt_id 
_pdbx_modification_feature.modified_residue_label_comp_id 
_pdbx_modification_feature.modified_residue_label_asym_id 
_pdbx_modification_feature.modified_residue_label_seq_id 
_pdbx_modification_feature.modified_residue_label_alt_id 
_pdbx_modification_feature.auth_comp_id 
_pdbx_modification_feature.auth_asym_id 
_pdbx_modification_feature.auth_seq_id 
_pdbx_modification_feature.PDB_ins_code 
_pdbx_modification_feature.symmetry 
_pdbx_modification_feature.modified_residue_auth_comp_id 
_pdbx_modification_feature.modified_residue_auth_asym_id 
_pdbx_modification_feature.modified_residue_auth_seq_id 
_pdbx_modification_feature.modified_residue_PDB_ins_code 
_pdbx_modification_feature.modified_residue_symmetry 
_pdbx_modification_feature.comp_id_linking_atom 
_pdbx_modification_feature.modified_residue_id_linking_atom 
_pdbx_modification_feature.modified_residue_id 
_pdbx_modification_feature.ref_pcm_id 
_pdbx_modification_feature.ref_comp_id 
_pdbx_modification_feature.type 
_pdbx_modification_feature.category 
1 CYS A 8  ? CYS A 115 ? CYS A 8  ? 1_555 CYS A 115 ? 1_555 SG SG . . . None 'Disulfide bridge' 
2 CYS A 42 ? CYS A 170 ? CYS A 42 ? 1_555 CYS A 170 ? 1_555 SG SG . . . None 'Disulfide bridge' 
# 
_struct_mon_prot_cis.pdbx_id                1 
_struct_mon_prot_cis.label_comp_id          GLY 
_struct_mon_prot_cis.label_seq_id           92 
_struct_mon_prot_cis.label_asym_id          A 
_struct_mon_prot_cis.label_alt_id           . 
_struct_mon_prot_cis.pdbx_PDB_ins_code      ? 
_struct_mon_prot_cis.auth_comp_id           GLY 
_struct_mon_prot_cis.auth_seq_id            92 
_struct_mon_prot_cis.auth_asym_id           A 
_struct_mon_prot_cis.pdbx_label_comp_id_2   VAL 
_struct_mon_prot_cis.pdbx_label_seq_id_2    93 
_struct_mon_prot_cis.pdbx_label_asym_id_2   A 
_struct_mon_prot_cis.pdbx_PDB_ins_code_2    ? 
_struct_mon_prot_cis.pdbx_auth_comp_id_2    VAL 
_struct_mon_prot_cis.pdbx_auth_seq_id_2     93 
_struct_mon_prot_cis.pdbx_auth_asym_id_2    A 
_struct_mon_prot_cis.pdbx_PDB_model_num     1 
_struct_mon_prot_cis.pdbx_omega_angle       -8.84 
# 
_struct_sheet.id               A 
_struct_sheet.type             ? 
_struct_sheet.number_strands   12 
_struct_sheet.details          ? 
# 
loop_
_struct_sheet_order.sheet_id 
_struct_sheet_order.range_id_1 
_struct_sheet_order.range_id_2 
_struct_sheet_order.offset 
_struct_sheet_order.sense 
A 1  2  ? anti-parallel 
A 2  3  ? anti-parallel 
A 3  4  ? anti-parallel 
A 4  5  ? anti-parallel 
A 5  6  ? anti-parallel 
A 6  7  ? anti-parallel 
A 7  8  ? anti-parallel 
A 8  9  ? anti-parallel 
A 9  10 ? anti-parallel 
A 10 11 ? anti-parallel 
A 11 12 ? anti-parallel 
# 
loop_
_struct_sheet_range.sheet_id 
_struct_sheet_range.id 
_struct_sheet_range.beg_label_comp_id 
_struct_sheet_range.beg_label_asym_id 
_struct_sheet_range.beg_label_seq_id 
_struct_sheet_range.pdbx_beg_PDB_ins_code 
_struct_sheet_range.end_label_comp_id 
_struct_sheet_range.end_label_asym_id 
_struct_sheet_range.end_label_seq_id 
_struct_sheet_range.pdbx_end_PDB_ins_code 
_struct_sheet_range.beg_auth_comp_id 
_struct_sheet_range.beg_auth_asym_id 
_struct_sheet_range.beg_auth_seq_id 
_struct_sheet_range.end_auth_comp_id 
_struct_sheet_range.end_auth_asym_id 
_struct_sheet_range.end_auth_seq_id 
A 1  HIS A 4   ? ASP A 5   ? HIS A 4   ASP A 5   
A 2  GLY A 123 ? SER A 132 ? GLY A 123 SER A 132 
A 3  TYR A 109 ? SER A 116 ? TYR A 109 SER A 116 
A 4  GLN A 95  ? THR A 104 ? GLN A 95  THR A 104 
A 5  LYS A 83  ? THR A 89  ? LYS A 83  THR A 89  
A 6  LYS A 65  ? PRO A 75  ? LYS A 65  PRO A 75  
A 7  VAL A 54  ? ILE A 62  ? VAL A 54  ILE A 62  
A 8  LYS A 41  ? PRO A 49  ? LYS A 41  PRO A 49  
A 9  GLY A 24  ? ALA A 31  ? GLY A 24  ALA A 31  
A 10 GLY A 123 ? SER A 132 ? GLY A 123 SER A 132 
A 11 GLY A 24  ? ALA A 31  ? GLY A 24  ALA A 31  
A 12 VAL A 161 ? TYR A 162 ? VAL A 161 TYR A 162 
# 
loop_
_pdbx_struct_sheet_hbond.sheet_id 
_pdbx_struct_sheet_hbond.range_id_1 
_pdbx_struct_sheet_hbond.range_id_2 
_pdbx_struct_sheet_hbond.range_1_label_atom_id 
_pdbx_struct_sheet_hbond.range_1_label_comp_id 
_pdbx_struct_sheet_hbond.range_1_label_asym_id 
_pdbx_struct_sheet_hbond.range_1_label_seq_id 
_pdbx_struct_sheet_hbond.range_1_PDB_ins_code 
_pdbx_struct_sheet_hbond.range_1_auth_atom_id 
_pdbx_struct_sheet_hbond.range_1_auth_comp_id 
_pdbx_struct_sheet_hbond.range_1_auth_asym_id 
_pdbx_struct_sheet_hbond.range_1_auth_seq_id 
_pdbx_struct_sheet_hbond.range_2_label_atom_id 
_pdbx_struct_sheet_hbond.range_2_label_comp_id 
_pdbx_struct_sheet_hbond.range_2_label_asym_id 
_pdbx_struct_sheet_hbond.range_2_label_seq_id 
_pdbx_struct_sheet_hbond.range_2_PDB_ins_code 
_pdbx_struct_sheet_hbond.range_2_auth_atom_id 
_pdbx_struct_sheet_hbond.range_2_auth_comp_id 
_pdbx_struct_sheet_hbond.range_2_auth_asym_id 
_pdbx_struct_sheet_hbond.range_2_auth_seq_id 
A 1  2  N HIS A 4   ? N HIS A 4   O HIS A 124 ? O HIS A 124 
A 2  3  N LEU A 131 ? N LEU A 131 O ILE A 110 ? O ILE A 110 
A 3  4  O TYR A 113 ? O TYR A 113 N ASN A 100 ? N ASN A 100 
A 4  5  O PHE A 99  ? O PHE A 99  N ILE A 84  ? N ILE A 84  
A 5  6  N THR A 89  ? N THR A 89  O GLU A 70  ? O GLU A 70  
A 6  7  O ALA A 73  ? O ALA A 73  N VAL A 54  ? N VAL A 54  
A 7  8  N VAL A 61  ? N VAL A 61  O LYS A 41  ? O LYS A 41  
A 8  9  N TYR A 47  ? N TYR A 47  O GLY A 24  ? O GLY A 24  
A 9  10 O ALA A 30  ? O ALA A 30  N VAL A 130 ? N VAL A 130 
A 10 11 O SER A 132 ? O SER A 132 N TRP A 27  ? N TRP A 27  
A 11 12 O ALA A 31  ? O ALA A 31  N VAL A 161 ? N VAL A 161 
# 
_pdbx_entry_details.entry_id                   1KXO 
_pdbx_entry_details.compound_details           ? 
_pdbx_entry_details.source_details             ? 
_pdbx_entry_details.nonpolymer_details         ? 
_pdbx_entry_details.sequence_details           ? 
_pdbx_entry_details.has_ligand_of_interest     ? 
_pdbx_entry_details.has_protein_modification   Y 
# 
loop_
_pdbx_validate_close_contact.id 
_pdbx_validate_close_contact.PDB_model_num 
_pdbx_validate_close_contact.auth_atom_id_1 
_pdbx_validate_close_contact.auth_asym_id_1 
_pdbx_validate_close_contact.auth_comp_id_1 
_pdbx_validate_close_contact.auth_seq_id_1 
_pdbx_validate_close_contact.PDB_ins_code_1 
_pdbx_validate_close_contact.label_alt_id_1 
_pdbx_validate_close_contact.auth_atom_id_2 
_pdbx_validate_close_contact.auth_asym_id_2 
_pdbx_validate_close_contact.auth_comp_id_2 
_pdbx_validate_close_contact.auth_seq_id_2 
_pdbx_validate_close_contact.PDB_ins_code_2 
_pdbx_validate_close_contact.label_alt_id_2 
_pdbx_validate_close_contact.dist 
1 1 OE1 A GLU 46 ? ? O   A HOH 277 ? ? 1.89 
2 1 OH  A TYR 88 ? ? OE1 A GLN 95  ? ? 2.19 
# 
loop_
_pdbx_validate_rmsd_angle.id 
_pdbx_validate_rmsd_angle.PDB_model_num 
_pdbx_validate_rmsd_angle.auth_atom_id_1 
_pdbx_validate_rmsd_angle.auth_asym_id_1 
_pdbx_validate_rmsd_angle.auth_comp_id_1 
_pdbx_validate_rmsd_angle.auth_seq_id_1 
_pdbx_validate_rmsd_angle.PDB_ins_code_1 
_pdbx_validate_rmsd_angle.label_alt_id_1 
_pdbx_validate_rmsd_angle.auth_atom_id_2 
_pdbx_validate_rmsd_angle.auth_asym_id_2 
_pdbx_validate_rmsd_angle.auth_comp_id_2 
_pdbx_validate_rmsd_angle.auth_seq_id_2 
_pdbx_validate_rmsd_angle.PDB_ins_code_2 
_pdbx_validate_rmsd_angle.label_alt_id_2 
_pdbx_validate_rmsd_angle.auth_atom_id_3 
_pdbx_validate_rmsd_angle.auth_asym_id_3 
_pdbx_validate_rmsd_angle.auth_comp_id_3 
_pdbx_validate_rmsd_angle.auth_seq_id_3 
_pdbx_validate_rmsd_angle.PDB_ins_code_3 
_pdbx_validate_rmsd_angle.label_alt_id_3 
_pdbx_validate_rmsd_angle.angle_value 
_pdbx_validate_rmsd_angle.angle_target_value 
_pdbx_validate_rmsd_angle.angle_deviation 
_pdbx_validate_rmsd_angle.angle_standard_deviation 
_pdbx_validate_rmsd_angle.linker_flag 
1 1 CB A TYR 22  ? ? CG A TYR 22  ? ? CD1 A TYR 22  ? ? 124.71 121.00 3.71 0.60 N 
2 1 CB A ASP 156 ? ? CG A ASP 156 ? ? OD2 A ASP 156 ? ? 125.06 118.30 6.76 0.90 N 
# 
loop_
_pdbx_validate_torsion.id 
_pdbx_validate_torsion.PDB_model_num 
_pdbx_validate_torsion.auth_comp_id 
_pdbx_validate_torsion.auth_asym_id 
_pdbx_validate_torsion.auth_seq_id 
_pdbx_validate_torsion.PDB_ins_code 
_pdbx_validate_torsion.label_alt_id 
_pdbx_validate_torsion.phi 
_pdbx_validate_torsion.psi 
1 1 ASP A 5   ? ? -39.46  143.93 
2 1 ASN A 16  ? ? -140.17 27.59  
3 1 VAL A 93  ? ? 69.30   95.41  
4 1 LYS A 107 ? ? -160.43 -59.29 
5 1 LYS A 122 ? ? -72.86  32.29  
6 1 VAL A 154 ? ? -147.45 -24.04 
7 1 SER A 166 ? ? -72.31  -77.30 
# 
loop_
_pdbx_unobs_or_zero_occ_residues.id 
_pdbx_unobs_or_zero_occ_residues.PDB_model_num 
_pdbx_unobs_or_zero_occ_residues.polymer_flag 
_pdbx_unobs_or_zero_occ_residues.occupancy_flag 
_pdbx_unobs_or_zero_occ_residues.auth_asym_id 
_pdbx_unobs_or_zero_occ_residues.auth_comp_id 
_pdbx_unobs_or_zero_occ_residues.auth_seq_id 
_pdbx_unobs_or_zero_occ_residues.PDB_ins_code 
_pdbx_unobs_or_zero_occ_residues.label_asym_id 
_pdbx_unobs_or_zero_occ_residues.label_comp_id 
_pdbx_unobs_or_zero_occ_residues.label_seq_id 
1  1 Y 1 A ILE 90  ? A ILE 90  
2  1 Y 1 A GLY 91  ? A GLY 91  
3  1 Y 1 A ASP 118 ? A ASP 118 
4  1 Y 1 A GLU 119 ? A GLU 119 
5  1 Y 1 A ALA 168 ? A ALA 168 
6  1 Y 1 A ALA 169 ? A ALA 169 
7  1 Y 1 A VAL 172 ? A VAL 172 
8  1 Y 1 A ASN 173 ? A ASN 173 
9  1 Y 1 A ASN 174 ? A ASN 174 
10 1 Y 1 A SER 175 ? A SER 175 
11 1 Y 1 A ASN 176 ? A ASN 176 
12 1 Y 1 A TRP 177 ? A TRP 177 
13 1 Y 1 A SER 178 ? A SER 178 
14 1 Y 1 A HIS 179 ? A HIS 179 
15 1 Y 1 A PRO 180 ? A PRO 180 
16 1 Y 1 A GLN 181 ? A GLN 181 
17 1 Y 1 A PHE 182 ? A PHE 182 
18 1 Y 1 A GLU 183 ? A GLU 183 
19 1 Y 1 A LYS 184 ? A LYS 184 
# 
loop_
_chem_comp_atom.comp_id 
_chem_comp_atom.atom_id 
_chem_comp_atom.type_symbol 
_chem_comp_atom.pdbx_aromatic_flag 
_chem_comp_atom.pdbx_stereo_config 
_chem_comp_atom.pdbx_ordinal 
ALA N    N N N 1   
ALA CA   C N S 2   
ALA C    C N N 3   
ALA O    O N N 4   
ALA CB   C N N 5   
ALA OXT  O N N 6   
ALA H    H N N 7   
ALA H2   H N N 8   
ALA HA   H N N 9   
ALA HB1  H N N 10  
ALA HB2  H N N 11  
ALA HB3  H N N 12  
ALA HXT  H N N 13  
ARG N    N N N 14  
ARG CA   C N S 15  
ARG C    C N N 16  
ARG O    O N N 17  
ARG CB   C N N 18  
ARG CG   C N N 19  
ARG CD   C N N 20  
ARG NE   N N N 21  
ARG CZ   C N N 22  
ARG NH1  N N N 23  
ARG NH2  N N N 24  
ARG OXT  O N N 25  
ARG H    H N N 26  
ARG H2   H N N 27  
ARG HA   H N N 28  
ARG HB2  H N N 29  
ARG HB3  H N N 30  
ARG HG2  H N N 31  
ARG HG3  H N N 32  
ARG HD2  H N N 33  
ARG HD3  H N N 34  
ARG HE   H N N 35  
ARG HH11 H N N 36  
ARG HH12 H N N 37  
ARG HH21 H N N 38  
ARG HH22 H N N 39  
ARG HXT  H N N 40  
ASN N    N N N 41  
ASN CA   C N S 42  
ASN C    C N N 43  
ASN O    O N N 44  
ASN CB   C N N 45  
ASN CG   C N N 46  
ASN OD1  O N N 47  
ASN ND2  N N N 48  
ASN OXT  O N N 49  
ASN H    H N N 50  
ASN H2   H N N 51  
ASN HA   H N N 52  
ASN HB2  H N N 53  
ASN HB3  H N N 54  
ASN HD21 H N N 55  
ASN HD22 H N N 56  
ASN HXT  H N N 57  
ASP N    N N N 58  
ASP CA   C N S 59  
ASP C    C N N 60  
ASP O    O N N 61  
ASP CB   C N N 62  
ASP CG   C N N 63  
ASP OD1  O N N 64  
ASP OD2  O N N 65  
ASP OXT  O N N 66  
ASP H    H N N 67  
ASP H2   H N N 68  
ASP HA   H N N 69  
ASP HB2  H N N 70  
ASP HB3  H N N 71  
ASP HD2  H N N 72  
ASP HXT  H N N 73  
CYS N    N N N 74  
CYS CA   C N R 75  
CYS C    C N N 76  
CYS O    O N N 77  
CYS CB   C N N 78  
CYS SG   S N N 79  
CYS OXT  O N N 80  
CYS H    H N N 81  
CYS H2   H N N 82  
CYS HA   H N N 83  
CYS HB2  H N N 84  
CYS HB3  H N N 85  
CYS HG   H N N 86  
CYS HXT  H N N 87  
GLN N    N N N 88  
GLN CA   C N S 89  
GLN C    C N N 90  
GLN O    O N N 91  
GLN CB   C N N 92  
GLN CG   C N N 93  
GLN CD   C N N 94  
GLN OE1  O N N 95  
GLN NE2  N N N 96  
GLN OXT  O N N 97  
GLN H    H N N 98  
GLN H2   H N N 99  
GLN HA   H N N 100 
GLN HB2  H N N 101 
GLN HB3  H N N 102 
GLN HG2  H N N 103 
GLN HG3  H N N 104 
GLN HE21 H N N 105 
GLN HE22 H N N 106 
GLN HXT  H N N 107 
GLU N    N N N 108 
GLU CA   C N S 109 
GLU C    C N N 110 
GLU O    O N N 111 
GLU CB   C N N 112 
GLU CG   C N N 113 
GLU CD   C N N 114 
GLU OE1  O N N 115 
GLU OE2  O N N 116 
GLU OXT  O N N 117 
GLU H    H N N 118 
GLU H2   H N N 119 
GLU HA   H N N 120 
GLU HB2  H N N 121 
GLU HB3  H N N 122 
GLU HG2  H N N 123 
GLU HG3  H N N 124 
GLU HE2  H N N 125 
GLU HXT  H N N 126 
GLY N    N N N 127 
GLY CA   C N N 128 
GLY C    C N N 129 
GLY O    O N N 130 
GLY OXT  O N N 131 
GLY H    H N N 132 
GLY H2   H N N 133 
GLY HA2  H N N 134 
GLY HA3  H N N 135 
GLY HXT  H N N 136 
HIS N    N N N 137 
HIS CA   C N S 138 
HIS C    C N N 139 
HIS O    O N N 140 
HIS CB   C N N 141 
HIS CG   C Y N 142 
HIS ND1  N Y N 143 
HIS CD2  C Y N 144 
HIS CE1  C Y N 145 
HIS NE2  N Y N 146 
HIS OXT  O N N 147 
HIS H    H N N 148 
HIS H2   H N N 149 
HIS HA   H N N 150 
HIS HB2  H N N 151 
HIS HB3  H N N 152 
HIS HD1  H N N 153 
HIS HD2  H N N 154 
HIS HE1  H N N 155 
HIS HE2  H N N 156 
HIS HXT  H N N 157 
HOH O    O N N 158 
HOH H1   H N N 159 
HOH H2   H N N 160 
ILE N    N N N 161 
ILE CA   C N S 162 
ILE C    C N N 163 
ILE O    O N N 164 
ILE CB   C N S 165 
ILE CG1  C N N 166 
ILE CG2  C N N 167 
ILE CD1  C N N 168 
ILE OXT  O N N 169 
ILE H    H N N 170 
ILE H2   H N N 171 
ILE HA   H N N 172 
ILE HB   H N N 173 
ILE HG12 H N N 174 
ILE HG13 H N N 175 
ILE HG21 H N N 176 
ILE HG22 H N N 177 
ILE HG23 H N N 178 
ILE HD11 H N N 179 
ILE HD12 H N N 180 
ILE HD13 H N N 181 
ILE HXT  H N N 182 
LEU N    N N N 183 
LEU CA   C N S 184 
LEU C    C N N 185 
LEU O    O N N 186 
LEU CB   C N N 187 
LEU CG   C N N 188 
LEU CD1  C N N 189 
LEU CD2  C N N 190 
LEU OXT  O N N 191 
LEU H    H N N 192 
LEU H2   H N N 193 
LEU HA   H N N 194 
LEU HB2  H N N 195 
LEU HB3  H N N 196 
LEU HG   H N N 197 
LEU HD11 H N N 198 
LEU HD12 H N N 199 
LEU HD13 H N N 200 
LEU HD21 H N N 201 
LEU HD22 H N N 202 
LEU HD23 H N N 203 
LEU HXT  H N N 204 
LYS N    N N N 205 
LYS CA   C N S 206 
LYS C    C N N 207 
LYS O    O N N 208 
LYS CB   C N N 209 
LYS CG   C N N 210 
LYS CD   C N N 211 
LYS CE   C N N 212 
LYS NZ   N N N 213 
LYS OXT  O N N 214 
LYS H    H N N 215 
LYS H2   H N N 216 
LYS HA   H N N 217 
LYS HB2  H N N 218 
LYS HB3  H N N 219 
LYS HG2  H N N 220 
LYS HG3  H N N 221 
LYS HD2  H N N 222 
LYS HD3  H N N 223 
LYS HE2  H N N 224 
LYS HE3  H N N 225 
LYS HZ1  H N N 226 
LYS HZ2  H N N 227 
LYS HZ3  H N N 228 
LYS HXT  H N N 229 
MET N    N N N 230 
MET CA   C N S 231 
MET C    C N N 232 
MET O    O N N 233 
MET CB   C N N 234 
MET CG   C N N 235 
MET SD   S N N 236 
MET CE   C N N 237 
MET OXT  O N N 238 
MET H    H N N 239 
MET H2   H N N 240 
MET HA   H N N 241 
MET HB2  H N N 242 
MET HB3  H N N 243 
MET HG2  H N N 244 
MET HG3  H N N 245 
MET HE1  H N N 246 
MET HE2  H N N 247 
MET HE3  H N N 248 
MET HXT  H N N 249 
PHE N    N N N 250 
PHE CA   C N S 251 
PHE C    C N N 252 
PHE O    O N N 253 
PHE CB   C N N 254 
PHE CG   C Y N 255 
PHE CD1  C Y N 256 
PHE CD2  C Y N 257 
PHE CE1  C Y N 258 
PHE CE2  C Y N 259 
PHE CZ   C Y N 260 
PHE OXT  O N N 261 
PHE H    H N N 262 
PHE H2   H N N 263 
PHE HA   H N N 264 
PHE HB2  H N N 265 
PHE HB3  H N N 266 
PHE HD1  H N N 267 
PHE HD2  H N N 268 
PHE HE1  H N N 269 
PHE HE2  H N N 270 
PHE HZ   H N N 271 
PHE HXT  H N N 272 
PRO N    N N N 273 
PRO CA   C N S 274 
PRO C    C N N 275 
PRO O    O N N 276 
PRO CB   C N N 277 
PRO CG   C N N 278 
PRO CD   C N N 279 
PRO OXT  O N N 280 
PRO H    H N N 281 
PRO HA   H N N 282 
PRO HB2  H N N 283 
PRO HB3  H N N 284 
PRO HG2  H N N 285 
PRO HG3  H N N 286 
PRO HD2  H N N 287 
PRO HD3  H N N 288 
PRO HXT  H N N 289 
SER N    N N N 290 
SER CA   C N S 291 
SER C    C N N 292 
SER O    O N N 293 
SER CB   C N N 294 
SER OG   O N N 295 
SER OXT  O N N 296 
SER H    H N N 297 
SER H2   H N N 298 
SER HA   H N N 299 
SER HB2  H N N 300 
SER HB3  H N N 301 
SER HG   H N N 302 
SER HXT  H N N 303 
THR N    N N N 304 
THR CA   C N S 305 
THR C    C N N 306 
THR O    O N N 307 
THR CB   C N R 308 
THR OG1  O N N 309 
THR CG2  C N N 310 
THR OXT  O N N 311 
THR H    H N N 312 
THR H2   H N N 313 
THR HA   H N N 314 
THR HB   H N N 315 
THR HG1  H N N 316 
THR HG21 H N N 317 
THR HG22 H N N 318 
THR HG23 H N N 319 
THR HXT  H N N 320 
TRP N    N N N 321 
TRP CA   C N S 322 
TRP C    C N N 323 
TRP O    O N N 324 
TRP CB   C N N 325 
TRP CG   C Y N 326 
TRP CD1  C Y N 327 
TRP CD2  C Y N 328 
TRP NE1  N Y N 329 
TRP CE2  C Y N 330 
TRP CE3  C Y N 331 
TRP CZ2  C Y N 332 
TRP CZ3  C Y N 333 
TRP CH2  C Y N 334 
TRP OXT  O N N 335 
TRP H    H N N 336 
TRP H2   H N N 337 
TRP HA   H N N 338 
TRP HB2  H N N 339 
TRP HB3  H N N 340 
TRP HD1  H N N 341 
TRP HE1  H N N 342 
TRP HE3  H N N 343 
TRP HZ2  H N N 344 
TRP HZ3  H N N 345 
TRP HH2  H N N 346 
TRP HXT  H N N 347 
TYR N    N N N 348 
TYR CA   C N S 349 
TYR C    C N N 350 
TYR O    O N N 351 
TYR CB   C N N 352 
TYR CG   C Y N 353 
TYR CD1  C Y N 354 
TYR CD2  C Y N 355 
TYR CE1  C Y N 356 
TYR CE2  C Y N 357 
TYR CZ   C Y N 358 
TYR OH   O N N 359 
TYR OXT  O N N 360 
TYR H    H N N 361 
TYR H2   H N N 362 
TYR HA   H N N 363 
TYR HB2  H N N 364 
TYR HB3  H N N 365 
TYR HD1  H N N 366 
TYR HD2  H N N 367 
TYR HE1  H N N 368 
TYR HE2  H N N 369 
TYR HH   H N N 370 
TYR HXT  H N N 371 
VAL N    N N N 372 
VAL CA   C N S 373 
VAL C    C N N 374 
VAL O    O N N 375 
VAL CB   C N N 376 
VAL CG1  C N N 377 
VAL CG2  C N N 378 
VAL OXT  O N N 379 
VAL H    H N N 380 
VAL H2   H N N 381 
VAL HA   H N N 382 
VAL HB   H N N 383 
VAL HG11 H N N 384 
VAL HG12 H N N 385 
VAL HG13 H N N 386 
VAL HG21 H N N 387 
VAL HG22 H N N 388 
VAL HG23 H N N 389 
VAL HXT  H N N 390 
# 
loop_
_chem_comp_bond.comp_id 
_chem_comp_bond.atom_id_1 
_chem_comp_bond.atom_id_2 
_chem_comp_bond.value_order 
_chem_comp_bond.pdbx_aromatic_flag 
_chem_comp_bond.pdbx_stereo_config 
_chem_comp_bond.pdbx_ordinal 
ALA N   CA   sing N N 1   
ALA N   H    sing N N 2   
ALA N   H2   sing N N 3   
ALA CA  C    sing N N 4   
ALA CA  CB   sing N N 5   
ALA CA  HA   sing N N 6   
ALA C   O    doub N N 7   
ALA C   OXT  sing N N 8   
ALA CB  HB1  sing N N 9   
ALA CB  HB2  sing N N 10  
ALA CB  HB3  sing N N 11  
ALA OXT HXT  sing N N 12  
ARG N   CA   sing N N 13  
ARG N   H    sing N N 14  
ARG N   H2   sing N N 15  
ARG CA  C    sing N N 16  
ARG CA  CB   sing N N 17  
ARG CA  HA   sing N N 18  
ARG C   O    doub N N 19  
ARG C   OXT  sing N N 20  
ARG CB  CG   sing N N 21  
ARG CB  HB2  sing N N 22  
ARG CB  HB3  sing N N 23  
ARG CG  CD   sing N N 24  
ARG CG  HG2  sing N N 25  
ARG CG  HG3  sing N N 26  
ARG CD  NE   sing N N 27  
ARG CD  HD2  sing N N 28  
ARG CD  HD3  sing N N 29  
ARG NE  CZ   sing N N 30  
ARG NE  HE   sing N N 31  
ARG CZ  NH1  sing N N 32  
ARG CZ  NH2  doub N N 33  
ARG NH1 HH11 sing N N 34  
ARG NH1 HH12 sing N N 35  
ARG NH2 HH21 sing N N 36  
ARG NH2 HH22 sing N N 37  
ARG OXT HXT  sing N N 38  
ASN N   CA   sing N N 39  
ASN N   H    sing N N 40  
ASN N   H2   sing N N 41  
ASN CA  C    sing N N 42  
ASN CA  CB   sing N N 43  
ASN CA  HA   sing N N 44  
ASN C   O    doub N N 45  
ASN C   OXT  sing N N 46  
ASN CB  CG   sing N N 47  
ASN CB  HB2  sing N N 48  
ASN CB  HB3  sing N N 49  
ASN CG  OD1  doub N N 50  
ASN CG  ND2  sing N N 51  
ASN ND2 HD21 sing N N 52  
ASN ND2 HD22 sing N N 53  
ASN OXT HXT  sing N N 54  
ASP N   CA   sing N N 55  
ASP N   H    sing N N 56  
ASP N   H2   sing N N 57  
ASP CA  C    sing N N 58  
ASP CA  CB   sing N N 59  
ASP CA  HA   sing N N 60  
ASP C   O    doub N N 61  
ASP C   OXT  sing N N 62  
ASP CB  CG   sing N N 63  
ASP CB  HB2  sing N N 64  
ASP CB  HB3  sing N N 65  
ASP CG  OD1  doub N N 66  
ASP CG  OD2  sing N N 67  
ASP OD2 HD2  sing N N 68  
ASP OXT HXT  sing N N 69  
CYS N   CA   sing N N 70  
CYS N   H    sing N N 71  
CYS N   H2   sing N N 72  
CYS CA  C    sing N N 73  
CYS CA  CB   sing N N 74  
CYS CA  HA   sing N N 75  
CYS C   O    doub N N 76  
CYS C   OXT  sing N N 77  
CYS CB  SG   sing N N 78  
CYS CB  HB2  sing N N 79  
CYS CB  HB3  sing N N 80  
CYS SG  HG   sing N N 81  
CYS OXT HXT  sing N N 82  
GLN N   CA   sing N N 83  
GLN N   H    sing N N 84  
GLN N   H2   sing N N 85  
GLN CA  C    sing N N 86  
GLN CA  CB   sing N N 87  
GLN CA  HA   sing N N 88  
GLN C   O    doub N N 89  
GLN C   OXT  sing N N 90  
GLN CB  CG   sing N N 91  
GLN CB  HB2  sing N N 92  
GLN CB  HB3  sing N N 93  
GLN CG  CD   sing N N 94  
GLN CG  HG2  sing N N 95  
GLN CG  HG3  sing N N 96  
GLN CD  OE1  doub N N 97  
GLN CD  NE2  sing N N 98  
GLN NE2 HE21 sing N N 99  
GLN NE2 HE22 sing N N 100 
GLN OXT HXT  sing N N 101 
GLU N   CA   sing N N 102 
GLU N   H    sing N N 103 
GLU N   H2   sing N N 104 
GLU CA  C    sing N N 105 
GLU CA  CB   sing N N 106 
GLU CA  HA   sing N N 107 
GLU C   O    doub N N 108 
GLU C   OXT  sing N N 109 
GLU CB  CG   sing N N 110 
GLU CB  HB2  sing N N 111 
GLU CB  HB3  sing N N 112 
GLU CG  CD   sing N N 113 
GLU CG  HG2  sing N N 114 
GLU CG  HG3  sing N N 115 
GLU CD  OE1  doub N N 116 
GLU CD  OE2  sing N N 117 
GLU OE2 HE2  sing N N 118 
GLU OXT HXT  sing N N 119 
GLY N   CA   sing N N 120 
GLY N   H    sing N N 121 
GLY N   H2   sing N N 122 
GLY CA  C    sing N N 123 
GLY CA  HA2  sing N N 124 
GLY CA  HA3  sing N N 125 
GLY C   O    doub N N 126 
GLY C   OXT  sing N N 127 
GLY OXT HXT  sing N N 128 
HIS N   CA   sing N N 129 
HIS N   H    sing N N 130 
HIS N   H2   sing N N 131 
HIS CA  C    sing N N 132 
HIS CA  CB   sing N N 133 
HIS CA  HA   sing N N 134 
HIS C   O    doub N N 135 
HIS C   OXT  sing N N 136 
HIS CB  CG   sing N N 137 
HIS CB  HB2  sing N N 138 
HIS CB  HB3  sing N N 139 
HIS CG  ND1  sing Y N 140 
HIS CG  CD2  doub Y N 141 
HIS ND1 CE1  doub Y N 142 
HIS ND1 HD1  sing N N 143 
HIS CD2 NE2  sing Y N 144 
HIS CD2 HD2  sing N N 145 
HIS CE1 NE2  sing Y N 146 
HIS CE1 HE1  sing N N 147 
HIS NE2 HE2  sing N N 148 
HIS OXT HXT  sing N N 149 
HOH O   H1   sing N N 150 
HOH O   H2   sing N N 151 
ILE N   CA   sing N N 152 
ILE N   H    sing N N 153 
ILE N   H2   sing N N 154 
ILE CA  C    sing N N 155 
ILE CA  CB   sing N N 156 
ILE CA  HA   sing N N 157 
ILE C   O    doub N N 158 
ILE C   OXT  sing N N 159 
ILE CB  CG1  sing N N 160 
ILE CB  CG2  sing N N 161 
ILE CB  HB   sing N N 162 
ILE CG1 CD1  sing N N 163 
ILE CG1 HG12 sing N N 164 
ILE CG1 HG13 sing N N 165 
ILE CG2 HG21 sing N N 166 
ILE CG2 HG22 sing N N 167 
ILE CG2 HG23 sing N N 168 
ILE CD1 HD11 sing N N 169 
ILE CD1 HD12 sing N N 170 
ILE CD1 HD13 sing N N 171 
ILE OXT HXT  sing N N 172 
LEU N   CA   sing N N 173 
LEU N   H    sing N N 174 
LEU N   H2   sing N N 175 
LEU CA  C    sing N N 176 
LEU CA  CB   sing N N 177 
LEU CA  HA   sing N N 178 
LEU C   O    doub N N 179 
LEU C   OXT  sing N N 180 
LEU CB  CG   sing N N 181 
LEU CB  HB2  sing N N 182 
LEU CB  HB3  sing N N 183 
LEU CG  CD1  sing N N 184 
LEU CG  CD2  sing N N 185 
LEU CG  HG   sing N N 186 
LEU CD1 HD11 sing N N 187 
LEU CD1 HD12 sing N N 188 
LEU CD1 HD13 sing N N 189 
LEU CD2 HD21 sing N N 190 
LEU CD2 HD22 sing N N 191 
LEU CD2 HD23 sing N N 192 
LEU OXT HXT  sing N N 193 
LYS N   CA   sing N N 194 
LYS N   H    sing N N 195 
LYS N   H2   sing N N 196 
LYS CA  C    sing N N 197 
LYS CA  CB   sing N N 198 
LYS CA  HA   sing N N 199 
LYS C   O    doub N N 200 
LYS C   OXT  sing N N 201 
LYS CB  CG   sing N N 202 
LYS CB  HB2  sing N N 203 
LYS CB  HB3  sing N N 204 
LYS CG  CD   sing N N 205 
LYS CG  HG2  sing N N 206 
LYS CG  HG3  sing N N 207 
LYS CD  CE   sing N N 208 
LYS CD  HD2  sing N N 209 
LYS CD  HD3  sing N N 210 
LYS CE  NZ   sing N N 211 
LYS CE  HE2  sing N N 212 
LYS CE  HE3  sing N N 213 
LYS NZ  HZ1  sing N N 214 
LYS NZ  HZ2  sing N N 215 
LYS NZ  HZ3  sing N N 216 
LYS OXT HXT  sing N N 217 
MET N   CA   sing N N 218 
MET N   H    sing N N 219 
MET N   H2   sing N N 220 
MET CA  C    sing N N 221 
MET CA  CB   sing N N 222 
MET CA  HA   sing N N 223 
MET C   O    doub N N 224 
MET C   OXT  sing N N 225 
MET CB  CG   sing N N 226 
MET CB  HB2  sing N N 227 
MET CB  HB3  sing N N 228 
MET CG  SD   sing N N 229 
MET CG  HG2  sing N N 230 
MET CG  HG3  sing N N 231 
MET SD  CE   sing N N 232 
MET CE  HE1  sing N N 233 
MET CE  HE2  sing N N 234 
MET CE  HE3  sing N N 235 
MET OXT HXT  sing N N 236 
PHE N   CA   sing N N 237 
PHE N   H    sing N N 238 
PHE N   H2   sing N N 239 
PHE CA  C    sing N N 240 
PHE CA  CB   sing N N 241 
PHE CA  HA   sing N N 242 
PHE C   O    doub N N 243 
PHE C   OXT  sing N N 244 
PHE CB  CG   sing N N 245 
PHE CB  HB2  sing N N 246 
PHE CB  HB3  sing N N 247 
PHE CG  CD1  doub Y N 248 
PHE CG  CD2  sing Y N 249 
PHE CD1 CE1  sing Y N 250 
PHE CD1 HD1  sing N N 251 
PHE CD2 CE2  doub Y N 252 
PHE CD2 HD2  sing N N 253 
PHE CE1 CZ   doub Y N 254 
PHE CE1 HE1  sing N N 255 
PHE CE2 CZ   sing Y N 256 
PHE CE2 HE2  sing N N 257 
PHE CZ  HZ   sing N N 258 
PHE OXT HXT  sing N N 259 
PRO N   CA   sing N N 260 
PRO N   CD   sing N N 261 
PRO N   H    sing N N 262 
PRO CA  C    sing N N 263 
PRO CA  CB   sing N N 264 
PRO CA  HA   sing N N 265 
PRO C   O    doub N N 266 
PRO C   OXT  sing N N 267 
PRO CB  CG   sing N N 268 
PRO CB  HB2  sing N N 269 
PRO CB  HB3  sing N N 270 
PRO CG  CD   sing N N 271 
PRO CG  HG2  sing N N 272 
PRO CG  HG3  sing N N 273 
PRO CD  HD2  sing N N 274 
PRO CD  HD3  sing N N 275 
PRO OXT HXT  sing N N 276 
SER N   CA   sing N N 277 
SER N   H    sing N N 278 
SER N   H2   sing N N 279 
SER CA  C    sing N N 280 
SER CA  CB   sing N N 281 
SER CA  HA   sing N N 282 
SER C   O    doub N N 283 
SER C   OXT  sing N N 284 
SER CB  OG   sing N N 285 
SER CB  HB2  sing N N 286 
SER CB  HB3  sing N N 287 
SER OG  HG   sing N N 288 
SER OXT HXT  sing N N 289 
THR N   CA   sing N N 290 
THR N   H    sing N N 291 
THR N   H2   sing N N 292 
THR CA  C    sing N N 293 
THR CA  CB   sing N N 294 
THR CA  HA   sing N N 295 
THR C   O    doub N N 296 
THR C   OXT  sing N N 297 
THR CB  OG1  sing N N 298 
THR CB  CG2  sing N N 299 
THR CB  HB   sing N N 300 
THR OG1 HG1  sing N N 301 
THR CG2 HG21 sing N N 302 
THR CG2 HG22 sing N N 303 
THR CG2 HG23 sing N N 304 
THR OXT HXT  sing N N 305 
TRP N   CA   sing N N 306 
TRP N   H    sing N N 307 
TRP N   H2   sing N N 308 
TRP CA  C    sing N N 309 
TRP CA  CB   sing N N 310 
TRP CA  HA   sing N N 311 
TRP C   O    doub N N 312 
TRP C   OXT  sing N N 313 
TRP CB  CG   sing N N 314 
TRP CB  HB2  sing N N 315 
TRP CB  HB3  sing N N 316 
TRP CG  CD1  doub Y N 317 
TRP CG  CD2  sing Y N 318 
TRP CD1 NE1  sing Y N 319 
TRP CD1 HD1  sing N N 320 
TRP CD2 CE2  doub Y N 321 
TRP CD2 CE3  sing Y N 322 
TRP NE1 CE2  sing Y N 323 
TRP NE1 HE1  sing N N 324 
TRP CE2 CZ2  sing Y N 325 
TRP CE3 CZ3  doub Y N 326 
TRP CE3 HE3  sing N N 327 
TRP CZ2 CH2  doub Y N 328 
TRP CZ2 HZ2  sing N N 329 
TRP CZ3 CH2  sing Y N 330 
TRP CZ3 HZ3  sing N N 331 
TRP CH2 HH2  sing N N 332 
TRP OXT HXT  sing N N 333 
TYR N   CA   sing N N 334 
TYR N   H    sing N N 335 
TYR N   H2   sing N N 336 
TYR CA  C    sing N N 337 
TYR CA  CB   sing N N 338 
TYR CA  HA   sing N N 339 
TYR C   O    doub N N 340 
TYR C   OXT  sing N N 341 
TYR CB  CG   sing N N 342 
TYR CB  HB2  sing N N 343 
TYR CB  HB3  sing N N 344 
TYR CG  CD1  doub Y N 345 
TYR CG  CD2  sing Y N 346 
TYR CD1 CE1  sing Y N 347 
TYR CD1 HD1  sing N N 348 
TYR CD2 CE2  doub Y N 349 
TYR CD2 HD2  sing N N 350 
TYR CE1 CZ   doub Y N 351 
TYR CE1 HE1  sing N N 352 
TYR CE2 CZ   sing Y N 353 
TYR CE2 HE2  sing N N 354 
TYR CZ  OH   sing N N 355 
TYR OH  HH   sing N N 356 
TYR OXT HXT  sing N N 357 
VAL N   CA   sing N N 358 
VAL N   H    sing N N 359 
VAL N   H2   sing N N 360 
VAL CA  C    sing N N 361 
VAL CA  CB   sing N N 362 
VAL CA  HA   sing N N 363 
VAL C   O    doub N N 364 
VAL C   OXT  sing N N 365 
VAL CB  CG1  sing N N 366 
VAL CB  CG2  sing N N 367 
VAL CB  HB   sing N N 368 
VAL CG1 HG11 sing N N 369 
VAL CG1 HG12 sing N N 370 
VAL CG1 HG13 sing N N 371 
VAL CG2 HG21 sing N N 372 
VAL CG2 HG22 sing N N 373 
VAL CG2 HG23 sing N N 374 
VAL OXT HXT  sing N N 375 
# 
_pdbx_initial_refinement_model.accession_code   ? 
_pdbx_initial_refinement_model.id               1 
_pdbx_initial_refinement_model.entity_id_list   ? 
_pdbx_initial_refinement_model.type             'experimental model' 
_pdbx_initial_refinement_model.source_name      Other 
_pdbx_initial_refinement_model.details          'The structure of diga16 in presence of  digoxigenin' 
# 
_atom_sites.entry_id                    1KXO 
_atom_sites.fract_transf_matrix[1][1]   -0.00432033 
_atom_sites.fract_transf_matrix[1][2]   -0.00029867 
_atom_sites.fract_transf_matrix[1][3]   -0.01283446 
_atom_sites.fract_transf_matrix[2][1]   0.01228255 
_atom_sites.fract_transf_matrix[2][2]   -0.00905154 
_atom_sites.fract_transf_matrix[2][3]   -0.00392391 
_atom_sites.fract_transf_matrix[3][1]   -0.01440489 
_atom_sites.fract_transf_matrix[3][2]   -0.02144307 
_atom_sites.fract_transf_matrix[3][3]   0.00437423 
_atom_sites.fract_transf_vector[1]      0.194739 
_atom_sites.fract_transf_vector[2]      -0.373397 
_atom_sites.fract_transf_vector[3]      1.080455 
# 
loop_
_atom_type.symbol 
C 
N 
O 
S 
# 
loop_
_atom_site.group_PDB 
_atom_site.id 
_atom_site.type_symbol 
_atom_site.label_atom_id 
_atom_site.label_alt_id 
_atom_site.label_comp_id 
_atom_site.label_asym_id 
_atom_site.label_entity_id 
_atom_site.label_seq_id 
_atom_site.pdbx_PDB_ins_code 
_atom_site.Cartn_x 
_atom_site.Cartn_y 
_atom_site.Cartn_z 
_atom_site.occupancy 
_atom_site.B_iso_or_equiv 
_atom_site.pdbx_formal_charge 
_atom_site.auth_seq_id 
_atom_site.auth_comp_id 
_atom_site.auth_asym_id 
_atom_site.auth_atom_id 
_atom_site.pdbx_PDB_model_num 
ATOM   1    N N   . ASP A 1 1   ? -11.992 10.743  7.930   1.00 41.23 ? 1   ASP A N   1 
ATOM   2    C CA  . ASP A 1 1   ? -11.286 9.565   8.522   1.00 46.64 ? 1   ASP A CA  1 
ATOM   3    C C   . ASP A 1 1   ? -12.358 8.666   9.126   1.00 46.79 ? 1   ASP A C   1 
ATOM   4    O O   . ASP A 1 1   ? -13.110 9.068   10.006  1.00 40.42 ? 1   ASP A O   1 
ATOM   5    C CB  . ASP A 1 1   ? -10.259 10.042  9.550   1.00 51.54 ? 1   ASP A CB  1 
ATOM   6    C CG  . ASP A 1 1   ? -9.197  10.937  8.932   1.00 47.55 ? 1   ASP A CG  1 
ATOM   7    O OD1 . ASP A 1 1   ? -8.266  11.370  9.646   1.00 66.51 ? 1   ASP A OD1 1 
ATOM   8    O OD2 . ASP A 1 1   ? -9.208  11.265  7.725   1.00 55.36 ? 1   ASP A OD2 1 
ATOM   9    N N   . VAL A 1 2   ? -12.460 7.444   8.635   1.00 39.34 ? 2   VAL A N   1 
ATOM   10   C CA  . VAL A 1 2   ? -13.488 6.507   9.093   1.00 38.02 ? 2   VAL A CA  1 
ATOM   11   C C   . VAL A 1 2   ? -13.106 5.528   10.215  1.00 45.13 ? 2   VAL A C   1 
ATOM   12   O O   . VAL A 1 2   ? -12.232 4.651   10.034  1.00 40.60 ? 2   VAL A O   1 
ATOM   13   C CB  . VAL A 1 2   ? -13.863 5.636   7.876   1.00 39.03 ? 2   VAL A CB  1 
ATOM   14   C CG1 . VAL A 1 2   ? -14.939 4.665   8.225   1.00 35.15 ? 2   VAL A CG1 1 
ATOM   15   C CG2 . VAL A 1 2   ? -14.327 6.522   6.716   1.00 41.91 ? 2   VAL A CG2 1 
ATOM   16   N N   . TYR A 1 3   ? -13.767 5.637   11.367  1.00 33.43 ? 3   TYR A N   1 
ATOM   17   C CA  . TYR A 1 3   ? -13.485 4.704   12.484  1.00 42.25 ? 3   TYR A CA  1 
ATOM   18   C C   . TYR A 1 3   ? -14.427 3.521   12.820  1.00 47.24 ? 3   TYR A C   1 
ATOM   19   O O   . TYR A 1 3   ? -15.656 3.663   12.828  1.00 58.97 ? 3   TYR A O   1 
ATOM   20   C CB  . TYR A 1 3   ? -13.268 5.540   13.734  1.00 44.76 ? 3   TYR A CB  1 
ATOM   21   C CG  . TYR A 1 3   ? -11.926 6.216   13.718  1.00 37.05 ? 3   TYR A CG  1 
ATOM   22   C CD1 . TYR A 1 3   ? -10.856 5.642   14.406  1.00 40.82 ? 3   TYR A CD1 1 
ATOM   23   C CD2 . TYR A 1 3   ? -11.707 7.411   13.045  1.00 41.83 ? 3   TYR A CD2 1 
ATOM   24   C CE1 . TYR A 1 3   ? -9.621  6.235   14.429  1.00 36.76 ? 3   TYR A CE1 1 
ATOM   25   C CE2 . TYR A 1 3   ? -10.438 8.019   13.052  1.00 32.42 ? 3   TYR A CE2 1 
ATOM   26   C CZ  . TYR A 1 3   ? -9.410  7.402   13.735  1.00 28.17 ? 3   TYR A CZ  1 
ATOM   27   O OH  . TYR A 1 3   ? -8.136  7.882   13.824  1.00 31.79 ? 3   TYR A OH  1 
ATOM   28   N N   . HIS A 1 4   ? -13.866 2.356   13.130  1.00 37.08 ? 4   HIS A N   1 
ATOM   29   C CA  . HIS A 1 4   ? -14.662 1.140   13.335  1.00 47.63 ? 4   HIS A CA  1 
ATOM   30   C C   . HIS A 1 4   ? -14.487 0.604   14.738  1.00 57.21 ? 4   HIS A C   1 
ATOM   31   O O   . HIS A 1 4   ? -13.428 0.082   15.069  1.00 64.50 ? 4   HIS A O   1 
ATOM   32   C CB  . HIS A 1 4   ? -14.235 0.033   12.380  1.00 57.61 ? 4   HIS A CB  1 
ATOM   33   C CG  . HIS A 1 4   ? -14.519 0.346   10.948  1.00 69.64 ? 4   HIS A CG  1 
ATOM   34   N ND1 . HIS A 1 4   ? -13.813 1.299   10.250  1.00 73.53 ? 4   HIS A ND1 1 
ATOM   35   C CD2 . HIS A 1 4   ? -15.433 -0.158  10.085  1.00 73.50 ? 4   HIS A CD2 1 
ATOM   36   C CE1 . HIS A 1 4   ? -14.279 1.369   9.015   1.00 74.40 ? 4   HIS A CE1 1 
ATOM   37   N NE2 . HIS A 1 4   ? -15.260 0.494   8.889   1.00 75.03 ? 4   HIS A NE2 1 
ATOM   38   N N   . ASP A 1 5   ? -15.530 0.700   15.550  1.00 54.38 ? 5   ASP A N   1 
ATOM   39   C CA  . ASP A 1 5   ? -15.407 0.356   16.955  1.00 61.69 ? 5   ASP A CA  1 
ATOM   40   C C   . ASP A 1 5   ? -14.526 -0.879  17.139  1.00 50.93 ? 5   ASP A C   1 
ATOM   41   O O   . ASP A 1 5   ? -14.566 -1.798  16.335  1.00 56.82 ? 5   ASP A O   1 
ATOM   42   C CB  . ASP A 1 5   ? -16.788 0.074   17.553  1.00 70.34 ? 5   ASP A CB  1 
ATOM   43   C CG  . ASP A 1 5   ? -16.817 0.232   19.069  1.00 74.05 ? 5   ASP A CG  1 
ATOM   44   O OD1 . ASP A 1 5   ? -17.334 1.271   19.539  1.00 74.54 ? 5   ASP A OD1 1 
ATOM   45   O OD2 . ASP A 1 5   ? -16.358 -0.622  19.862  1.00 71.40 ? 5   ASP A OD2 1 
ATOM   46   N N   . GLY A 1 6   ? -13.746 -0.893  18.212  1.00 58.36 ? 6   GLY A N   1 
ATOM   47   C CA  . GLY A 1 6   ? -12.894 -2.022  18.542  1.00 58.70 ? 6   GLY A CA  1 
ATOM   48   C C   . GLY A 1 6   ? -11.447 -1.799  18.141  1.00 54.02 ? 6   GLY A C   1 
ATOM   49   O O   . GLY A 1 6   ? -11.123 -0.852  17.411  1.00 40.04 ? 6   GLY A O   1 
ATOM   50   N N   . ALA A 1 7   ? -10.594 -2.700  18.622  1.00 39.13 ? 7   ALA A N   1 
ATOM   51   C CA  . ALA A 1 7   ? -9.158  -2.714  18.339  1.00 31.24 ? 7   ALA A CA  1 
ATOM   52   C C   . ALA A 1 7   ? -8.963  -3.176  16.880  1.00 35.23 ? 7   ALA A C   1 
ATOM   53   O O   . ALA A 1 7   ? -9.885  -3.676  16.267  1.00 36.15 ? 7   ALA A O   1 
ATOM   54   C CB  . ALA A 1 7   ? -8.469  -3.692  19.302  1.00 46.01 ? 7   ALA A CB  1 
ATOM   55   N N   . CYS A 1 8   ? -7.804  -2.971  16.301  1.00 36.80 ? 8   CYS A N   1 
ATOM   56   C CA  . CYS A 1 8   ? -7.516  -3.488  14.977  1.00 31.84 ? 8   CYS A CA  1 
ATOM   57   C C   . CYS A 1 8   ? -7.564  -5.002  15.086  1.00 33.19 ? 8   CYS A C   1 
ATOM   58   O O   . CYS A 1 8   ? -7.177  -5.605  16.118  1.00 34.34 ? 8   CYS A O   1 
ATOM   59   C CB  . CYS A 1 8   ? -6.099  -3.094  14.617  1.00 33.69 ? 8   CYS A CB  1 
ATOM   60   S SG  . CYS A 1 8   ? -5.838  -1.318  14.620  1.00 35.26 ? 8   CYS A SG  1 
ATOM   61   N N   . PRO A 1 9   ? -8.040  -5.619  14.023  1.00 33.28 ? 9   PRO A N   1 
ATOM   62   C CA  . PRO A 1 9   ? -8.210  -7.075  14.010  1.00 40.62 ? 9   PRO A CA  1 
ATOM   63   C C   . PRO A 1 9   ? -6.841  -7.734  14.078  1.00 41.29 ? 9   PRO A C   1 
ATOM   64   O O   . PRO A 1 9   ? -5.839  -7.090  13.782  1.00 42.98 ? 9   PRO A O   1 
ATOM   65   C CB  . PRO A 1 9   ? -8.883  -7.343  12.670  1.00 42.93 ? 9   PRO A CB  1 
ATOM   66   C CG  . PRO A 1 9   ? -8.489  -6.141  11.817  1.00 39.80 ? 9   PRO A CG  1 
ATOM   67   C CD  . PRO A 1 9   ? -8.468  -4.974  12.767  1.00 37.80 ? 9   PRO A CD  1 
ATOM   68   N N   . GLU A 1 10  ? -6.751  -8.985  14.498  1.00 40.67 ? 10  GLU A N   1 
ATOM   69   C CA  . GLU A 1 10  ? -5.449  -9.621  14.394  1.00 41.56 ? 10  GLU A CA  1 
ATOM   70   C C   . GLU A 1 10  ? -5.314  -10.122 12.963  1.00 42.93 ? 10  GLU A C   1 
ATOM   71   O O   . GLU A 1 10  ? -6.282  -10.641 12.403  1.00 32.20 ? 10  GLU A O   1 
ATOM   72   C CB  . GLU A 1 10  ? -5.328  -10.789 15.346  1.00 51.41 ? 10  GLU A CB  1 
ATOM   73   C CG  . GLU A 1 10  ? -3.886  -11.211 15.530  1.00 52.20 ? 10  GLU A CG  1 
ATOM   74   C CD  . GLU A 1 10  ? -3.772  -12.697 15.323  1.00 65.45 ? 10  GLU A CD  1 
ATOM   75   O OE1 . GLU A 1 10  ? -4.843  -13.328 15.449  1.00 67.96 ? 10  GLU A OE1 1 
ATOM   76   O OE2 . GLU A 1 10  ? -2.658  -13.211 15.038  1.00 68.62 ? 10  GLU A OE2 1 
ATOM   77   N N   . VAL A 1 11  ? -4.118  -9.966  12.397  1.00 40.32 ? 11  VAL A N   1 
ATOM   78   C CA  . VAL A 1 11  ? -3.821  -10.305 10.994  1.00 42.29 ? 11  VAL A CA  1 
ATOM   79   C C   . VAL A 1 11  ? -2.791  -11.432 10.773  1.00 26.75 ? 11  VAL A C   1 
ATOM   80   O O   . VAL A 1 11  ? -1.720  -11.405 11.354  1.00 39.03 ? 11  VAL A O   1 
ATOM   81   C CB  . VAL A 1 11  ? -3.333  -9.039  10.231  1.00 39.37 ? 11  VAL A CB  1 
ATOM   82   C CG1 . VAL A 1 11  ? -2.617  -9.390  8.904   1.00 37.22 ? 11  VAL A CG1 1 
ATOM   83   C CG2 . VAL A 1 11  ? -4.506  -8.111  10.051  1.00 43.25 ? 11  VAL A CG2 1 
ATOM   84   N N   . LYS A 1 12  ? -3.161  -12.383 9.920   1.00 48.70 ? 12  LYS A N   1 
ATOM   85   C CA  . LYS A 1 12  ? -2.232  -13.438 9.565   1.00 52.68 ? 12  LYS A CA  1 
ATOM   86   C C   . LYS A 1 12  ? -1.198  -12.892 8.589   1.00 37.40 ? 12  LYS A C   1 
ATOM   87   O O   . LYS A 1 12  ? -1.516  -12.447 7.495   1.00 34.76 ? 12  LYS A O   1 
ATOM   88   C CB  . LYS A 1 12  ? -2.892  -14.668 8.951   1.00 59.08 ? 12  LYS A CB  1 
ATOM   89   C CG  . LYS A 1 12  ? -1.860  -15.783 8.750   1.00 64.56 ? 12  LYS A CG  1 
ATOM   90   C CD  . LYS A 1 12  ? -2.480  -17.168 8.677   1.00 56.84 ? 12  LYS A CD  1 
ATOM   91   C CE  . LYS A 1 12  ? -1.469  -18.292 8.928   1.00 54.67 ? 12  LYS A CE  1 
ATOM   92   N NZ  . LYS A 1 12  ? -2.287  -19.544 8.991   1.00 40.37 ? 12  LYS A NZ  1 
ATOM   93   N N   . PRO A 1 13  ? 0.054   -12.984 8.982   1.00 37.24 ? 13  PRO A N   1 
ATOM   94   C CA  . PRO A 1 13  ? 1.139   -12.459 8.157   1.00 33.33 ? 13  PRO A CA  1 
ATOM   95   C C   . PRO A 1 13  ? 1.447   -13.374 7.020   1.00 30.81 ? 13  PRO A C   1 
ATOM   96   O O   . PRO A 1 13  ? 1.348   -14.596 7.198   1.00 34.36 ? 13  PRO A O   1 
ATOM   97   C CB  . PRO A 1 13  ? 2.349   -12.564 9.073   1.00 41.64 ? 13  PRO A CB  1 
ATOM   98   C CG  . PRO A 1 13  ? 1.777   -12.859 10.378  1.00 34.28 ? 13  PRO A CG  1 
ATOM   99   C CD  . PRO A 1 13  ? 0.560   -13.635 10.190  1.00 36.57 ? 13  PRO A CD  1 
ATOM   100  N N   . VAL A 1 14  ? 1.861   -12.826 5.890   1.00 27.71 ? 14  VAL A N   1 
ATOM   101  C CA  . VAL A 1 14  ? 2.399   -13.672 4.845   1.00 27.19 ? 14  VAL A CA  1 
ATOM   102  C C   . VAL A 1 14  ? 3.672   -14.380 5.265   1.00 25.14 ? 14  VAL A C   1 
ATOM   103  O O   . VAL A 1 14  ? 4.306   -14.044 6.265   1.00 30.05 ? 14  VAL A O   1 
ATOM   104  C CB  . VAL A 1 14  ? 2.647   -12.945 3.540   1.00 26.85 ? 14  VAL A CB  1 
ATOM   105  C CG1 . VAL A 1 14  ? 1.348   -12.306 3.103   1.00 25.55 ? 14  VAL A CG1 1 
ATOM   106  C CG2 . VAL A 1 14  ? 3.718   -11.879 3.679   1.00 36.12 ? 14  VAL A CG2 1 
ATOM   107  N N   . ASP A 1 15  ? 4.064   -15.398 4.504   1.00 33.06 ? 15  ASP A N   1 
ATOM   108  C CA  . ASP A 1 15  ? 5.310   -16.099 4.815   1.00 24.99 ? 15  ASP A CA  1 
ATOM   109  C C   . ASP A 1 15  ? 6.294   -16.225 3.639   1.00 21.61 ? 15  ASP A C   1 
ATOM   110  O O   . ASP A 1 15  ? 7.277   -16.946 3.662   1.00 28.24 ? 15  ASP A O   1 
ATOM   111  C CB  . ASP A 1 15  ? 4.963   -17.481 5.395   1.00 25.69 ? 15  ASP A CB  1 
ATOM   112  C CG  . ASP A 1 15  ? 4.358   -18.454 4.387   1.00 36.48 ? 15  ASP A CG  1 
ATOM   113  O OD1 . ASP A 1 15  ? 4.455   -18.247 3.166   1.00 31.61 ? 15  ASP A OD1 1 
ATOM   114  O OD2 . ASP A 1 15  ? 3.786   -19.520 4.709   1.00 46.73 ? 15  ASP A OD2 1 
ATOM   115  N N   . ASN A 1 16  ? 6.064   -15.512 2.574   1.00 27.27 ? 16  ASN A N   1 
ATOM   116  C CA  . ASN A 1 16  ? 6.998   -15.708 1.484   1.00 28.70 ? 16  ASN A CA  1 
ATOM   117  C C   . ASN A 1 16  ? 7.352   -14.413 0.784   1.00 33.55 ? 16  ASN A C   1 
ATOM   118  O O   . ASN A 1 16  ? 7.672   -14.409 -0.410  1.00 26.97 ? 16  ASN A O   1 
ATOM   119  C CB  . ASN A 1 16  ? 6.355   -16.628 0.486   1.00 29.22 ? 16  ASN A CB  1 
ATOM   120  C CG  . ASN A 1 16  ? 5.057   -16.062 -0.011  1.00 34.45 ? 16  ASN A CG  1 
ATOM   121  O OD1 . ASN A 1 16  ? 4.523   -16.530 -1.020  1.00 43.49 ? 16  ASN A OD1 1 
ATOM   122  N ND2 . ASN A 1 16  ? 4.531   -15.053 0.698   1.00 27.98 ? 16  ASN A ND2 1 
ATOM   123  N N   . PHE A 1 17  ? 7.277   -13.314 1.518   1.00 24.89 ? 17  PHE A N   1 
ATOM   124  C CA  . PHE A 1 17  ? 7.469   -12.037 0.863   1.00 22.58 ? 17  PHE A CA  1 
ATOM   125  C C   . PHE A 1 17  ? 8.843   -11.943 0.275   1.00 25.41 ? 17  PHE A C   1 
ATOM   126  O O   . PHE A 1 17  ? 9.791   -12.279 0.990   1.00 24.58 ? 17  PHE A O   1 
ATOM   127  C CB  . PHE A 1 17  ? 7.257   -10.879 1.851   1.00 19.48 ? 17  PHE A CB  1 
ATOM   128  C CG  . PHE A 1 17  ? 7.211   -9.545  1.203   1.00 23.63 ? 17  PHE A CG  1 
ATOM   129  C CD1 . PHE A 1 17  ? 6.164   -9.200  0.384   1.00 22.35 ? 17  PHE A CD1 1 
ATOM   130  C CD2 . PHE A 1 17  ? 8.243   -8.636  1.400   1.00 23.06 ? 17  PHE A CD2 1 
ATOM   131  C CE1 . PHE A 1 17  ? 6.140   -7.941  -0.245  1.00 20.12 ? 17  PHE A CE1 1 
ATOM   132  C CE2 . PHE A 1 17  ? 8.223   -7.443  0.810   1.00 24.87 ? 17  PHE A CE2 1 
ATOM   133  C CZ  . PHE A 1 17  ? 7.191   -7.064  0.010   1.00 21.42 ? 17  PHE A CZ  1 
ATOM   134  N N   . ASP A 1 18  ? 8.935   -11.475 -0.971  1.00 18.05 ? 18  ASP A N   1 
ATOM   135  C CA  . ASP A 1 18  ? 10.158  -11.216 -1.675  1.00 17.87 ? 18  ASP A CA  1 
ATOM   136  C C   . ASP A 1 18  ? 10.474  -9.749  -2.026  1.00 14.77 ? 18  ASP A C   1 
ATOM   137  O O   . ASP A 1 18  ? 9.917   -9.229  -3.038  1.00 18.15 ? 18  ASP A O   1 
ATOM   138  C CB  . ASP A 1 18  ? 10.122  -12.046 -2.966  1.00 21.07 ? 18  ASP A CB  1 
ATOM   139  C CG  . ASP A 1 18  ? 11.324  -11.906 -3.847  1.00 19.56 ? 18  ASP A CG  1 
ATOM   140  O OD1 . ASP A 1 18  ? 12.417  -11.476 -3.432  1.00 20.59 ? 18  ASP A OD1 1 
ATOM   141  O OD2 . ASP A 1 18  ? 11.248  -12.124 -5.061  1.00 21.63 ? 18  ASP A OD2 1 
ATOM   142  N N   . TRP A 1 19  ? 11.435  -9.226  -1.256  1.00 21.13 ? 19  TRP A N   1 
ATOM   143  C CA  . TRP A 1 19  ? 11.943  -7.865  -1.432  1.00 21.24 ? 19  TRP A CA  1 
ATOM   144  C C   . TRP A 1 19  ? 12.517  -7.622  -2.829  1.00 27.37 ? 19  TRP A C   1 
ATOM   145  O O   . TRP A 1 19  ? 12.505  -6.512  -3.339  1.00 23.43 ? 19  TRP A O   1 
ATOM   146  C CB  . TRP A 1 19  ? 12.964  -7.479  -0.337  1.00 19.13 ? 19  TRP A CB  1 
ATOM   147  C CG  . TRP A 1 19  ? 12.253  -6.917  0.862   1.00 26.55 ? 19  TRP A CG  1 
ATOM   148  C CD1 . TRP A 1 19  ? 11.548  -7.624  1.789   1.00 21.64 ? 19  TRP A CD1 1 
ATOM   149  C CD2 . TRP A 1 19  ? 12.092  -5.526  1.235   1.00 23.70 ? 19  TRP A CD2 1 
ATOM   150  N NE1 . TRP A 1 19  ? 11.010  -6.774  2.720   1.00 22.07 ? 19  TRP A NE1 1 
ATOM   151  C CE2 . TRP A 1 19  ? 11.285  -5.477  2.398   1.00 17.01 ? 19  TRP A CE2 1 
ATOM   152  C CE3 . TRP A 1 19  ? 12.569  -4.324  0.712   1.00 26.25 ? 19  TRP A CE3 1 
ATOM   153  C CZ2 . TRP A 1 19  ? 10.990  -4.312  3.057   1.00 20.35 ? 19  TRP A CZ2 1 
ATOM   154  C CZ3 . TRP A 1 19  ? 12.241  -3.156  1.342   1.00 23.00 ? 19  TRP A CZ3 1 
ATOM   155  C CH2 . TRP A 1 19  ? 11.425  -3.153  2.502   1.00 18.20 ? 19  TRP A CH2 1 
ATOM   156  N N   . SER A 1 20  ? 13.050  -8.652  -3.481  1.00 19.49 ? 20  SER A N   1 
ATOM   157  C CA  . SER A 1 20  ? 13.623  -8.452  -4.813  1.00 19.26 ? 20  SER A CA  1 
ATOM   158  C C   . SER A 1 20  ? 12.714  -7.928  -5.935  1.00 19.20 ? 20  SER A C   1 
ATOM   159  O O   . SER A 1 20  ? 13.211  -7.443  -6.949  1.00 23.55 ? 20  SER A O   1 
ATOM   160  C CB  . SER A 1 20  ? 14.370  -9.709  -5.259  1.00 20.27 ? 20  SER A CB  1 
ATOM   161  O OG  . SER A 1 20  ? 13.551  -10.761 -5.741  1.00 19.63 ? 20  SER A OG  1 
ATOM   162  N N   . GLN A 1 21  ? 11.393  -7.959  -5.768  1.00 19.94 ? 21  GLN A N   1 
ATOM   163  C CA  . GLN A 1 21  ? 10.488  -7.487  -6.818  1.00 16.88 ? 21  GLN A CA  1 
ATOM   164  C C   . GLN A 1 21  ? 10.440  -5.962  -6.949  1.00 19.02 ? 21  GLN A C   1 
ATOM   165  O O   . GLN A 1 21  ? 10.128  -5.396  -8.014  1.00 19.73 ? 21  GLN A O   1 
ATOM   166  C CB  . GLN A 1 21  ? 9.095   -8.081  -6.587  1.00 16.60 ? 21  GLN A CB  1 
ATOM   167  C CG  . GLN A 1 21  ? 8.981   -9.578  -6.557  1.00 18.86 ? 21  GLN A CG  1 
ATOM   168  C CD  . GLN A 1 21  ? 9.495   -10.199 -7.862  1.00 19.77 ? 21  GLN A CD  1 
ATOM   169  O OE1 . GLN A 1 21  ? 9.081   -9.782  -8.987  1.00 20.06 ? 21  GLN A OE1 1 
ATOM   170  N NE2 . GLN A 1 21  ? 10.381  -11.157 -7.713  1.00 16.09 ? 21  GLN A NE2 1 
ATOM   171  N N   . TYR A 1 22  ? 10.728  -5.267  -5.850  1.00 21.41 ? 22  TYR A N   1 
ATOM   172  C CA  . TYR A 1 22  ? 10.497  -3.843  -5.776  1.00 29.28 ? 22  TYR A CA  1 
ATOM   173  C C   . TYR A 1 22  ? 11.612  -2.959  -6.340  1.00 22.29 ? 22  TYR A C   1 
ATOM   174  O O   . TYR A 1 22  ? 12.501  -2.541  -5.631  1.00 25.28 ? 22  TYR A O   1 
ATOM   175  C CB  . TYR A 1 22  ? 9.926   -3.477  -4.393  1.00 18.78 ? 22  TYR A CB  1 
ATOM   176  C CG  . TYR A 1 22  ? 8.705   -4.394  -4.152  1.00 24.30 ? 22  TYR A CG  1 
ATOM   177  C CD1 . TYR A 1 22  ? 7.436   -4.200  -4.717  1.00 21.14 ? 22  TYR A CD1 1 
ATOM   178  C CD2 . TYR A 1 22  ? 8.899   -5.567  -3.425  1.00 22.61 ? 22  TYR A CD2 1 
ATOM   179  C CE1 . TYR A 1 22  ? 6.422   -5.144  -4.490  1.00 15.81 ? 22  TYR A CE1 1 
ATOM   180  C CE2 . TYR A 1 22  ? 7.890   -6.480  -3.204  1.00 17.80 ? 22  TYR A CE2 1 
ATOM   181  C CZ  . TYR A 1 22  ? 6.652   -6.256  -3.777  1.00 16.56 ? 22  TYR A CZ  1 
ATOM   182  O OH  . TYR A 1 22  ? 5.647   -7.186  -3.642  1.00 24.26 ? 22  TYR A OH  1 
ATOM   183  N N   . HIS A 1 23  ? 11.518  -2.739  -7.644  1.00 22.77 ? 23  HIS A N   1 
ATOM   184  C CA  . HIS A 1 23  ? 12.390  -1.826  -8.379  1.00 22.12 ? 23  HIS A CA  1 
ATOM   185  C C   . HIS A 1 23  ? 11.539  -1.392  -9.519  1.00 19.09 ? 23  HIS A C   1 
ATOM   186  O O   . HIS A 1 23  ? 10.567  -2.032  -9.961  1.00 20.62 ? 23  HIS A O   1 
ATOM   187  C CB  . HIS A 1 23  ? 13.704  -2.497  -8.816  1.00 16.83 ? 23  HIS A CB  1 
ATOM   188  C CG  . HIS A 1 23  ? 13.476  -3.626  -9.770  1.00 17.36 ? 23  HIS A CG  1 
ATOM   189  N ND1 . HIS A 1 23  ? 13.146  -3.404  -11.083 1.00 27.87 ? 23  HIS A ND1 1 
ATOM   190  C CD2 . HIS A 1 23  ? 13.586  -4.966  -9.635  1.00 26.71 ? 23  HIS A CD2 1 
ATOM   191  C CE1 . HIS A 1 23  ? 13.003  -4.561  -11.706 1.00 26.77 ? 23  HIS A CE1 1 
ATOM   192  N NE2 . HIS A 1 23  ? 13.303  -5.524  -10.857 1.00 30.74 ? 23  HIS A NE2 1 
ATOM   193  N N   . GLY A 1 24  ? 11.831  -0.188  -9.951  1.00 19.41 ? 24  GLY A N   1 
ATOM   194  C CA  . GLY A 1 24  ? 11.178  0.401   -11.090 1.00 18.77 ? 24  GLY A CA  1 
ATOM   195  C C   . GLY A 1 24  ? 9.863   0.957   -10.611 1.00 17.18 ? 24  GLY A C   1 
ATOM   196  O O   . GLY A 1 24  ? 9.683   1.213   -9.406  1.00 19.91 ? 24  GLY A O   1 
ATOM   197  N N   . LYS A 1 25  ? 8.975   1.130   -11.592 1.00 20.01 ? 25  LYS A N   1 
ATOM   198  C CA  . LYS A 1 25  ? 7.747   1.862   -11.432 1.00 18.74 ? 25  LYS A CA  1 
ATOM   199  C C   . LYS A 1 25  ? 6.528   0.955   -11.087 1.00 23.07 ? 25  LYS A C   1 
ATOM   200  O O   . LYS A 1 25  ? 6.208   -0.013  -11.753 1.00 21.10 ? 25  LYS A O   1 
ATOM   201  C CB  . LYS A 1 25  ? 7.547   2.819   -12.617 1.00 22.31 ? 25  LYS A CB  1 
ATOM   202  C CG  . LYS A 1 25  ? 6.411   3.805   -12.380 1.00 23.56 ? 25  LYS A CG  1 
ATOM   203  C CD  . LYS A 1 25  ? 5.918   4.413   -13.683 1.00 25.24 ? 25  LYS A CD  1 
ATOM   204  C CE  . LYS A 1 25  ? 4.952   5.559   -13.393 1.00 38.90 ? 25  LYS A CE  1 
ATOM   205  N NZ  . LYS A 1 25  ? 4.853   6.376   -14.617 1.00 31.19 ? 25  LYS A NZ  1 
ATOM   206  N N   . TRP A 1 26  ? 5.917   1.235   -9.941  1.00 22.50 ? 26  TRP A N   1 
ATOM   207  C CA  . TRP A 1 26  ? 4.737   0.569   -9.432  1.00 20.33 ? 26  TRP A CA  1 
ATOM   208  C C   . TRP A 1 26  ? 3.590   1.551   -9.256  1.00 19.22 ? 26  TRP A C   1 
ATOM   209  O O   . TRP A 1 26  ? 3.741   2.653   -8.715  1.00 23.02 ? 26  TRP A O   1 
ATOM   210  C CB  . TRP A 1 26  ? 4.925   -0.118  -8.089  1.00 18.69 ? 26  TRP A CB  1 
ATOM   211  C CG  . TRP A 1 26  ? 5.850   -1.290  -8.212  1.00 23.41 ? 26  TRP A CG  1 
ATOM   212  C CD1 . TRP A 1 26  ? 7.167   -1.274  -8.556  1.00 22.10 ? 26  TRP A CD1 1 
ATOM   213  C CD2 . TRP A 1 26  ? 5.510   -2.663  -8.026  1.00 18.32 ? 26  TRP A CD2 1 
ATOM   214  N NE1 . TRP A 1 26  ? 7.677   -2.541  -8.565  1.00 21.97 ? 26  TRP A NE1 1 
ATOM   215  C CE2 . TRP A 1 26  ? 6.683   -3.432  -8.257  1.00 29.29 ? 26  TRP A CE2 1 
ATOM   216  C CE3 . TRP A 1 26  ? 4.337   -3.330  -7.686  1.00 21.02 ? 26  TRP A CE3 1 
ATOM   217  C CZ2 . TRP A 1 26  ? 6.700   -4.831  -8.147  1.00 26.14 ? 26  TRP A CZ2 1 
ATOM   218  C CZ3 . TRP A 1 26  ? 4.349   -4.683  -7.582  1.00 22.03 ? 26  TRP A CZ3 1 
ATOM   219  C CH2 . TRP A 1 26  ? 5.515   -5.439  -7.800  1.00 19.86 ? 26  TRP A CH2 1 
ATOM   220  N N   . TRP A 1 27  ? 2.423   1.122   -9.705  1.00 21.73 ? 27  TRP A N   1 
ATOM   221  C CA  . TRP A 1 27  ? 1.252   2.000   -9.738  1.00 16.51 ? 27  TRP A CA  1 
ATOM   222  C C   . TRP A 1 27  ? 0.311   1.717   -8.594  1.00 22.61 ? 27  TRP A C   1 
ATOM   223  O O   . TRP A 1 27  ? 0.123   0.540   -8.298  1.00 23.77 ? 27  TRP A O   1 
ATOM   224  C CB  . TRP A 1 27  ? 0.499   1.865   -11.042 1.00 19.22 ? 27  TRP A CB  1 
ATOM   225  C CG  . TRP A 1 27  ? 1.350   2.047   -12.245 1.00 25.29 ? 27  TRP A CG  1 
ATOM   226  C CD1 . TRP A 1 27  ? 2.220   1.151   -12.780 1.00 27.40 ? 27  TRP A CD1 1 
ATOM   227  C CD2 . TRP A 1 27  ? 1.415   3.207   -13.051 1.00 22.91 ? 27  TRP A CD2 1 
ATOM   228  N NE1 . TRP A 1 27  ? 2.807   1.677   -13.901 1.00 32.11 ? 27  TRP A NE1 1 
ATOM   229  C CE2 . TRP A 1 27  ? 2.319   2.938   -14.100 1.00 29.26 ? 27  TRP A CE2 1 
ATOM   230  C CE3 . TRP A 1 27  ? 0.783   4.448   -13.012 1.00 29.29 ? 27  TRP A CE3 1 
ATOM   231  C CZ2 . TRP A 1 27  ? 2.623   3.858   -15.100 1.00 30.60 ? 27  TRP A CZ2 1 
ATOM   232  C CZ3 . TRP A 1 27  ? 1.077   5.368   -14.018 1.00 41.04 ? 27  TRP A CZ3 1 
ATOM   233  C CH2 . TRP A 1 27  ? 1.998   5.074   -15.038 1.00 38.21 ? 27  TRP A CH2 1 
ATOM   234  N N   . GLN A 1 28  ? -0.274  2.732   -7.952  1.00 19.74 ? 28  GLN A N   1 
ATOM   235  C CA  . GLN A 1 28  ? -1.186  2.506   -6.849  1.00 16.15 ? 28  GLN A CA  1 
ATOM   236  C C   . GLN A 1 28  ? -2.567  2.403   -7.482  1.00 19.70 ? 28  GLN A C   1 
ATOM   237  O O   . GLN A 1 28  ? -3.316  3.381   -7.531  1.00 17.18 ? 28  GLN A O   1 
ATOM   238  C CB  . GLN A 1 28  ? -1.113  3.617   -5.794  1.00 15.65 ? 28  GLN A CB  1 
ATOM   239  C CG  . GLN A 1 28  ? -1.931  3.241   -4.562  1.00 26.63 ? 28  GLN A CG  1 
ATOM   240  C CD  . GLN A 1 28  ? -1.814  4.231   -3.421  1.00 17.08 ? 28  GLN A CD  1 
ATOM   241  O OE1 . GLN A 1 28  ? -0.765  4.352   -2.795  1.00 18.22 ? 28  GLN A OE1 1 
ATOM   242  N NE2 . GLN A 1 28  ? -2.879  4.943   -3.185  1.00 15.99 ? 28  GLN A NE2 1 
ATOM   243  N N   . VAL A 1 29  ? -2.926  1.212   -7.940  1.00 20.09 ? 29  VAL A N   1 
ATOM   244  C CA  . VAL A 1 29  ? -4.139  0.965   -8.718  1.00 20.97 ? 29  VAL A CA  1 
ATOM   245  C C   . VAL A 1 29  ? -5.455  1.004   -7.955  1.00 19.01 ? 29  VAL A C   1 
ATOM   246  O O   . VAL A 1 29  ? -6.502  1.219   -8.572  1.00 20.35 ? 29  VAL A O   1 
ATOM   247  C CB  . VAL A 1 29  ? -4.089  -0.362  -9.462  1.00 20.43 ? 29  VAL A CB  1 
ATOM   248  C CG1 . VAL A 1 29  ? -2.926  -0.404  -10.451 1.00 23.92 ? 29  VAL A CG1 1 
ATOM   249  C CG2 . VAL A 1 29  ? -3.990  -1.461  -8.459  1.00 21.50 ? 29  VAL A CG2 1 
ATOM   250  N N   . ALA A 1 30  ? -5.399  0.847   -6.643  1.00 17.55 ? 30  ALA A N   1 
ATOM   251  C CA  . ALA A 1 30  ? -6.552  1.015   -5.777  1.00 16.96 ? 30  ALA A CA  1 
ATOM   252  C C   . ALA A 1 30  ? -6.171  1.289   -4.363  1.00 23.04 ? 30  ALA A C   1 
ATOM   253  O O   . ALA A 1 30  ? -5.100  0.902   -3.921  1.00 18.56 ? 30  ALA A O   1 
ATOM   254  C CB  . ALA A 1 30  ? -7.436  -0.276  -5.780  1.00 20.63 ? 30  ALA A CB  1 
ATOM   255  N N   . ALA A 1 31  ? -7.085  1.936   -3.663  1.00 21.39 ? 31  ALA A N   1 
ATOM   256  C CA  . ALA A 1 31  ? -6.955  2.226   -2.232  1.00 19.28 ? 31  ALA A CA  1 
ATOM   257  C C   . ALA A 1 31  ? -8.302  2.602   -1.648  1.00 17.41 ? 31  ALA A C   1 
ATOM   258  O O   . ALA A 1 31  ? -9.217  3.111   -2.323  1.00 14.80 ? 31  ALA A O   1 
ATOM   259  C CB  . ALA A 1 31  ? -5.989  3.366   -2.003  1.00 17.53 ? 31  ALA A CB  1 
ATOM   260  N N   . TYR A 1 32  ? -8.399  2.436   -0.344  1.00 15.28 ? 32  TYR A N   1 
ATOM   261  C CA  . TYR A 1 32  ? -9.402  3.163   0.409   1.00 17.52 ? 32  TYR A CA  1 
ATOM   262  C C   . TYR A 1 32  ? -9.319  4.732   0.293   1.00 16.80 ? 32  TYR A C   1 
ATOM   263  O O   . TYR A 1 32  ? -8.262  5.292   0.229   1.00 19.41 ? 32  TYR A O   1 
ATOM   264  C CB  . TYR A 1 32  ? -9.243  2.819   1.917   1.00 22.04 ? 32  TYR A CB  1 
ATOM   265  C CG  . TYR A 1 32  ? -9.712  1.410   2.373   1.00 19.53 ? 32  TYR A CG  1 
ATOM   266  C CD1 . TYR A 1 32  ? -10.189 0.482   1.464   1.00 20.20 ? 32  TYR A CD1 1 
ATOM   267  C CD2 . TYR A 1 32  ? -9.555  1.017   3.693   1.00 26.27 ? 32  TYR A CD2 1 
ATOM   268  C CE1 . TYR A 1 32  ? -10.592 -0.808  1.857   1.00 24.55 ? 32  TYR A CE1 1 
ATOM   269  C CE2 . TYR A 1 32  ? -9.958  -0.253  4.120   1.00 26.72 ? 32  TYR A CE2 1 
ATOM   270  C CZ  . TYR A 1 32  ? -10.463 -1.134  3.193   1.00 29.72 ? 32  TYR A CZ  1 
ATOM   271  O OH  . TYR A 1 32  ? -10.854 -2.367  3.568   1.00 26.30 ? 32  TYR A OH  1 
ATOM   272  N N   . PRO A 1 33  ? -10.493 5.338   0.316   1.00 17.95 ? 33  PRO A N   1 
ATOM   273  C CA  . PRO A 1 33  ? -10.677 6.784   0.237   1.00 19.75 ? 33  PRO A CA  1 
ATOM   274  C C   . PRO A 1 33  ? -9.858  7.488   1.292   1.00 18.70 ? 33  PRO A C   1 
ATOM   275  O O   . PRO A 1 33  ? -9.232  8.478   0.904   1.00 19.58 ? 33  PRO A O   1 
ATOM   276  C CB  . PRO A 1 33  ? -12.184 6.982   0.432   1.00 26.26 ? 33  PRO A CB  1 
ATOM   277  C CG  . PRO A 1 33  ? -12.773 5.708   0.177   1.00 32.36 ? 33  PRO A CG  1 
ATOM   278  C CD  . PRO A 1 33  ? -11.776 4.601   0.409   1.00 23.38 ? 33  PRO A CD  1 
ATOM   279  N N   . ASP A 1 34  ? -9.774  7.028   2.536   1.00 22.10 ? 34  ASP A N   1 
ATOM   280  C CA  . ASP A 1 34  ? -8.967  7.753   3.524   1.00 26.45 ? 34  ASP A CA  1 
ATOM   281  C C   . ASP A 1 34  ? -7.493  7.804   3.122   1.00 19.99 ? 34  ASP A C   1 
ATOM   282  O O   . ASP A 1 34  ? -6.773  8.726   3.453   1.00 22.30 ? 34  ASP A O   1 
ATOM   283  C CB  . ASP A 1 34  ? -9.036  7.146   4.918   1.00 21.18 ? 34  ASP A CB  1 
ATOM   284  C CG  . ASP A 1 34  ? -10.310 7.499   5.667   1.00 25.90 ? 34  ASP A CG  1 
ATOM   285  O OD1 . ASP A 1 34  ? -10.670 6.688   6.557   1.00 31.39 ? 34  ASP A OD1 1 
ATOM   286  O OD2 . ASP A 1 34  ? -11.001 8.504   5.408   1.00 25.27 ? 34  ASP A OD2 1 
ATOM   287  N N   . HIS A 1 35  ? -7.045  6.805   2.398   1.00 17.26 ? 35  HIS A N   1 
ATOM   288  C CA  . HIS A 1 35  ? -5.670  6.761   1.899   1.00 16.64 ? 35  HIS A CA  1 
ATOM   289  C C   . HIS A 1 35  ? -5.473  7.692   0.693   1.00 23.26 ? 35  HIS A C   1 
ATOM   290  O O   . HIS A 1 35  ? -4.412  8.345   0.560   1.00 18.62 ? 35  HIS A O   1 
ATOM   291  C CB  . HIS A 1 35  ? -5.303  5.307   1.533   1.00 19.74 ? 35  HIS A CB  1 
ATOM   292  C CG  . HIS A 1 35  ? -3.838  5.053   1.375   1.00 20.57 ? 35  HIS A CG  1 
ATOM   293  N ND1 . HIS A 1 35  ? -3.165  5.324   0.207   1.00 23.52 ? 35  HIS A ND1 1 
ATOM   294  C CD2 . HIS A 1 35  ? -2.922  4.530   2.222   1.00 17.85 ? 35  HIS A CD2 1 
ATOM   295  C CE1 . HIS A 1 35  ? -1.891  4.994   0.340   1.00 21.49 ? 35  HIS A CE1 1 
ATOM   296  N NE2 . HIS A 1 35  ? -1.718  4.509   1.558   1.00 28.33 ? 35  HIS A NE2 1 
ATOM   297  N N   . ILE A 1 36  ? -6.460  7.724   -0.205  1.00 17.11 ? 36  ILE A N   1 
ATOM   298  C CA  . ILE A 1 36  ? -6.401  8.554   -1.413  1.00 21.01 ? 36  ILE A CA  1 
ATOM   299  C C   . ILE A 1 36  ? -6.436  9.989   -0.929  1.00 22.07 ? 36  ILE A C   1 
ATOM   300  O O   . ILE A 1 36  ? -5.657  10.791  -1.492  1.00 18.69 ? 36  ILE A O   1 
ATOM   301  C CB  . ILE A 1 36  ? -7.545  8.242   -2.370  1.00 25.32 ? 36  ILE A CB  1 
ATOM   302  C CG1 . ILE A 1 36  ? -7.289  6.808   -2.872  1.00 28.31 ? 36  ILE A CG1 1 
ATOM   303  C CG2 . ILE A 1 36  ? -7.572  9.227   -3.521  1.00 20.39 ? 36  ILE A CG2 1 
ATOM   304  C CD1 . ILE A 1 36  ? -8.037  6.375   -4.108  1.00 46.61 ? 36  ILE A CD1 1 
ATOM   305  N N   . THR A 1 37  ? -7.249  10.321  0.072   1.00 15.49 ? 37  THR A N   1 
ATOM   306  C CA  . THR A 1 37  ? -7.203  11.702  0.583   1.00 19.55 ? 37  THR A CA  1 
ATOM   307  C C   . THR A 1 37  ? -5.918  12.047  1.223   1.00 19.81 ? 37  THR A C   1 
ATOM   308  O O   . THR A 1 37  ? -5.362  13.079  0.921   1.00 20.05 ? 37  THR A O   1 
ATOM   309  C CB  . THR A 1 37  ? -8.325  11.929  1.642   1.00 22.35 ? 37  THR A CB  1 
ATOM   310  O OG1 . THR A 1 37  ? -9.556  11.948  0.882   1.00 32.64 ? 37  THR A OG1 1 
ATOM   311  C CG2 . THR A 1 37  ? -8.237  13.254  2.283   1.00 30.72 ? 37  THR A CG2 1 
ATOM   312  N N   . LYS A 1 38  ? -5.530  11.235  2.203   1.00 20.24 ? 38  LYS A N   1 
ATOM   313  C CA  . LYS A 1 38  ? -4.291  11.467  2.914   1.00 22.41 ? 38  LYS A CA  1 
ATOM   314  C C   . LYS A 1 38  ? -3.032  11.467  2.073   1.00 22.78 ? 38  LYS A C   1 
ATOM   315  O O   . LYS A 1 38  ? -2.204  12.371  2.235   1.00 18.88 ? 38  LYS A O   1 
ATOM   316  C CB  . LYS A 1 38  ? -4.184  10.502  4.110   1.00 28.33 ? 38  LYS A CB  1 
ATOM   317  C CG  . LYS A 1 38  ? -5.095  10.917  5.263   1.00 37.82 ? 38  LYS A CG  1 
ATOM   318  C CD  . LYS A 1 38  ? -5.049  10.101  6.586   1.00 46.03 ? 38  LYS A CD  1 
ATOM   319  C CE  . LYS A 1 38  ? -5.948  10.774  7.667   1.00 43.11 ? 38  LYS A CE  1 
ATOM   320  N NZ  . LYS A 1 38  ? -6.207  10.085  8.956   1.00 51.02 ? 38  LYS A NZ  1 
ATOM   321  N N   . TYR A 1 39  ? -2.841  10.571  1.126   1.00 15.82 ? 39  TYR A N   1 
ATOM   322  C CA  . TYR A 1 39  ? -1.551  10.390  0.457   1.00 17.41 ? 39  TYR A CA  1 
ATOM   323  C C   . TYR A 1 39  ? -1.661  10.563  -1.065  1.00 15.55 ? 39  TYR A C   1 
ATOM   324  O O   . TYR A 1 39  ? -0.719  10.355  -1.798  1.00 20.45 ? 39  TYR A O   1 
ATOM   325  C CB  . TYR A 1 39  ? -1.044  8.993   0.748   1.00 18.20 ? 39  TYR A CB  1 
ATOM   326  C CG  . TYR A 1 39  ? -0.840  8.833   2.239   1.00 22.34 ? 39  TYR A CG  1 
ATOM   327  C CD1 . TYR A 1 39  ? -1.591  7.892   2.927   1.00 24.48 ? 39  TYR A CD1 1 
ATOM   328  C CD2 . TYR A 1 39  ? 0.093   9.586   2.943   1.00 23.37 ? 39  TYR A CD2 1 
ATOM   329  C CE1 . TYR A 1 39  ? -1.433  7.732   4.263   1.00 23.98 ? 39  TYR A CE1 1 
ATOM   330  C CE2 . TYR A 1 39  ? 0.276   9.402   4.295   1.00 30.07 ? 39  TYR A CE2 1 
ATOM   331  C CZ  . TYR A 1 39  ? -0.507  8.483   4.949   1.00 30.09 ? 39  TYR A CZ  1 
ATOM   332  O OH  . TYR A 1 39  ? -0.385  8.267   6.320   1.00 38.44 ? 39  TYR A OH  1 
ATOM   333  N N   . GLY A 1 40  ? -2.868  10.928  -1.489  1.00 14.01 ? 40  GLY A N   1 
ATOM   334  C CA  . GLY A 1 40  ? -3.175  11.352  -2.828  1.00 15.44 ? 40  GLY A CA  1 
ATOM   335  C C   . GLY A 1 40  ? -3.729  10.393  -3.850  1.00 21.96 ? 40  GLY A C   1 
ATOM   336  O O   . GLY A 1 40  ? -3.632  9.163   -3.731  1.00 21.67 ? 40  GLY A O   1 
ATOM   337  N N   . LYS A 1 41  ? -4.294  11.029  -4.857  1.00 17.52 ? 41  LYS A N   1 
ATOM   338  C CA  . LYS A 1 41  ? -4.748  10.313  -6.016  1.00 11.89 ? 41  LYS A CA  1 
ATOM   339  C C   . LYS A 1 41  ? -3.655  10.255  -7.037  1.00 21.50 ? 41  LYS A C   1 
ATOM   340  O O   . LYS A 1 41  ? -2.632  10.933  -6.870  1.00 19.64 ? 41  LYS A O   1 
ATOM   341  C CB  . LYS A 1 41  ? -6.036  10.977  -6.558  1.00 16.25 ? 41  LYS A CB  1 
ATOM   342  C CG  . LYS A 1 41  ? -5.857  12.380  -6.990  1.00 21.17 ? 41  LYS A CG  1 
ATOM   343  C CD  . LYS A 1 41  ? -7.158  12.817  -7.723  1.00 18.59 ? 41  LYS A CD  1 
ATOM   344  C CE  . LYS A 1 41  ? -7.071  14.198  -8.300  1.00 20.75 ? 41  LYS A CE  1 
ATOM   345  N NZ  . LYS A 1 41  ? -8.345  14.909  -8.718  1.00 19.44 ? 41  LYS A NZ  1 
ATOM   346  N N   . CYS A 1 42  ? -3.823  9.431   -8.047  1.00 18.35 ? 42  CYS A N   1 
ATOM   347  C CA  . CYS A 1 42  ? -2.899  9.309   -9.172  1.00 24.42 ? 42  CYS A CA  1 
ATOM   348  C C   . CYS A 1 42  ? -1.518  8.801   -8.785  1.00 18.41 ? 42  CYS A C   1 
ATOM   349  O O   . CYS A 1 42  ? -0.487  9.142   -9.346  1.00 24.80 ? 42  CYS A O   1 
ATOM   350  C CB  . CYS A 1 42  ? -2.733  10.632  -9.952  1.00 25.63 ? 42  CYS A CB  1 
ATOM   351  S SG  . CYS A 1 42  ? -4.263  11.348  -10.597 1.00 28.58 ? 42  CYS A SG  1 
ATOM   352  N N   . GLY A 1 43  ? -1.519  7.970   -7.773  1.00 16.68 ? 43  GLY A N   1 
ATOM   353  C CA  . GLY A 1 43  ? -0.309  7.600   -7.141  1.00 21.00 ? 43  GLY A CA  1 
ATOM   354  C C   . GLY A 1 43  ? 0.488   6.528   -7.836  1.00 24.10 ? 43  GLY A C   1 
ATOM   355  O O   . GLY A 1 43  ? 0.027   5.470   -8.281  1.00 17.49 ? 43  GLY A O   1 
ATOM   356  N N   . TRP A 1 44  ? 1.759   6.860   -7.906  1.00 16.81 ? 44  TRP A N   1 
ATOM   357  C CA  . TRP A 1 44  ? 2.756   5.866   -8.297  1.00 15.40 ? 44  TRP A CA  1 
ATOM   358  C C   . TRP A 1 44  ? 4.096   6.114   -7.641  1.00 18.25 ? 44  TRP A C   1 
ATOM   359  O O   . TRP A 1 44  ? 4.361   7.224   -7.149  1.00 15.63 ? 44  TRP A O   1 
ATOM   360  C CB  . TRP A 1 44  ? 2.941   5.803   -9.780  1.00 14.86 ? 44  TRP A CB  1 
ATOM   361  C CG  . TRP A 1 44  ? 3.372   7.066   -10.437 1.00 22.13 ? 44  TRP A CG  1 
ATOM   362  C CD1 . TRP A 1 44  ? 2.554   7.980   -11.080 1.00 26.28 ? 44  TRP A CD1 1 
ATOM   363  C CD2 . TRP A 1 44  ? 4.693   7.544   -10.593 1.00 21.04 ? 44  TRP A CD2 1 
ATOM   364  N NE1 . TRP A 1 44  ? 3.305   9.003   -11.593 1.00 23.41 ? 44  TRP A NE1 1 
ATOM   365  C CE2 . TRP A 1 44  ? 4.618   8.752   -11.327 1.00 24.39 ? 44  TRP A CE2 1 
ATOM   366  C CE3 . TRP A 1 44  ? 5.952   7.079   -10.198 1.00 23.99 ? 44  TRP A CE3 1 
ATOM   367  C CZ2 . TRP A 1 44  ? 5.731   9.503   -11.662 1.00 28.60 ? 44  TRP A CZ2 1 
ATOM   368  C CZ3 . TRP A 1 44  ? 7.051   7.835   -10.512 1.00 32.82 ? 44  TRP A CZ3 1 
ATOM   369  C CH2 . TRP A 1 44  ? 6.932   9.027   -11.249 1.00 32.64 ? 44  TRP A CH2 1 
ATOM   370  N N   . ALA A 1 45  ? 4.931   5.096   -7.712  1.00 20.16 ? 45  ALA A N   1 
ATOM   371  C CA  . ALA A 1 45  ? 6.247   5.150   -7.079  1.00 27.80 ? 45  ALA A CA  1 
ATOM   372  C C   . ALA A 1 45  ? 7.342   4.446   -7.841  1.00 25.06 ? 45  ALA A C   1 
ATOM   373  O O   . ALA A 1 45  ? 7.121   3.387   -8.383  1.00 19.99 ? 45  ALA A O   1 
ATOM   374  C CB  . ALA A 1 45  ? 6.144   4.514   -5.733  1.00 19.16 ? 45  ALA A CB  1 
ATOM   375  N N   . GLU A 1 46  ? 8.528   5.033   -7.861  1.00 14.58 ? 46  GLU A N   1 
ATOM   376  C CA  . GLU A 1 46  ? 9.718   4.489   -8.446  1.00 12.32 ? 46  GLU A CA  1 
ATOM   377  C C   . GLU A 1 46  ? 10.534  4.001   -7.234  1.00 17.62 ? 46  GLU A C   1 
ATOM   378  O O   . GLU A 1 46  ? 10.863  4.860   -6.366  1.00 21.96 ? 46  GLU A O   1 
ATOM   379  C CB  . GLU A 1 46  ? 10.512  5.657   -9.091  1.00 17.96 ? 46  GLU A CB  1 
ATOM   380  C CG  . GLU A 1 46  ? 11.581  5.199   -10.042 1.00 34.36 ? 46  GLU A CG  1 
ATOM   381  C CD  . GLU A 1 46  ? 10.934  4.949   -11.404 1.00 44.65 ? 46  GLU A CD  1 
ATOM   382  O OE1 . GLU A 1 46  ? 10.917  3.766   -11.707 1.00 26.08 ? 46  GLU A OE1 1 
ATOM   383  O OE2 . GLU A 1 46  ? 10.418  5.834   -12.151 1.00 51.97 ? 46  GLU A OE2 1 
ATOM   384  N N   . TYR A 1 47  ? 10.845  2.710   -7.209  1.00 14.22 ? 47  TYR A N   1 
ATOM   385  C CA  . TYR A 1 47  ? 11.679  2.070   -6.218  1.00 18.22 ? 47  TYR A CA  1 
ATOM   386  C C   . TYR A 1 47  ? 13.060  1.801   -6.787  1.00 23.31 ? 47  TYR A C   1 
ATOM   387  O O   . TYR A 1 47  ? 13.227  1.267   -7.920  1.00 22.90 ? 47  TYR A O   1 
ATOM   388  C CB  . TYR A 1 47  ? 11.085  0.718   -5.816  1.00 20.55 ? 47  TYR A CB  1 
ATOM   389  C CG  . TYR A 1 47  ? 9.721   0.746   -5.160  1.00 21.93 ? 47  TYR A CG  1 
ATOM   390  C CD1 . TYR A 1 47  ? 9.408   1.633   -4.138  1.00 33.13 ? 47  TYR A CD1 1 
ATOM   391  C CD2 . TYR A 1 47  ? 8.695   -0.108  -5.591  1.00 30.29 ? 47  TYR A CD2 1 
ATOM   392  C CE1 . TYR A 1 47  ? 8.112   1.678   -3.551  1.00 37.41 ? 47  TYR A CE1 1 
ATOM   393  C CE2 . TYR A 1 47  ? 7.385   -0.059  -5.003  1.00 27.16 ? 47  TYR A CE2 1 
ATOM   394  C CZ  . TYR A 1 47  ? 7.088   0.842   -3.980  1.00 37.33 ? 47  TYR A CZ  1 
ATOM   395  O OH  . TYR A 1 47  ? 5.826   0.893   -3.366  1.00 27.44 ? 47  TYR A OH  1 
ATOM   396  N N   . THR A 1 48  ? 14.043  2.121   -5.955  1.00 18.10 ? 48  THR A N   1 
ATOM   397  C CA  . THR A 1 48  ? 15.453  1.934   -6.217  1.00 15.65 ? 48  THR A CA  1 
ATOM   398  C C   . THR A 1 48  ? 16.058  1.121   -5.084  1.00 17.67 ? 48  THR A C   1 
ATOM   399  O O   . THR A 1 48  ? 16.051  1.518   -3.920  1.00 20.10 ? 48  THR A O   1 
ATOM   400  C CB  . THR A 1 48  ? 16.223  3.227   -6.255  1.00 20.03 ? 48  THR A CB  1 
ATOM   401  O OG1 . THR A 1 48  ? 15.610  4.052   -7.223  1.00 21.53 ? 48  THR A OG1 1 
ATOM   402  C CG2 . THR A 1 48  ? 17.670  2.958   -6.655  1.00 23.50 ? 48  THR A CG2 1 
ATOM   403  N N   . PRO A 1 49  ? 16.526  -0.068  -5.405  1.00 16.51 ? 49  PRO A N   1 
ATOM   404  C CA  . PRO A 1 49  ? 17.150  -0.902  -4.374  1.00 18.37 ? 49  PRO A CA  1 
ATOM   405  C C   . PRO A 1 49  ? 18.428  -0.302  -3.870  1.00 18.75 ? 49  PRO A C   1 
ATOM   406  O O   . PRO A 1 49  ? 19.178  0.247   -4.661  1.00 24.98 ? 49  PRO A O   1 
ATOM   407  C CB  . PRO A 1 49  ? 17.399  -2.248  -5.082  1.00 23.44 ? 49  PRO A CB  1 
ATOM   408  C CG  . PRO A 1 49  ? 16.635  -2.179  -6.363  1.00 24.11 ? 49  PRO A CG  1 
ATOM   409  C CD  . PRO A 1 49  ? 16.417  -0.759  -6.707  1.00 23.74 ? 49  PRO A CD  1 
ATOM   410  N N   . GLU A 1 50  ? 18.660  -0.429  -2.570  1.00 22.18 ? 50  GLU A N   1 
ATOM   411  C CA  . GLU A 1 50  ? 19.860  0.072   -1.914  1.00 29.75 ? 50  GLU A CA  1 
ATOM   412  C C   . GLU A 1 50  ? 20.079  -0.946  -0.795  1.00 25.17 ? 50  GLU A C   1 
ATOM   413  O O   . GLU A 1 50  ? 19.626  -0.751  0.334   1.00 20.66 ? 50  GLU A O   1 
ATOM   414  C CB  . GLU A 1 50  ? 19.647  1.506   -1.416  1.00 38.26 ? 50  GLU A CB  1 
ATOM   415  C CG  . GLU A 1 50  ? 20.144  2.579   -2.390  1.00 61.69 ? 50  GLU A CG  1 
ATOM   416  C CD  . GLU A 1 50  ? 19.602  3.980   -2.107  1.00 73.05 ? 50  GLU A CD  1 
ATOM   417  O OE1 . GLU A 1 50  ? 19.558  4.814   -3.049  1.00 77.17 ? 50  GLU A OE1 1 
ATOM   418  O OE2 . GLU A 1 50  ? 19.215  4.262   -0.946  1.00 78.15 ? 50  GLU A OE2 1 
ATOM   419  N N   . GLY A 1 51  ? 20.747  -2.049  -1.131  1.00 22.75 ? 51  GLY A N   1 
ATOM   420  C CA  . GLY A 1 51  ? 21.023  -3.114  -0.194  1.00 26.28 ? 51  GLY A CA  1 
ATOM   421  C C   . GLY A 1 51  ? 19.727  -3.718  0.241   1.00 24.36 ? 51  GLY A C   1 
ATOM   422  O O   . GLY A 1 51  ? 18.833  -3.929  -0.599  1.00 22.56 ? 51  GLY A O   1 
ATOM   423  N N   . LYS A 1 52  ? 19.587  -3.820  1.565   1.00 22.18 ? 52  LYS A N   1 
ATOM   424  C CA  . LYS A 1 52  ? 18.395  -4.380  2.175   1.00 18.80 ? 52  LYS A CA  1 
ATOM   425  C C   . LYS A 1 52  ? 17.339  -3.309  2.449   1.00 26.99 ? 52  LYS A C   1 
ATOM   426  O O   . LYS A 1 52  ? 16.840  -3.146  3.569   1.00 33.83 ? 52  LYS A O   1 
ATOM   427  C CB  . LYS A 1 52  ? 18.740  -5.066  3.510   1.00 22.90 ? 52  LYS A CB  1 
ATOM   428  C CG  . LYS A 1 52  ? 19.789  -6.192  3.449   1.00 32.18 ? 52  LYS A CG  1 
ATOM   429  C CD  . LYS A 1 52  ? 19.917  -6.833  4.865   1.00 36.14 ? 52  LYS A CD  1 
ATOM   430  C CE  . LYS A 1 52  ? 21.320  -7.268  5.297   1.00 47.06 ? 52  LYS A CE  1 
ATOM   431  N NZ  . LYS A 1 52  ? 21.716  -8.620  4.846   1.00 47.21 ? 52  LYS A NZ  1 
ATOM   432  N N   . SER A 1 53  ? 17.025  -2.539  1.428   1.00 26.69 ? 53  SER A N   1 
ATOM   433  C CA  . SER A 1 53  ? 16.092  -1.450  1.619   1.00 24.51 ? 53  SER A CA  1 
ATOM   434  C C   . SER A 1 53  ? 15.784  -0.981  0.217   1.00 19.89 ? 53  SER A C   1 
ATOM   435  O O   . SER A 1 53  ? 16.378  -1.464  -0.788  1.00 19.75 ? 53  SER A O   1 
ATOM   436  C CB  . SER A 1 53  ? 16.719  -0.281  2.359   1.00 25.55 ? 53  SER A CB  1 
ATOM   437  O OG  . SER A 1 53  ? 17.432  0.552   1.487   1.00 25.38 ? 53  SER A OG  1 
ATOM   438  N N   . VAL A 1 54  ? 14.820  -0.091  0.174   1.00 17.75 ? 54  VAL A N   1 
ATOM   439  C CA  . VAL A 1 54  ? 14.459  0.577   -1.074  1.00 24.70 ? 54  VAL A CA  1 
ATOM   440  C C   . VAL A 1 54  ? 14.282  2.067   -0.843  1.00 29.49 ? 54  VAL A C   1 
ATOM   441  O O   . VAL A 1 54  ? 13.783  2.523   0.178   1.00 25.88 ? 54  VAL A O   1 
ATOM   442  C CB  . VAL A 1 54  ? 13.145  0.019   -1.682  1.00 31.19 ? 54  VAL A CB  1 
ATOM   443  C CG1 . VAL A 1 54  ? 12.494  1.029   -2.549  1.00 31.87 ? 54  VAL A CG1 1 
ATOM   444  C CG2 . VAL A 1 54  ? 13.344  -1.288  -2.481  1.00 23.89 ? 54  VAL A CG2 1 
ATOM   445  N N   . LYS A 1 55  ? 14.785  2.831   -1.790  1.00 18.36 ? 55  LYS A N   1 
ATOM   446  C CA  . LYS A 1 55  ? 14.535  4.252   -1.870  1.00 24.27 ? 55  LYS A CA  1 
ATOM   447  C C   . LYS A 1 55  ? 13.257  4.380   -2.697  1.00 23.05 ? 55  LYS A C   1 
ATOM   448  O O   . LYS A 1 55  ? 13.117  3.699   -3.711  1.00 21.01 ? 55  LYS A O   1 
ATOM   449  C CB  . LYS A 1 55  ? 15.733  4.990   -2.454  1.00 28.80 ? 55  LYS A CB  1 
ATOM   450  C CG  . LYS A 1 55  ? 15.425  6.125   -3.427  1.00 52.35 ? 55  LYS A CG  1 
ATOM   451  C CD  . LYS A 1 55  ? 16.387  7.302   -3.275  1.00 53.12 ? 55  LYS A CD  1 
ATOM   452  C CE  . LYS A 1 55  ? 15.970  8.132   -2.056  1.00 60.53 ? 55  LYS A CE  1 
ATOM   453  N NZ  . LYS A 1 55  ? 14.649  8.772   -2.298  1.00 51.85 ? 55  LYS A NZ  1 
ATOM   454  N N   . VAL A 1 56  ? 12.358  5.257   -2.266  1.00 17.49 ? 56  VAL A N   1 
ATOM   455  C CA  . VAL A 1 56  ? 11.026  5.429   -2.840  1.00 19.61 ? 56  VAL A CA  1 
ATOM   456  C C   . VAL A 1 56  ? 10.867  6.885   -3.271  1.00 24.21 ? 56  VAL A C   1 
ATOM   457  O O   . VAL A 1 56  ? 11.145  7.859   -2.522  1.00 26.14 ? 56  VAL A O   1 
ATOM   458  C CB  . VAL A 1 56  ? 10.023  5.079   -1.782  1.00 21.58 ? 56  VAL A CB  1 
ATOM   459  C CG1 . VAL A 1 56  ? 8.645   5.213   -2.301  1.00 23.55 ? 56  VAL A CG1 1 
ATOM   460  C CG2 . VAL A 1 56  ? 10.343  3.701   -1.206  1.00 30.21 ? 56  VAL A CG2 1 
ATOM   461  N N   . SER A 1 57  ? 10.547  7.044   -4.536  1.00 20.25 ? 57  SER A N   1 
ATOM   462  C CA  . SER A 1 57  ? 10.175  8.383   -4.957  1.00 20.63 ? 57  SER A CA  1 
ATOM   463  C C   . SER A 1 57  ? 8.720   8.207   -5.421  1.00 18.18 ? 57  SER A C   1 
ATOM   464  O O   . SER A 1 57  ? 8.541   7.566   -6.471  1.00 20.17 ? 57  SER A O   1 
ATOM   465  C CB  . SER A 1 57  ? 10.919  8.908   -6.207  1.00 31.03 ? 57  SER A CB  1 
ATOM   466  O OG  . SER A 1 57  ? 12.318  9.003   -6.082  1.00 31.00 ? 57  SER A OG  1 
ATOM   467  N N   . ARG A 1 58  ? 7.805   8.837   -4.692  1.00 16.97 ? 58  ARG A N   1 
ATOM   468  C CA  . ARG A 1 58  ? 6.386   8.657   -4.914  1.00 18.01 ? 58  ARG A CA  1 
ATOM   469  C C   . ARG A 1 58  ? 5.660   9.914   -5.300  1.00 18.25 ? 58  ARG A C   1 
ATOM   470  O O   . ARG A 1 58  ? 5.647   10.913  -4.585  1.00 26.03 ? 58  ARG A O   1 
ATOM   471  C CB  . ARG A 1 58  ? 5.772   8.046   -3.679  1.00 15.43 ? 58  ARG A CB  1 
ATOM   472  C CG  . ARG A 1 58  ? 4.219   7.883   -3.674  1.00 17.57 ? 58  ARG A CG  1 
ATOM   473  C CD  . ARG A 1 58  ? 3.783   7.114   -2.477  1.00 19.62 ? 58  ARG A CD  1 
ATOM   474  N NE  . ARG A 1 58  ? 2.408   6.684   -2.557  1.00 18.22 ? 58  ARG A NE  1 
ATOM   475  C CZ  . ARG A 1 58  ? 1.390   7.503   -2.428  1.00 23.37 ? 58  ARG A CZ  1 
ATOM   476  N NH1 . ARG A 1 58  ? 1.546   8.784   -2.123  1.00 20.03 ? 58  ARG A NH1 1 
ATOM   477  N NH2 . ARG A 1 58  ? 0.193   7.019   -2.515  1.00 17.66 ? 58  ARG A NH2 1 
ATOM   478  N N   . TYR A 1 59  ? 5.069   9.835   -6.475  1.00 17.80 ? 59  TYR A N   1 
ATOM   479  C CA  . TYR A 1 59  ? 4.187   10.872  -7.024  1.00 13.77 ? 59  TYR A CA  1 
ATOM   480  C C   . TYR A 1 59  ? 2.726   10.691  -6.701  1.00 22.60 ? 59  TYR A C   1 
ATOM   481  O O   . TYR A 1 59  ? 2.184   9.585   -6.882  1.00 20.42 ? 59  TYR A O   1 
ATOM   482  C CB  . TYR A 1 59  ? 4.315   10.817  -8.559  1.00 21.13 ? 59  TYR A CB  1 
ATOM   483  C CG  . TYR A 1 59  ? 3.422   11.821  -9.224  1.00 21.86 ? 59  TYR A CG  1 
ATOM   484  C CD1 . TYR A 1 59  ? 3.889   13.108  -9.509  1.00 23.28 ? 59  TYR A CD1 1 
ATOM   485  C CD2 . TYR A 1 59  ? 2.087   11.524  -9.502  1.00 22.91 ? 59  TYR A CD2 1 
ATOM   486  C CE1 . TYR A 1 59  ? 3.111   14.042  -10.058 1.00 28.02 ? 59  TYR A CE1 1 
ATOM   487  C CE2 . TYR A 1 59  ? 1.267   12.485  -10.038 1.00 28.38 ? 59  TYR A CE2 1 
ATOM   488  C CZ  . TYR A 1 59  ? 1.815   13.739  -10.322 1.00 29.77 ? 59  TYR A CZ  1 
ATOM   489  O OH  . TYR A 1 59  ? 1.107   14.779  -10.840 1.00 37.10 ? 59  TYR A OH  1 
ATOM   490  N N   . SER A 1 60  ? 2.080   11.776  -6.297  1.00 21.41 ? 60  SER A N   1 
ATOM   491  C CA  . SER A 1 60  ? 0.622   11.765  -6.177  1.00 25.27 ? 60  SER A CA  1 
ATOM   492  C C   . SER A 1 60  ? 0.081   13.182  -6.250  1.00 20.80 ? 60  SER A C   1 
ATOM   493  O O   . SER A 1 60  ? 0.826   14.157  -6.206  1.00 18.34 ? 60  SER A O   1 
ATOM   494  C CB  . SER A 1 60  ? 0.189   11.138  -4.851  1.00 18.47 ? 60  SER A CB  1 
ATOM   495  O OG  . SER A 1 60  ? 0.565   11.895  -3.701  1.00 20.55 ? 60  SER A OG  1 
ATOM   496  N N   . VAL A 1 61  ? -1.223  13.267  -6.347  1.00 21.65 ? 61  VAL A N   1 
ATOM   497  C CA  . VAL A 1 61  ? -1.909  14.545  -6.263  1.00 24.15 ? 61  VAL A CA  1 
ATOM   498  C C   . VAL A 1 61  ? -2.665  14.556  -4.948  1.00 21.68 ? 61  VAL A C   1 
ATOM   499  O O   . VAL A 1 61  ? -3.679  13.836  -4.660  1.00 20.61 ? 61  VAL A O   1 
ATOM   500  C CB  . VAL A 1 61  ? -2.790  14.811  -7.502  1.00 22.22 ? 61  VAL A CB  1 
ATOM   501  C CG1 . VAL A 1 61  ? -3.524  16.132  -7.381  1.00 18.50 ? 61  VAL A CG1 1 
ATOM   502  C CG2 . VAL A 1 61  ? -1.977  14.577  -8.829  1.00 19.28 ? 61  VAL A CG2 1 
ATOM   503  N N   . ILE A 1 62  ? -2.296  15.535  -4.130  1.00 17.97 ? 62  ILE A N   1 
ATOM   504  C CA  . ILE A 1 62  ? -2.821  15.594  -2.756  1.00 16.25 ? 62  ILE A CA  1 
ATOM   505  C C   . ILE A 1 62  ? -3.495  16.974  -2.562  1.00 23.83 ? 62  ILE A C   1 
ATOM   506  O O   . ILE A 1 62  ? -2.905  18.063  -2.800  1.00 21.67 ? 62  ILE A O   1 
ATOM   507  C CB  . ILE A 1 62  ? -1.749  15.373  -1.752  1.00 14.59 ? 62  ILE A CB  1 
ATOM   508  C CG1 . ILE A 1 62  ? -0.850  14.085  -1.851  1.00 19.76 ? 62  ILE A CG1 1 
ATOM   509  C CG2 . ILE A 1 62  ? -2.128  15.786  -0.236  1.00 17.47 ? 62  ILE A CG2 1 
ATOM   510  C CD1 . ILE A 1 62  ? 0.405   13.955  -0.879  1.00 21.67 ? 62  ILE A CD1 1 
ATOM   511  N N   . HIS A 1 63  ? -4.744  16.943  -2.113  1.00 24.13 ? 63  HIS A N   1 
ATOM   512  C CA  . HIS A 1 63  ? -5.557  18.162  -2.030  1.00 22.82 ? 63  HIS A CA  1 
ATOM   513  C C   . HIS A 1 63  ? -5.427  19.034  -3.230  1.00 26.79 ? 63  HIS A C   1 
ATOM   514  O O   . HIS A 1 63  ? -5.338  20.239  -3.151  1.00 24.53 ? 63  HIS A O   1 
ATOM   515  C CB  . HIS A 1 63  ? -5.276  18.944  -0.768  1.00 19.12 ? 63  HIS A CB  1 
ATOM   516  C CG  . HIS A 1 63  ? -5.452  18.082  0.416   1.00 25.30 ? 63  HIS A CG  1 
ATOM   517  N ND1 . HIS A 1 63  ? -6.651  17.434  0.639   1.00 23.16 ? 63  HIS A ND1 1 
ATOM   518  C CD2 . HIS A 1 63  ? -4.584  17.666  1.375   1.00 24.39 ? 63  HIS A CD2 1 
ATOM   519  C CE1 . HIS A 1 63  ? -6.515  16.692  1.724   1.00 26.32 ? 63  HIS A CE1 1 
ATOM   520  N NE2 . HIS A 1 63  ? -5.282  16.808  2.185   1.00 27.16 ? 63  HIS A NE2 1 
ATOM   521  N N   . GLY A 1 64  ? -5.395  18.371  -4.362  1.00 22.56 ? 64  GLY A N   1 
ATOM   522  C CA  . GLY A 1 64  ? -5.461  19.048  -5.632  1.00 29.11 ? 64  GLY A CA  1 
ATOM   523  C C   . GLY A 1 64  ? -4.128  19.520  -6.152  1.00 26.25 ? 64  GLY A C   1 
ATOM   524  O O   . GLY A 1 64  ? -4.107  20.003  -7.287  1.00 30.45 ? 64  GLY A O   1 
ATOM   525  N N   . LYS A 1 65  ? -3.050  19.297  -5.396  1.00 25.36 ? 65  LYS A N   1 
ATOM   526  C CA  . LYS A 1 65  ? -1.710  19.794  -5.761  1.00 30.09 ? 65  LYS A CA  1 
ATOM   527  C C   . LYS A 1 65  ? -0.749  18.652  -5.989  1.00 24.03 ? 65  LYS A C   1 
ATOM   528  O O   . LYS A 1 65  ? -0.741  17.704  -5.195  1.00 23.38 ? 65  LYS A O   1 
ATOM   529  C CB  . LYS A 1 65  ? -1.123  20.638  -4.641  1.00 31.46 ? 65  LYS A CB  1 
ATOM   530  C CG  . LYS A 1 65  ? 0.427   21.008  -4.804  1.00 51.86 ? 65  LYS A CG  1 
ATOM   531  C CD  . LYS A 1 65  ? 0.858   22.123  -3.825  1.00 66.31 ? 65  LYS A CD  1 
ATOM   532  C CE  . LYS A 1 65  ? 2.333   22.589  -3.867  1.00 65.16 ? 65  LYS A CE  1 
ATOM   533  N NZ  . LYS A 1 65  ? 2.465   23.667  -2.830  1.00 67.01 ? 65  LYS A NZ  1 
ATOM   534  N N   . GLU A 1 66  ? 0.048   18.713  -7.063  1.00 21.94 ? 66  GLU A N   1 
ATOM   535  C CA  . GLU A 1 66  ? 0.994   17.602  -7.202  1.00 24.34 ? 66  GLU A CA  1 
ATOM   536  C C   . GLU A 1 66  ? 2.110   17.588  -6.170  1.00 26.35 ? 66  GLU A C   1 
ATOM   537  O O   . GLU A 1 66  ? 2.671   18.608  -5.764  1.00 25.61 ? 66  GLU A O   1 
ATOM   538  C CB  . GLU A 1 66  ? 1.753   17.542  -8.545  1.00 31.86 ? 66  GLU A CB  1 
ATOM   539  C CG  . GLU A 1 66  ? 0.971   17.785  -9.809  1.00 41.04 ? 66  GLU A CG  1 
ATOM   540  C CD  . GLU A 1 66  ? 1.928   18.035  -10.949 1.00 38.07 ? 66  GLU A CD  1 
ATOM   541  O OE1 . GLU A 1 66  ? 2.279   17.109  -11.675 1.00 35.79 ? 66  GLU A OE1 1 
ATOM   542  O OE2 . GLU A 1 66  ? 2.366   19.170  -11.119 1.00 35.87 ? 66  GLU A OE2 1 
ATOM   543  N N   . TYR A 1 67  ? 2.512   16.381  -5.778  1.00 21.50 ? 67  TYR A N   1 
ATOM   544  C CA  . TYR A 1 67  ? 3.644   16.240  -4.871  1.00 23.19 ? 67  TYR A CA  1 
ATOM   545  C C   . TYR A 1 67  ? 4.539   15.087  -5.247  1.00 32.45 ? 67  TYR A C   1 
ATOM   546  O O   . TYR A 1 67  ? 4.027   14.048  -5.656  1.00 25.60 ? 67  TYR A O   1 
ATOM   547  C CB  . TYR A 1 67  ? 3.246   15.924  -3.438  1.00 29.53 ? 67  TYR A CB  1 
ATOM   548  C CG  . TYR A 1 67  ? 2.690   17.129  -2.849  1.00 42.47 ? 67  TYR A CG  1 
ATOM   549  C CD1 . TYR A 1 67  ? 1.349   17.364  -3.003  1.00 33.17 ? 67  TYR A CD1 1 
ATOM   550  C CD2 . TYR A 1 67  ? 3.491   18.059  -2.208  1.00 43.55 ? 67  TYR A CD2 1 
ATOM   551  C CE1 . TYR A 1 67  ? 0.803   18.464  -2.536  1.00 34.56 ? 67  TYR A CE1 1 
ATOM   552  C CE2 . TYR A 1 67  ? 2.941   19.205  -1.715  1.00 39.65 ? 67  TYR A CE2 1 
ATOM   553  C CZ  . TYR A 1 67  ? 1.585   19.402  -1.901  1.00 39.52 ? 67  TYR A CZ  1 
ATOM   554  O OH  . TYR A 1 67  ? 0.912   20.526  -1.444  1.00 30.16 ? 67  TYR A OH  1 
ATOM   555  N N   . PHE A 1 68  ? 5.847   15.269  -5.090  1.00 30.67 ? 68  PHE A N   1 
ATOM   556  C CA  . PHE A 1 68  ? 6.752   14.133  -4.978  1.00 23.11 ? 68  PHE A CA  1 
ATOM   557  C C   . PHE A 1 68  ? 7.139   13.952  -3.492  1.00 30.99 ? 68  PHE A C   1 
ATOM   558  O O   . PHE A 1 68  ? 7.530   14.903  -2.795  1.00 28.62 ? 68  PHE A O   1 
ATOM   559  C CB  . PHE A 1 68  ? 7.995   14.306  -5.861  1.00 37.20 ? 68  PHE A CB  1 
ATOM   560  C CG  . PHE A 1 68  ? 7.919   13.682  -7.242  1.00 30.51 ? 68  PHE A CG  1 
ATOM   561  C CD1 . PHE A 1 68  ? 7.982   14.481  -8.370  1.00 39.90 ? 68  PHE A CD1 1 
ATOM   562  C CD2 . PHE A 1 68  ? 7.850   12.309  -7.427  1.00 38.18 ? 68  PHE A CD2 1 
ATOM   563  C CE1 . PHE A 1 68  ? 7.941   13.946  -9.646  1.00 41.63 ? 68  PHE A CE1 1 
ATOM   564  C CE2 . PHE A 1 68  ? 7.797   11.735  -8.711  1.00 40.30 ? 68  PHE A CE2 1 
ATOM   565  C CZ  . PHE A 1 68  ? 7.842   12.557  -9.839  1.00 34.71 ? 68  PHE A CZ  1 
ATOM   566  N N   . SER A 1 69  ? 7.059   12.726  -2.972  1.00 18.81 ? 69  SER A N   1 
ATOM   567  C CA  . SER A 1 69  ? 7.740   12.383  -1.711  1.00 19.01 ? 69  SER A CA  1 
ATOM   568  C C   . SER A 1 69  ? 8.974   11.463  -1.917  1.00 26.20 ? 69  SER A C   1 
ATOM   569  O O   . SER A 1 69  ? 9.030   10.532  -2.753  1.00 26.80 ? 69  SER A O   1 
ATOM   570  C CB  . SER A 1 69  ? 6.726   11.779  -0.763  1.00 22.26 ? 69  SER A CB  1 
ATOM   571  O OG  . SER A 1 69  ? 6.385   10.450  -1.154  1.00 33.67 ? 69  SER A OG  1 
ATOM   572  N N   . GLU A 1 70  ? 10.011  11.743  -1.137  1.00 23.00 ? 70  GLU A N   1 
ATOM   573  C CA  . GLU A 1 70  ? 11.273  11.033  -1.167  1.00 19.18 ? 70  GLU A CA  1 
ATOM   574  C C   . GLU A 1 70  ? 11.206  10.293  0.122   1.00 20.80 ? 70  GLU A C   1 
ATOM   575  O O   . GLU A 1 70  ? 10.810  10.905  1.138   1.00 22.09 ? 70  GLU A O   1 
ATOM   576  C CB  . GLU A 1 70  ? 12.508  11.950  -1.219  1.00 30.94 ? 70  GLU A CB  1 
ATOM   577  C CG  . GLU A 1 70  ? 12.831  12.735  0.041   1.00 46.48 ? 70  GLU A CG  1 
ATOM   578  C CD  . GLU A 1 70  ? 13.605  14.047  -0.143  1.00 53.37 ? 70  GLU A CD  1 
ATOM   579  O OE1 . GLU A 1 70  ? 14.326  14.247  -1.143  1.00 50.74 ? 70  GLU A OE1 1 
ATOM   580  O OE2 . GLU A 1 70  ? 13.459  14.909  0.754   1.00 44.55 ? 70  GLU A OE2 1 
ATOM   581  N N   . GLY A 1 71  ? 11.539  9.008   0.054   1.00 26.65 ? 71  GLY A N   1 
ATOM   582  C CA  . GLY A 1 71  ? 11.352  8.141   1.205   1.00 30.74 ? 71  GLY A CA  1 
ATOM   583  C C   . GLY A 1 71  ? 12.138  6.863   1.133   1.00 27.23 ? 71  GLY A C   1 
ATOM   584  O O   . GLY A 1 71  ? 12.885  6.652   0.185   1.00 20.63 ? 71  GLY A O   1 
ATOM   585  N N   . THR A 1 72  ? 11.972  5.991   2.123   1.00 18.71 ? 72  THR A N   1 
ATOM   586  C CA  . THR A 1 72  ? 12.731  4.742   2.097   1.00 25.23 ? 72  THR A CA  1 
ATOM   587  C C   . THR A 1 72  ? 11.819  3.699   2.624   1.00 24.61 ? 72  THR A C   1 
ATOM   588  O O   . THR A 1 72  ? 10.803  4.031   3.208   1.00 31.56 ? 72  THR A O   1 
ATOM   589  C CB  . THR A 1 72  ? 13.898  4.793   3.025   1.00 25.28 ? 72  THR A CB  1 
ATOM   590  O OG1 . THR A 1 72  ? 13.371  5.119   4.303   1.00 36.52 ? 72  THR A OG1 1 
ATOM   591  C CG2 . THR A 1 72  ? 14.855  5.964   2.679   1.00 26.66 ? 72  THR A CG2 1 
ATOM   592  N N   . ALA A 1 73  ? 12.157  2.452   2.349   1.00 18.47 ? 73  ALA A N   1 
ATOM   593  C CA  . ALA A 1 73  ? 11.509  1.320   2.994   1.00 19.13 ? 73  ALA A CA  1 
ATOM   594  C C   . ALA A 1 73  ? 12.565  0.277   3.399   1.00 25.45 ? 73  ALA A C   1 
ATOM   595  O O   . ALA A 1 73  ? 13.629  0.103   2.777   1.00 20.89 ? 73  ALA A O   1 
ATOM   596  C CB  . ALA A 1 73  ? 10.487  0.733   2.119   1.00 21.63 ? 73  ALA A CB  1 
ATOM   597  N N   . TYR A 1 74  ? 12.262  -0.393  4.511   1.00 22.42 ? 74  TYR A N   1 
ATOM   598  C CA  . TYR A 1 74  ? 13.099  -1.445  5.053   1.00 22.51 ? 74  TYR A CA  1 
ATOM   599  C C   . TYR A 1 74  ? 12.304  -2.579  5.673   1.00 21.83 ? 74  TYR A C   1 
ATOM   600  O O   . TYR A 1 74  ? 11.239  -2.417  6.264   1.00 18.65 ? 74  TYR A O   1 
ATOM   601  C CB  . TYR A 1 74  ? 13.961  -0.969  6.218   1.00 21.99 ? 74  TYR A CB  1 
ATOM   602  C CG  . TYR A 1 74  ? 15.103  -0.002  5.948   1.00 21.65 ? 74  TYR A CG  1 
ATOM   603  C CD1 . TYR A 1 74  ? 14.909  1.367   5.997   1.00 31.87 ? 74  TYR A CD1 1 
ATOM   604  C CD2 . TYR A 1 74  ? 16.382  -0.449  5.739   1.00 23.15 ? 74  TYR A CD2 1 
ATOM   605  C CE1 . TYR A 1 74  ? 15.964  2.272   5.780   1.00 29.24 ? 74  TYR A CE1 1 
ATOM   606  C CE2 . TYR A 1 74  ? 17.427  0.442   5.531   1.00 23.02 ? 74  TYR A CE2 1 
ATOM   607  C CZ  . TYR A 1 74  ? 17.204  1.801   5.551   1.00 28.04 ? 74  TYR A CZ  1 
ATOM   608  O OH  . TYR A 1 74  ? 18.227  2.717   5.349   1.00 38.30 ? 74  TYR A OH  1 
ATOM   609  N N   . PRO A 1 75  ? 12.881  -3.753  5.596   1.00 18.41 ? 75  PRO A N   1 
ATOM   610  C CA  . PRO A 1 75  ? 12.318  -4.869  6.337   1.00 24.53 ? 75  PRO A CA  1 
ATOM   611  C C   . PRO A 1 75  ? 12.563  -4.710  7.816   1.00 25.61 ? 75  PRO A C   1 
ATOM   612  O O   . PRO A 1 75  ? 13.529  -4.154  8.318   1.00 27.08 ? 75  PRO A O   1 
ATOM   613  C CB  . PRO A 1 75  ? 13.202  -6.074  5.895   1.00 26.03 ? 75  PRO A CB  1 
ATOM   614  C CG  . PRO A 1 75  ? 14.220  -5.576  4.961   1.00 25.26 ? 75  PRO A CG  1 
ATOM   615  C CD  . PRO A 1 75  ? 14.019  -4.142  4.753   1.00 20.60 ? 75  PRO A CD  1 
ATOM   616  N N   . VAL A 1 76  ? 11.554  -5.217  8.499   1.00 16.33 ? 76  VAL A N   1 
ATOM   617  C CA  . VAL A 1 76  ? 11.468  -5.433  9.935   1.00 20.50 ? 76  VAL A CA  1 
ATOM   618  C C   . VAL A 1 76  ? 11.477  -6.929  10.211  1.00 21.65 ? 76  VAL A C   1 
ATOM   619  O O   . VAL A 1 76  ? 10.556  -7.690  9.865   1.00 20.54 ? 76  VAL A O   1 
ATOM   620  C CB  . VAL A 1 76  ? 10.195  -4.845  10.554  1.00 23.19 ? 76  VAL A CB  1 
ATOM   621  C CG1 . VAL A 1 76  ? 10.171  -5.097  12.031  1.00 22.54 ? 76  VAL A CG1 1 
ATOM   622  C CG2 . VAL A 1 76  ? 10.161  -3.357  10.281  1.00 23.94 ? 76  VAL A CG2 1 
ATOM   623  N N   . GLY A 1 77  ? 12.581  -7.337  10.814  1.00 22.84 ? 77  GLY A N   1 
ATOM   624  C CA  . GLY A 1 77  ? 12.889  -8.688  11.209  1.00 19.03 ? 77  GLY A CA  1 
ATOM   625  C C   . GLY A 1 77  ? 12.955  -9.576  9.972   1.00 15.70 ? 77  GLY A C   1 
ATOM   626  O O   . GLY A 1 77  ? 13.533  -9.168  8.986   1.00 22.51 ? 77  GLY A O   1 
ATOM   627  N N   . ASP A 1 78  ? 12.374  -10.770 9.994   1.00 21.40 ? 78  ASP A N   1 
ATOM   628  C CA  . ASP A 1 78  ? 12.523  -11.682 8.868   1.00 21.19 ? 78  ASP A CA  1 
ATOM   629  C C   . ASP A 1 78  ? 11.823  -11.090 7.637   1.00 18.63 ? 78  ASP A C   1 
ATOM   630  O O   . ASP A 1 78  ? 10.589  -10.929 7.629   1.00 24.28 ? 78  ASP A O   1 
ATOM   631  C CB  . ASP A 1 78  ? 11.751  -12.925 9.247   1.00 29.91 ? 78  ASP A CB  1 
ATOM   632  C CG  . ASP A 1 78  ? 11.890  -14.042 8.241   1.00 28.87 ? 78  ASP A CG  1 
ATOM   633  O OD1 . ASP A 1 78  ? 12.420  -13.891 7.113   1.00 37.33 ? 78  ASP A OD1 1 
ATOM   634  O OD2 . ASP A 1 78  ? 11.455  -15.161 8.588   1.00 36.90 ? 78  ASP A OD2 1 
ATOM   635  N N   . SER A 1 79  ? 12.568  -10.838 6.583   1.00 22.03 ? 79  SER A N   1 
ATOM   636  C CA  . SER A 1 79  ? 11.984  -10.157 5.425   1.00 25.02 ? 79  SER A CA  1 
ATOM   637  C C   . SER A 1 79  ? 10.771  -10.897 4.857   1.00 22.25 ? 79  SER A C   1 
ATOM   638  O O   . SER A 1 79  ? 9.865   -10.300 4.259   1.00 24.51 ? 79  SER A O   1 
ATOM   639  C CB  . SER A 1 79  ? 13.044  -9.943  4.346   1.00 24.15 ? 79  SER A CB  1 
ATOM   640  O OG  . SER A 1 79  ? 13.580  -11.190 3.976   1.00 29.97 ? 79  SER A OG  1 
ATOM   641  N N   . LYS A 1 80  ? 10.741  -12.214 5.009   1.00 26.05 ? 80  LYS A N   1 
ATOM   642  C CA  . LYS A 1 80  ? 9.658   -12.996 4.414   1.00 26.54 ? 80  LYS A CA  1 
ATOM   643  C C   . LYS A 1 80  ? 8.277   -12.746 5.029   1.00 25.66 ? 80  LYS A C   1 
ATOM   644  O O   . LYS A 1 80  ? 7.247   -13.143 4.414   1.00 27.24 ? 80  LYS A O   1 
ATOM   645  C CB  . LYS A 1 80  ? 9.957   -14.472 4.597   1.00 26.71 ? 80  LYS A CB  1 
ATOM   646  C CG  . LYS A 1 80  ? 10.976  -15.062 3.648   1.00 29.46 ? 80  LYS A CG  1 
ATOM   647  C CD  . LYS A 1 80  ? 11.102  -16.619 3.780   1.00 35.74 ? 80  LYS A CD  1 
ATOM   648  C CE  . LYS A 1 80  ? 12.354  -17.093 4.553   1.00 44.40 ? 80  LYS A CE  1 
ATOM   649  N NZ  . LYS A 1 80  ? 12.281  -17.156 6.062   1.00 54.30 ? 80  LYS A NZ  1 
ATOM   650  N N   . ILE A 1 81  ? 8.229   -12.140 6.227   1.00 22.76 ? 81  ILE A N   1 
ATOM   651  C CA  . ILE A 1 81  ? 6.911   -11.914 6.824   1.00 23.89 ? 81  ILE A CA  1 
ATOM   652  C C   . ILE A 1 81  ? 6.200   -10.650 6.387   1.00 24.04 ? 81  ILE A C   1 
ATOM   653  O O   . ILE A 1 81  ? 5.086   -10.430 6.863   1.00 24.86 ? 81  ILE A O   1 
ATOM   654  C CB  . ILE A 1 81  ? 6.833   -12.066 8.355   1.00 26.40 ? 81  ILE A CB  1 
ATOM   655  C CG1 . ILE A 1 81  ? 7.433   -10.836 9.043   1.00 34.28 ? 81  ILE A CG1 1 
ATOM   656  C CG2 . ILE A 1 81  ? 7.464   -13.417 8.749   1.00 36.01 ? 81  ILE A CG2 1 
ATOM   657  C CD1 . ILE A 1 81  ? 7.337   -10.930 10.556  1.00 33.85 ? 81  ILE A CD1 1 
ATOM   658  N N   . GLY A 1 82  ? 6.820   -9.866  5.511   1.00 24.46 ? 82  GLY A N   1 
ATOM   659  C CA  . GLY A 1 82  ? 6.185   -8.679  4.956   1.00 23.39 ? 82  GLY A CA  1 
ATOM   660  C C   . GLY A 1 82  ? 5.822   -7.602  5.951   1.00 24.06 ? 82  GLY A C   1 
ATOM   661  O O   . GLY A 1 82  ? 4.764   -6.987  5.778   1.00 22.42 ? 82  GLY A O   1 
ATOM   662  N N   . LYS A 1 83  ? 6.656   -7.426  6.980   1.00 17.24 ? 83  LYS A N   1 
ATOM   663  C CA  . LYS A 1 83  ? 6.503   -6.333  7.885   1.00 12.97 ? 83  LYS A CA  1 
ATOM   664  C C   . LYS A 1 83  ? 7.500   -5.248  7.370   1.00 17.71 ? 83  LYS A C   1 
ATOM   665  O O   . LYS A 1 83  ? 8.710   -5.488  7.334   1.00 17.35 ? 83  LYS A O   1 
ATOM   666  C CB  . LYS A 1 83  ? 6.792   -6.772  9.285   1.00 13.43 ? 83  LYS A CB  1 
ATOM   667  C CG  . LYS A 1 83  ? 6.441   -5.761  10.317  1.00 18.81 ? 83  LYS A CG  1 
ATOM   668  C CD  . LYS A 1 83  ? 6.508   -6.269  11.784  1.00 23.67 ? 83  LYS A CD  1 
ATOM   669  C CE  . LYS A 1 83  ? 5.433   -7.342  12.110  1.00 26.03 ? 83  LYS A CE  1 
ATOM   670  N NZ  . LYS A 1 83  ? 4.048   -6.769  12.083  1.00 16.18 ? 83  LYS A NZ  1 
ATOM   671  N N   . ILE A 1 84  ? 6.943   -4.094  7.007   1.00 18.52 ? 84  ILE A N   1 
ATOM   672  C CA  . ILE A 1 84  ? 7.643   -3.027  6.271   1.00 19.20 ? 84  ILE A CA  1 
ATOM   673  C C   . ILE A 1 84  ? 7.643   -1.639  6.935   1.00 21.39 ? 84  ILE A C   1 
ATOM   674  O O   . ILE A 1 84  ? 6.639   -0.945  7.027   1.00 21.67 ? 84  ILE A O   1 
ATOM   675  C CB  . ILE A 1 84  ? 6.991   -2.756  4.871   1.00 24.75 ? 84  ILE A CB  1 
ATOM   676  C CG1 . ILE A 1 84  ? 6.522   -4.014  4.143   1.00 31.79 ? 84  ILE A CG1 1 
ATOM   677  C CG2 . ILE A 1 84  ? 7.878   -1.868  3.971   1.00 17.90 ? 84  ILE A CG2 1 
ATOM   678  C CD1 . ILE A 1 84  ? 7.557   -5.023  3.963   1.00 28.20 ? 84  ILE A CD1 1 
ATOM   679  N N   . TYR A 1 85  ? 8.848   -1.260  7.348   1.00 20.39 ? 85  TYR A N   1 
ATOM   680  C CA  . TYR A 1 85  ? 9.106   0.101   7.819   1.00 25.34 ? 85  TYR A CA  1 
ATOM   681  C C   . TYR A 1 85  ? 9.221   0.989   6.617   1.00 17.67 ? 85  TYR A C   1 
ATOM   682  O O   . TYR A 1 85  ? 9.819   0.575   5.603   1.00 21.45 ? 85  TYR A O   1 
ATOM   683  C CB  . TYR A 1 85  ? 10.412  0.218   8.535   1.00 16.28 ? 85  TYR A CB  1 
ATOM   684  C CG  . TYR A 1 85  ? 10.898  1.640   8.646   1.00 17.28 ? 85  TYR A CG  1 
ATOM   685  C CD1 . TYR A 1 85  ? 11.631  2.232   7.645   1.00 17.26 ? 85  TYR A CD1 1 
ATOM   686  C CD2 . TYR A 1 85  ? 10.592  2.396   9.762   1.00 21.62 ? 85  TYR A CD2 1 
ATOM   687  C CE1 . TYR A 1 85  ? 12.109  3.518   7.759   1.00 16.38 ? 85  TYR A CE1 1 
ATOM   688  C CE2 . TYR A 1 85  ? 11.044  3.677   9.905   1.00 20.71 ? 85  TYR A CE2 1 
ATOM   689  C CZ  . TYR A 1 85  ? 11.797  4.241   8.915   1.00 18.31 ? 85  TYR A CZ  1 
ATOM   690  O OH  . TYR A 1 85  ? 12.217  5.550   9.100   1.00 21.03 ? 85  TYR A OH  1 
ATOM   691  N N   . HIS A 1 86  ? 8.596   2.162   6.673   1.00 15.60 ? 86  HIS A N   1 
ATOM   692  C CA  . HIS A 1 86  ? 8.761   3.155   5.620   1.00 20.61 ? 86  HIS A CA  1 
ATOM   693  C C   . HIS A 1 86  ? 8.895   4.573   6.169   1.00 21.87 ? 86  HIS A C   1 
ATOM   694  O O   . HIS A 1 86  ? 8.347   4.887   7.263   1.00 22.04 ? 86  HIS A O   1 
ATOM   695  C CB  . HIS A 1 86  ? 7.665   3.065   4.588   1.00 23.97 ? 86  HIS A CB  1 
ATOM   696  C CG  . HIS A 1 86  ? 6.313   3.475   5.045   1.00 39.26 ? 86  HIS A CG  1 
ATOM   697  N ND1 . HIS A 1 86  ? 5.532   4.355   4.328   1.00 57.56 ? 86  HIS A ND1 1 
ATOM   698  C CD2 . HIS A 1 86  ? 5.591   3.120   6.128   1.00 31.89 ? 86  HIS A CD2 1 
ATOM   699  C CE1 . HIS A 1 86  ? 4.385   4.527   4.959   1.00 55.18 ? 86  HIS A CE1 1 
ATOM   700  N NE2 . HIS A 1 86  ? 4.394   3.783   6.049   1.00 53.65 ? 86  HIS A NE2 1 
ATOM   701  N N   . SER A 1 87  ? 9.658   5.413   5.479   1.00 22.66 ? 87  SER A N   1 
ATOM   702  C CA  . SER A 1 87  ? 9.741   6.827   5.850   1.00 21.08 ? 87  SER A CA  1 
ATOM   703  C C   . SER A 1 87  ? 9.254   7.503   4.583   1.00 27.95 ? 87  SER A C   1 
ATOM   704  O O   . SER A 1 87  ? 9.423   6.888   3.512   1.00 21.82 ? 87  SER A O   1 
ATOM   705  C CB  . SER A 1 87  ? 11.146  7.355   6.116   1.00 25.31 ? 87  SER A CB  1 
ATOM   706  O OG  . SER A 1 87  ? 12.009  7.119   5.010   1.00 25.85 ? 87  SER A OG  1 
ATOM   707  N N   . TYR A 1 88  ? 8.759   8.744   4.692   1.00 21.33 ? 88  TYR A N   1 
ATOM   708  C CA  . TYR A 1 88  ? 8.352   9.578   3.548   1.00 21.19 ? 88  TYR A CA  1 
ATOM   709  C C   . TYR A 1 88  ? 8.389   11.027  4.024   1.00 29.60 ? 88  TYR A C   1 
ATOM   710  O O   . TYR A 1 88  ? 7.983   11.273  5.164   1.00 25.39 ? 88  TYR A O   1 
ATOM   711  C CB  . TYR A 1 88  ? 7.063   9.119   2.912   1.00 26.27 ? 88  TYR A CB  1 
ATOM   712  C CG  . TYR A 1 88  ? 5.928   9.455   3.762   1.00 35.06 ? 88  TYR A CG  1 
ATOM   713  C CD1 . TYR A 1 88  ? 5.288   10.665  3.558   1.00 35.13 ? 88  TYR A CD1 1 
ATOM   714  C CD2 . TYR A 1 88  ? 5.511   8.614   4.774   1.00 40.00 ? 88  TYR A CD2 1 
ATOM   715  C CE1 . TYR A 1 88  ? 4.246   11.046  4.318   1.00 41.38 ? 88  TYR A CE1 1 
ATOM   716  C CE2 . TYR A 1 88  ? 4.437   9.001   5.577   1.00 35.18 ? 88  TYR A CE2 1 
ATOM   717  C CZ  . TYR A 1 88  ? 3.825   10.209  5.327   1.00 42.57 ? 88  TYR A CZ  1 
ATOM   718  O OH  . TYR A 1 88  ? 2.768   10.717  6.021   1.00 38.08 ? 88  TYR A OH  1 
ATOM   719  N N   . THR A 1 89  ? 8.954   11.894  3.173   1.00 30.22 ? 89  THR A N   1 
ATOM   720  C CA  . THR A 1 89  ? 9.241   13.320  3.409   1.00 28.62 ? 89  THR A CA  1 
ATOM   721  C C   . THR A 1 89  ? 8.341   14.264  2.592   1.00 31.70 ? 89  THR A C   1 
ATOM   722  O O   . THR A 1 89  ? 8.334   14.076  1.368   1.00 39.14 ? 89  THR A O   1 
ATOM   723  C CB  . THR A 1 89  ? 10.722  13.483  3.052   1.00 34.18 ? 89  THR A CB  1 
ATOM   724  O OG1 . THR A 1 89  ? 11.506  12.542  3.824   1.00 37.74 ? 89  THR A OG1 1 
ATOM   725  C CG2 . THR A 1 89  ? 11.302  14.871  3.331   1.00 38.93 ? 89  THR A CG2 1 
ATOM   726  N N   . GLY A 1 92  ? 7.000   18.228  3.092   1.00 36.15 ? 92  GLY A N   1 
ATOM   727  C CA  . GLY A 1 92  ? 7.732   17.451  4.068   1.00 52.81 ? 92  GLY A CA  1 
ATOM   728  C C   . GLY A 1 92  ? 8.838   18.217  4.760   1.00 48.42 ? 92  GLY A C   1 
ATOM   729  O O   . GLY A 1 92  ? 9.391   19.153  4.161   1.00 61.44 ? 92  GLY A O   1 
ATOM   730  N N   . VAL A 1 93  ? 9.179   17.891  6.007   1.00 52.32 ? 93  VAL A N   1 
ATOM   731  C CA  . VAL A 1 93  ? 8.496   16.965  6.919   1.00 43.60 ? 93  VAL A CA  1 
ATOM   732  C C   . VAL A 1 93  ? 8.491   15.464  6.661   1.00 25.43 ? 93  VAL A C   1 
ATOM   733  O O   . VAL A 1 93  ? 7.617   14.949  6.005   1.00 37.55 ? 93  VAL A O   1 
ATOM   734  C CB  . VAL A 1 93  ? 7.045   17.397  7.232   1.00 48.67 ? 93  VAL A CB  1 
ATOM   735  C CG1 . VAL A 1 93  ? 6.369   16.482  8.252   1.00 50.33 ? 93  VAL A CG1 1 
ATOM   736  C CG2 . VAL A 1 93  ? 7.042   18.855  7.724   1.00 53.75 ? 93  VAL A CG2 1 
ATOM   737  N N   . THR A 1 94  ? 9.448   14.825  7.317   1.00 28.06 ? 94  THR A N   1 
ATOM   738  C CA  . THR A 1 94  ? 9.607   13.393  7.270   1.00 28.82 ? 94  THR A CA  1 
ATOM   739  C C   . THR A 1 94  ? 8.662   12.755  8.277   1.00 31.96 ? 94  THR A C   1 
ATOM   740  O O   . THR A 1 94  ? 8.554   13.240  9.389   1.00 30.21 ? 94  THR A O   1 
ATOM   741  C CB  . THR A 1 94  ? 11.112  13.112  7.501   1.00 37.43 ? 94  THR A CB  1 
ATOM   742  O OG1 . THR A 1 94  ? 11.898  13.638  6.403   1.00 34.63 ? 94  THR A OG1 1 
ATOM   743  C CG2 . THR A 1 94  ? 11.399  11.638  7.546   1.00 47.53 ? 94  THR A CG2 1 
ATOM   744  N N   . GLN A 1 95  ? 7.965   11.696  7.888   1.00 25.38 ? 95  GLN A N   1 
ATOM   745  C CA  . GLN A 1 95  ? 7.081   10.906  8.755   1.00 26.15 ? 95  GLN A CA  1 
ATOM   746  C C   . GLN A 1 95  ? 7.573   9.461   8.517   1.00 29.20 ? 95  GLN A C   1 
ATOM   747  O O   . GLN A 1 95  ? 8.141   9.187   7.453   1.00 21.48 ? 95  GLN A O   1 
ATOM   748  C CB  . GLN A 1 95  ? 5.621   11.064  8.311   1.00 32.02 ? 95  GLN A CB  1 
ATOM   749  C CG  . GLN A 1 95  ? 4.889   12.382  8.796   1.00 43.26 ? 95  GLN A CG  1 
ATOM   750  C CD  . GLN A 1 95  ? 3.743   12.918  7.917   1.00 56.03 ? 95  GLN A CD  1 
ATOM   751  O OE1 . GLN A 1 95  ? 2.776   12.217  7.614   1.00 58.65 ? 95  GLN A OE1 1 
ATOM   752  N NE2 . GLN A 1 95  ? 3.851   14.183  7.511   1.00 63.85 ? 95  GLN A NE2 1 
ATOM   753  N N   . GLU A 1 96  ? 7.396   8.581   9.502   1.00 21.05 ? 96  GLU A N   1 
ATOM   754  C CA  . GLU A 1 96  ? 7.782   7.175   9.398   1.00 18.47 ? 96  GLU A CA  1 
ATOM   755  C C   . GLU A 1 96  ? 6.746   6.313   10.105  1.00 16.62 ? 96  GLU A C   1 
ATOM   756  O O   . GLU A 1 96  ? 5.983   6.769   11.015  1.00 22.34 ? 96  GLU A O   1 
ATOM   757  C CB  . GLU A 1 96  ? 9.170   6.950   9.945   1.00 18.35 ? 96  GLU A CB  1 
ATOM   758  C CG  . GLU A 1 96  ? 9.280   7.225   11.469  1.00 20.45 ? 96  GLU A CG  1 
ATOM   759  C CD  . GLU A 1 96  ? 10.675  7.107   12.004  1.00 22.62 ? 96  GLU A CD  1 
ATOM   760  O OE1 . GLU A 1 96  ? 10.864  7.293   13.247  1.00 21.56 ? 96  GLU A OE1 1 
ATOM   761  O OE2 . GLU A 1 96  ? 11.608  6.829   11.205  1.00 22.01 ? 96  GLU A OE2 1 
ATOM   762  N N   . GLY A 1 97  ? 6.796   5.047   9.780   1.00 22.60 ? 97  GLY A N   1 
ATOM   763  C CA  . GLY A 1 97  ? 5.912   4.062   10.337  1.00 24.85 ? 97  GLY A CA  1 
ATOM   764  C C   . GLY A 1 97  ? 6.173   2.677   9.816   1.00 19.00 ? 97  GLY A C   1 
ATOM   765  O O   . GLY A 1 97  ? 7.119   2.411   9.104   1.00 18.87 ? 97  GLY A O   1 
ATOM   766  N N   . VAL A 1 98  ? 5.264   1.794   10.198  1.00 23.29 ? 98  VAL A N   1 
ATOM   767  C CA  . VAL A 1 98  ? 5.354   0.390   9.894   1.00 22.07 ? 98  VAL A CA  1 
ATOM   768  C C   . VAL A 1 98  ? 4.020   -0.055  9.339   1.00 29.77 ? 98  VAL A C   1 
ATOM   769  O O   . VAL A 1 98  ? 3.005   0.283   9.915   1.00 21.15 ? 98  VAL A O   1 
ATOM   770  C CB  . VAL A 1 98  ? 5.598   -0.392  11.182  1.00 21.84 ? 98  VAL A CB  1 
ATOM   771  C CG1 . VAL A 1 98  ? 5.764   -1.851  10.857  1.00 30.98 ? 98  VAL A CG1 1 
ATOM   772  C CG2 . VAL A 1 98  ? 6.866   0.080   11.865  1.00 35.99 ? 98  VAL A CG2 1 
ATOM   773  N N   . PHE A 1 99  ? 4.029   -0.798  8.239   1.00 23.86 ? 99  PHE A N   1 
ATOM   774  C CA  . PHE A 1 99  ? 2.837   -1.407  7.682   1.00 21.76 ? 99  PHE A CA  1 
ATOM   775  C C   . PHE A 1 99  ? 3.106   -2.895  7.402   1.00 25.18 ? 99  PHE A C   1 
ATOM   776  O O   . PHE A 1 99  ? 4.254   -3.378  7.429   1.00 21.98 ? 99  PHE A O   1 
ATOM   777  C CB  . PHE A 1 99  ? 2.331   -0.591  6.484   1.00 20.57 ? 99  PHE A CB  1 
ATOM   778  C CG  . PHE A 1 99  ? 3.061   -0.834  5.196   1.00 15.54 ? 99  PHE A CG  1 
ATOM   779  C CD1 . PHE A 1 99  ? 2.796   -1.934  4.400   1.00 18.69 ? 99  PHE A CD1 1 
ATOM   780  C CD2 . PHE A 1 99  ? 4.048   0.035   4.753   1.00 24.11 ? 99  PHE A CD2 1 
ATOM   781  C CE1 . PHE A 1 99  ? 3.440   -2.212  3.184   1.00 22.24 ? 99  PHE A CE1 1 
ATOM   782  C CE2 . PHE A 1 99  ? 4.787   -0.259  3.538   1.00 23.98 ? 99  PHE A CE2 1 
ATOM   783  C CZ  . PHE A 1 99  ? 4.440   -1.358  2.763   1.00 22.29 ? 99  PHE A CZ  1 
ATOM   784  N N   . ASN A 1 100 ? 2.047   -3.642  7.147   1.00 24.93 ? 100 ASN A N   1 
ATOM   785  C CA  . ASN A 1 100 ? 2.193   -5.033  6.777   1.00 20.62 ? 100 ASN A CA  1 
ATOM   786  C C   . ASN A 1 100 ? 1.572   -5.429  5.435   1.00 24.50 ? 100 ASN A C   1 
ATOM   787  O O   . ASN A 1 100 ? 0.551   -4.895  4.953   1.00 25.53 ? 100 ASN A O   1 
ATOM   788  C CB  . ASN A 1 100 ? 1.626   -5.936  7.839   1.00 25.07 ? 100 ASN A CB  1 
ATOM   789  C CG  . ASN A 1 100 ? 2.344   -5.741  9.125   1.00 23.47 ? 100 ASN A CG  1 
ATOM   790  O OD1 . ASN A 1 100 ? 3.374   -6.390  9.392   1.00 28.14 ? 100 ASN A OD1 1 
ATOM   791  N ND2 . ASN A 1 100 ? 1.856   -4.787  9.912   1.00 22.17 ? 100 ASN A ND2 1 
ATOM   792  N N   . VAL A 1 101 ? 2.216   -6.394  4.807   1.00 20.82 ? 101 VAL A N   1 
ATOM   793  C CA  . VAL A 1 101 ? 1.748   -6.888  3.527   1.00 18.94 ? 101 VAL A CA  1 
ATOM   794  C C   . VAL A 1 101 ? 0.671   -7.981  3.744   1.00 18.05 ? 101 VAL A C   1 
ATOM   795  O O   . VAL A 1 101 ? 0.886   -9.028  4.362   1.00 20.39 ? 101 VAL A O   1 
ATOM   796  C CB  . VAL A 1 101 ? 2.935   -7.470  2.736   1.00 27.83 ? 101 VAL A CB  1 
ATOM   797  C CG1 . VAL A 1 101 ? 2.441   -8.192  1.517   1.00 20.06 ? 101 VAL A CG1 1 
ATOM   798  C CG2 . VAL A 1 101 ? 3.940   -6.394  2.351   1.00 19.64 ? 101 VAL A CG2 1 
ATOM   799  N N   . LEU A 1 102 ? -0.537  -7.712  3.261   1.00 21.48 ? 102 LEU A N   1 
ATOM   800  C CA  . LEU A 1 102 ? -1.643  -8.681  3.397   1.00 23.24 ? 102 LEU A CA  1 
ATOM   801  C C   . LEU A 1 102 ? -1.569  -9.800  2.365   1.00 22.09 ? 102 LEU A C   1 
ATOM   802  O O   . LEU A 1 102 ? -1.778  -10.977 2.688   1.00 26.51 ? 102 LEU A O   1 
ATOM   803  C CB  . LEU A 1 102 ? -2.981  -7.950  3.214   1.00 31.70 ? 102 LEU A CB  1 
ATOM   804  C CG  . LEU A 1 102 ? -3.345  -6.922  4.313   1.00 25.11 ? 102 LEU A CG  1 
ATOM   805  C CD1 . LEU A 1 102 ? -4.727  -6.362  3.935   1.00 27.40 ? 102 LEU A CD1 1 
ATOM   806  C CD2 . LEU A 1 102 ? -3.300  -7.420  5.749   1.00 29.75 ? 102 LEU A CD2 1 
ATOM   807  N N   . SER A 1 103 ? -1.216  -9.472  1.123   1.00 20.73 ? 103 SER A N   1 
ATOM   808  C CA  . SER A 1 103 ? -1.115  -10.389 0.014   1.00 23.68 ? 103 SER A CA  1 
ATOM   809  C C   . SER A 1 103 ? -0.155  -9.898  -1.076  1.00 20.61 ? 103 SER A C   1 
ATOM   810  O O   . SER A 1 103 ? -0.025  -8.669  -1.258  1.00 16.39 ? 103 SER A O   1 
ATOM   811  C CB  . SER A 1 103 ? -2.510  -10.460 -0.666  1.00 29.30 ? 103 SER A CB  1 
ATOM   812  O OG  . SER A 1 103 ? -2.571  -11.391 -1.717  1.00 30.19 ? 103 SER A OG  1 
ATOM   813  N N   . THR A 1 104 ? 0.498   -10.837 -1.764  1.00 17.37 ? 104 THR A N   1 
ATOM   814  C CA  . THR A 1 104 ? 1.288   -10.633 -2.965  1.00 16.81 ? 104 THR A CA  1 
ATOM   815  C C   . THR A 1 104 ? 1.472   -11.902 -3.768  1.00 20.10 ? 104 THR A C   1 
ATOM   816  O O   . THR A 1 104 ? 1.438   -13.004 -3.219  1.00 23.94 ? 104 THR A O   1 
ATOM   817  C CB  . THR A 1 104 ? 2.637   -10.093 -2.456  1.00 23.84 ? 104 THR A CB  1 
ATOM   818  O OG1 . THR A 1 104 ? 3.448   -9.689  -3.536  1.00 18.26 ? 104 THR A OG1 1 
ATOM   819  C CG2 . THR A 1 104 ? 3.445   -11.099 -1.601  1.00 21.25 ? 104 THR A CG2 1 
ATOM   820  N N   . ASP A 1 105 ? 1.691   -11.778 -5.048  1.00 23.66 ? 105 ASP A N   1 
ATOM   821  C CA  . ASP A 1 105 ? 2.137   -12.927 -5.824  1.00 20.44 ? 105 ASP A CA  1 
ATOM   822  C C   . ASP A 1 105 ? 3.646   -12.825 -6.063  1.00 18.38 ? 105 ASP A C   1 
ATOM   823  O O   . ASP A 1 105 ? 4.239   -13.551 -6.909  1.00 27.30 ? 105 ASP A O   1 
ATOM   824  C CB  . ASP A 1 105 ? 1.369   -12.949 -7.147  1.00 25.19 ? 105 ASP A CB  1 
ATOM   825  C CG  . ASP A 1 105 ? 1.549   -11.683 -7.941  1.00 25.72 ? 105 ASP A CG  1 
ATOM   826  O OD1 . ASP A 1 105 ? 2.180   -10.708 -7.482  1.00 25.63 ? 105 ASP A OD1 1 
ATOM   827  O OD2 . ASP A 1 105 ? 1.065   -11.530 -9.074  1.00 25.22 ? 105 ASP A OD2 1 
ATOM   828  N N   . ASN A 1 106 ? 4.303   -11.875 -5.442  1.00 21.60 ? 106 ASN A N   1 
ATOM   829  C CA  . ASN A 1 106 ? 5.737   -11.697 -5.703  1.00 17.53 ? 106 ASN A CA  1 
ATOM   830  C C   . ASN A 1 106 ? 6.134   -11.568 -7.175  1.00 12.00 ? 106 ASN A C   1 
ATOM   831  O O   . ASN A 1 106 ? 7.135   -12.126 -7.586  1.00 16.50 ? 106 ASN A O   1 
ATOM   832  C CB  . ASN A 1 106 ? 6.525   -12.872 -5.116  1.00 21.82 ? 106 ASN A CB  1 
ATOM   833  C CG  . ASN A 1 106 ? 6.451   -12.952 -3.607  1.00 25.58 ? 106 ASN A CG  1 
ATOM   834  O OD1 . ASN A 1 106 ? 6.679   -11.982 -2.895  1.00 21.05 ? 106 ASN A OD1 1 
ATOM   835  N ND2 . ASN A 1 106 ? 6.184   -14.147 -3.103  1.00 21.28 ? 106 ASN A ND2 1 
ATOM   836  N N   . LYS A 1 107 ? 5.357   -10.776 -7.895  1.00 17.89 ? 107 LYS A N   1 
ATOM   837  C CA  . LYS A 1 107 ? 5.544   -10.626 -9.323  1.00 21.01 ? 107 LYS A CA  1 
ATOM   838  C C   . LYS A 1 107 ? 4.888   -9.346  -9.871  1.00 25.92 ? 107 LYS A C   1 
ATOM   839  O O   . LYS A 1 107 ? 5.513   -8.488  -10.494 1.00 29.94 ? 107 LYS A O   1 
ATOM   840  C CB  . LYS A 1 107 ? 4.971   -11.894 -9.994  1.00 25.05 ? 107 LYS A CB  1 
ATOM   841  C CG  . LYS A 1 107 ? 5.137   -11.907 -11.489 1.00 26.06 ? 107 LYS A CG  1 
ATOM   842  C CD  . LYS A 1 107 ? 4.978   -13.286 -12.151 1.00 35.86 ? 107 LYS A CD  1 
ATOM   843  C CE  . LYS A 1 107 ? 3.644   -14.009 -11.927 1.00 43.07 ? 107 LYS A CE  1 
ATOM   844  N NZ  . LYS A 1 107 ? 3.643   -15.210 -12.858 1.00 52.86 ? 107 LYS A NZ  1 
ATOM   845  N N   . ASN A 1 108 ? 3.594   -9.262  -9.676  1.00 23.11 ? 108 ASN A N   1 
ATOM   846  C CA  . ASN A 1 108 ? 2.766   -8.189  -10.196 1.00 22.33 ? 108 ASN A CA  1 
ATOM   847  C C   . ASN A 1 108 ? 2.072   -7.279  -9.203  1.00 18.67 ? 108 ASN A C   1 
ATOM   848  O O   . ASN A 1 108 ? 1.730   -6.221  -9.667  1.00 22.49 ? 108 ASN A O   1 
ATOM   849  C CB  . ASN A 1 108 ? 1.679   -8.743  -11.108 1.00 29.62 ? 108 ASN A CB  1 
ATOM   850  C CG  . ASN A 1 108 ? 2.268   -9.416  -12.311 1.00 33.75 ? 108 ASN A CG  1 
ATOM   851  O OD1 . ASN A 1 108 ? 3.160   -8.859  -12.956 1.00 37.06 ? 108 ASN A OD1 1 
ATOM   852  N ND2 . ASN A 1 108 ? 1.842   -10.641 -12.562 1.00 29.18 ? 108 ASN A ND2 1 
ATOM   853  N N   . TYR A 1 109 ? 1.806   -7.627  -7.942  1.00 16.51 ? 109 TYR A N   1 
ATOM   854  C CA  . TYR A 1 109 ? 0.961   -6.782  -7.097  1.00 17.94 ? 109 TYR A CA  1 
ATOM   855  C C   . TYR A 1 109 ? 1.354   -6.987  -5.657  1.00 18.15 ? 109 TYR A C   1 
ATOM   856  O O   . TYR A 1 109 ? 1.950   -8.026  -5.356  1.00 18.17 ? 109 TYR A O   1 
ATOM   857  C CB  . TYR A 1 109 ? -0.512  -7.139  -7.327  1.00 19.04 ? 109 TYR A CB  1 
ATOM   858  C CG  . TYR A 1 109 ? -0.959  -8.366  -6.592  1.00 16.99 ? 109 TYR A CG  1 
ATOM   859  C CD1 . TYR A 1 109 ? -1.341  -8.279  -5.288  1.00 23.55 ? 109 TYR A CD1 1 
ATOM   860  C CD2 . TYR A 1 109 ? -0.976  -9.602  -7.189  1.00 22.05 ? 109 TYR A CD2 1 
ATOM   861  C CE1 . TYR A 1 109 ? -1.701  -9.383  -4.607  1.00 22.53 ? 109 TYR A CE1 1 
ATOM   862  C CE2 . TYR A 1 109 ? -1.364  -10.742 -6.485  1.00 28.42 ? 109 TYR A CE2 1 
ATOM   863  C CZ  . TYR A 1 109 ? -1.740  -10.616 -5.216  1.00 22.53 ? 109 TYR A CZ  1 
ATOM   864  O OH  . TYR A 1 109 ? -2.150  -11.635 -4.384  1.00 30.56 ? 109 TYR A OH  1 
ATOM   865  N N   . ILE A 1 110 ? 1.056   -6.007  -4.799  1.00 16.11 ? 110 ILE A N   1 
ATOM   866  C CA  . ILE A 1 110 ? 1.241   -6.076  -3.368  1.00 19.66 ? 110 ILE A CA  1 
ATOM   867  C C   . ILE A 1 110 ? 0.078   -5.319  -2.737  1.00 20.59 ? 110 ILE A C   1 
ATOM   868  O O   . ILE A 1 110 ? -0.311  -4.304  -3.262  1.00 21.56 ? 110 ILE A O   1 
ATOM   869  C CB  . ILE A 1 110 ? 2.668   -5.485  -2.972  1.00 16.55 ? 110 ILE A CB  1 
ATOM   870  C CG1 . ILE A 1 110 ? 2.960   -5.515  -1.474  1.00 23.12 ? 110 ILE A CG1 1 
ATOM   871  C CG2 . ILE A 1 110 ? 2.885   -4.153  -3.710  1.00 21.43 ? 110 ILE A CG2 1 
ATOM   872  C CD1 . ILE A 1 110 ? 4.386   -4.865  -1.077  1.00 29.20 ? 110 ILE A CD1 1 
ATOM   873  N N   . ILE A 1 111 ? -0.520  -5.847  -1.677  1.00 15.58 ? 111 ILE A N   1 
ATOM   874  C CA  . ILE A 1 111 ? -1.573  -5.206  -0.912  1.00 13.33 ? 111 ILE A CA  1 
ATOM   875  C C   . ILE A 1 111 ? -1.030  -4.929  0.437   1.00 21.34 ? 111 ILE A C   1 
ATOM   876  O O   . ILE A 1 111 ? -0.672  -5.827  1.184   1.00 20.87 ? 111 ILE A O   1 
ATOM   877  C CB  . ILE A 1 111 ? -2.796  -6.117  -0.746  1.00 18.79 ? 111 ILE A CB  1 
ATOM   878  C CG1 . ILE A 1 111 ? -3.302  -6.658  -2.083  1.00 24.77 ? 111 ILE A CG1 1 
ATOM   879  C CG2 . ILE A 1 111 ? -3.767  -5.401  0.147   1.00 24.01 ? 111 ILE A CG2 1 
ATOM   880  C CD1 . ILE A 1 111 ? -4.676  -7.392  -2.027  1.00 22.94 ? 111 ILE A CD1 1 
ATOM   881  N N   . GLY A 1 112 ? -0.978  -3.632  0.730   1.00 16.59 ? 112 GLY A N   1 
ATOM   882  C CA  . GLY A 1 112 ? -0.520  -3.128  1.988   1.00 20.75 ? 112 GLY A CA  1 
ATOM   883  C C   . GLY A 1 112 ? -1.648  -2.717  2.903   1.00 18.56 ? 112 GLY A C   1 
ATOM   884  O O   . GLY A 1 112 ? -2.709  -2.276  2.491   1.00 21.24 ? 112 GLY A O   1 
ATOM   885  N N   . TYR A 1 113 ? -1.361  -2.834  4.189   1.00 17.53 ? 113 TYR A N   1 
ATOM   886  C CA  . TYR A 1 113 ? -2.326  -2.531  5.245   1.00 15.68 ? 113 TYR A CA  1 
ATOM   887  C C   . TYR A 1 113 ? -1.731  -1.882  6.429   1.00 20.81 ? 113 TYR A C   1 
ATOM   888  O O   . TYR A 1 113 ? -0.628  -2.250  6.899   1.00 20.20 ? 113 TYR A O   1 
ATOM   889  C CB  . TYR A 1 113 ? -3.073  -3.842  5.569   1.00 18.31 ? 113 TYR A CB  1 
ATOM   890  C CG  . TYR A 1 113 ? -4.074  -3.719  6.683   1.00 25.25 ? 113 TYR A CG  1 
ATOM   891  C CD1 . TYR A 1 113 ? -5.213  -2.940  6.586   1.00 30.62 ? 113 TYR A CD1 1 
ATOM   892  C CD2 . TYR A 1 113 ? -3.879  -4.432  7.883   1.00 32.71 ? 113 TYR A CD2 1 
ATOM   893  C CE1 . TYR A 1 113 ? -6.109  -2.853  7.627   1.00 29.52 ? 113 TYR A CE1 1 
ATOM   894  C CE2 . TYR A 1 113 ? -4.800  -4.365  8.928   1.00 34.34 ? 113 TYR A CE2 1 
ATOM   895  C CZ  . TYR A 1 113 ? -5.898  -3.571  8.805   1.00 35.04 ? 113 TYR A CZ  1 
ATOM   896  O OH  . TYR A 1 113 ? -6.774  -3.520  9.883   1.00 38.13 ? 113 TYR A OH  1 
ATOM   897  N N   . PHE A 1 114 ? -2.483  -0.891  6.915   1.00 22.69 ? 114 PHE A N   1 
ATOM   898  C CA  . PHE A 1 114 ? -2.161  -0.229  8.158   1.00 22.16 ? 114 PHE A CA  1 
ATOM   899  C C   . PHE A 1 114 ? -3.413  -0.016  8.981   1.00 26.01 ? 114 PHE A C   1 
ATOM   900  O O   . PHE A 1 114 ? -4.387  0.558   8.492   1.00 22.67 ? 114 PHE A O   1 
ATOM   901  C CB  . PHE A 1 114 ? -1.492  1.122   7.875   1.00 19.84 ? 114 PHE A CB  1 
ATOM   902  C CG  . PHE A 1 114 ? -1.171  1.942   9.112   1.00 30.05 ? 114 PHE A CG  1 
ATOM   903  C CD1 . PHE A 1 114 ? -2.032  2.919   9.568   1.00 37.02 ? 114 PHE A CD1 1 
ATOM   904  C CD2 . PHE A 1 114 ? 0.001   1.743   9.826   1.00 25.50 ? 114 PHE A CD2 1 
ATOM   905  C CE1 . PHE A 1 114 ? -1.714  3.675   10.693  1.00 30.69 ? 114 PHE A CE1 1 
ATOM   906  C CE2 . PHE A 1 114 ? 0.304   2.492   10.949  1.00 25.03 ? 114 PHE A CE2 1 
ATOM   907  C CZ  . PHE A 1 114 ? -0.569  3.465   11.390  1.00 29.45 ? 114 PHE A CZ  1 
ATOM   908  N N   . CYS A 1 115 ? -3.351  -0.440  10.243  1.00 22.55 ? 115 CYS A N   1 
ATOM   909  C CA  . CYS A 1 115 ? -4.453  -0.219  11.171  1.00 20.39 ? 115 CYS A CA  1 
ATOM   910  C C   . CYS A 1 115 ? -4.049  0.624   12.336  1.00 36.46 ? 115 CYS A C   1 
ATOM   911  O O   . CYS A 1 115 ? -2.907  0.650   12.842  1.00 32.91 ? 115 CYS A O   1 
ATOM   912  C CB  . CYS A 1 115 ? -5.056  -1.496  11.732  1.00 36.64 ? 115 CYS A CB  1 
ATOM   913  S SG  . CYS A 1 115 ? -6.490  -0.984  12.715  1.00 27.40 ? 115 CYS A SG  1 
ATOM   914  N N   . SER A 1 116 ? -5.037  1.354   12.812  1.00 35.68 ? 116 SER A N   1 
ATOM   915  C CA  . SER A 1 116 ? -4.589  2.317   13.774  1.00 46.08 ? 116 SER A CA  1 
ATOM   916  C C   . SER A 1 116 ? -5.649  2.597   14.815  1.00 43.68 ? 116 SER A C   1 
ATOM   917  O O   . SER A 1 116 ? -6.632  3.194   14.441  1.00 34.06 ? 116 SER A O   1 
ATOM   918  C CB  . SER A 1 116 ? -4.331  3.595   13.009  1.00 42.55 ? 116 SER A CB  1 
ATOM   919  O OG  . SER A 1 116 ? -3.987  4.508   14.003  1.00 46.53 ? 116 SER A OG  1 
ATOM   920  N N   . TYR A 1 117 ? -5.413  2.202   16.059  1.00 42.27 ? 117 TYR A N   1 
ATOM   921  C CA  . TYR A 1 117 ? -6.413  2.321   17.123  1.00 42.96 ? 117 TYR A CA  1 
ATOM   922  C C   . TYR A 1 117 ? -6.376  3.655   17.799  1.00 42.67 ? 117 TYR A C   1 
ATOM   923  O O   . TYR A 1 117 ? -5.300  3.955   18.267  1.00 35.44 ? 117 TYR A O   1 
ATOM   924  C CB  . TYR A 1 117 ? -6.126  1.268   18.167  1.00 46.29 ? 117 TYR A CB  1 
ATOM   925  C CG  . TYR A 1 117 ? -7.193  1.217   19.237  1.00 49.01 ? 117 TYR A CG  1 
ATOM   926  C CD1 . TYR A 1 117 ? -6.914  1.602   20.539  1.00 47.39 ? 117 TYR A CD1 1 
ATOM   927  C CD2 . TYR A 1 117 ? -8.477  0.767   18.942  1.00 45.00 ? 117 TYR A CD2 1 
ATOM   928  C CE1 . TYR A 1 117 ? -7.885  1.550   21.521  1.00 50.31 ? 117 TYR A CE1 1 
ATOM   929  C CE2 . TYR A 1 117 ? -9.460  0.705   19.921  1.00 38.05 ? 117 TYR A CE2 1 
ATOM   930  C CZ  . TYR A 1 117 ? -9.161  1.108   21.210  1.00 54.45 ? 117 TYR A CZ  1 
ATOM   931  O OH  . TYR A 1 117 ? -10.140 1.051   22.186  1.00 46.05 ? 117 TYR A OH  1 
ATOM   932  N N   . ASP A 1 120 ? -8.790  7.795   23.939  1.00 89.88 ? 120 ASP A N   1 
ATOM   933  C CA  . ASP A 1 120 ? -8.853  6.661   23.020  1.00 81.73 ? 120 ASP A CA  1 
ATOM   934  C C   . ASP A 1 120 ? -10.311 6.413   22.669  1.00 79.43 ? 120 ASP A C   1 
ATOM   935  O O   . ASP A 1 120 ? -11.028 5.691   23.368  1.00 74.72 ? 120 ASP A O   1 
ATOM   936  C CB  . ASP A 1 120 ? -8.131  5.420   23.571  1.00 79.84 ? 120 ASP A CB  1 
ATOM   937  C CG  . ASP A 1 120 ? -8.577  5.020   24.968  1.00 79.49 ? 120 ASP A CG  1 
ATOM   938  O OD1 . ASP A 1 120 ? -9.259  5.799   25.666  1.00 77.70 ? 120 ASP A OD1 1 
ATOM   939  O OD2 . ASP A 1 120 ? -8.270  3.912   25.445  1.00 69.00 ? 120 ASP A OD2 1 
ATOM   940  N N   . LYS A 1 121 ? -10.721 7.091   21.598  1.00 76.50 ? 121 LYS A N   1 
ATOM   941  C CA  . LYS A 1 121 ? -11.959 6.825   20.879  1.00 64.66 ? 121 LYS A CA  1 
ATOM   942  C C   . LYS A 1 121 ? -11.963 5.287   20.761  1.00 63.31 ? 121 LYS A C   1 
ATOM   943  O O   . LYS A 1 121 ? -10.924 4.640   20.582  1.00 71.99 ? 121 LYS A O   1 
ATOM   944  C CB  . LYS A 1 121 ? -11.872 7.538   19.521  1.00 63.17 ? 121 LYS A CB  1 
ATOM   945  C CG  . LYS A 1 121 ? -13.164 7.925   18.813  1.00 66.39 ? 121 LYS A CG  1 
ATOM   946  C CD  . LYS A 1 121 ? -12.844 8.750   17.558  1.00 66.22 ? 121 LYS A CD  1 
ATOM   947  C CE  . LYS A 1 121 ? -14.107 9.180   16.800  1.00 65.05 ? 121 LYS A CE  1 
ATOM   948  N NZ  . LYS A 1 121 ? -13.899 9.345   15.320  1.00 52.80 ? 121 LYS A NZ  1 
ATOM   949  N N   . LYS A 1 122 ? -13.142 4.692   20.843  1.00 50.79 ? 122 LYS A N   1 
ATOM   950  C CA  . LYS A 1 122 ? -13.308 3.249   20.956  1.00 55.03 ? 122 LYS A CA  1 
ATOM   951  C C   . LYS A 1 122 ? -13.013 2.479   19.665  1.00 53.45 ? 122 LYS A C   1 
ATOM   952  O O   . LYS A 1 122 ? -13.618 1.433   19.419  1.00 49.52 ? 122 LYS A O   1 
ATOM   953  C CB  . LYS A 1 122 ? -14.749 2.972   21.430  1.00 52.18 ? 122 LYS A CB  1 
ATOM   954  C CG  . LYS A 1 122 ? -15.777 4.052   20.992  1.00 62.79 ? 122 LYS A CG  1 
ATOM   955  C CD  . LYS A 1 122 ? -17.140 4.082   21.678  1.00 61.07 ? 122 LYS A CD  1 
ATOM   956  C CE  . LYS A 1 122 ? -17.878 5.405   21.381  1.00 64.79 ? 122 LYS A CE  1 
ATOM   957  N NZ  . LYS A 1 122 ? -18.222 5.701   19.945  1.00 57.33 ? 122 LYS A NZ  1 
ATOM   958  N N   . GLY A 1 123 ? -12.085 2.941   18.830  1.00 51.56 ? 123 GLY A N   1 
ATOM   959  C CA  . GLY A 1 123 ? -11.994 2.317   17.523  1.00 50.19 ? 123 GLY A CA  1 
ATOM   960  C C   . GLY A 1 123 ? -10.750 2.500   16.671  1.00 46.48 ? 123 GLY A C   1 
ATOM   961  O O   . GLY A 1 123 ? -9.799  3.207   17.031  1.00 35.37 ? 123 GLY A O   1 
ATOM   962  N N   . HIS A 1 124 ? -10.785 1.858   15.508  1.00 37.03 ? 124 HIS A N   1 
ATOM   963  C CA  . HIS A 1 124 ? -9.638  1.905   14.605  1.00 32.88 ? 124 HIS A CA  1 
ATOM   964  C C   . HIS A 1 124 ? -9.966  2.400   13.209  1.00 32.77 ? 124 HIS A C   1 
ATOM   965  O O   . HIS A 1 124 ? -11.079 2.294   12.707  1.00 29.98 ? 124 HIS A O   1 
ATOM   966  C CB  . HIS A 1 124 ? -9.032  0.528   14.499  1.00 30.77 ? 124 HIS A CB  1 
ATOM   967  C CG  . HIS A 1 124 ? -9.930  -0.501  13.889  1.00 37.39 ? 124 HIS A CG  1 
ATOM   968  N ND1 . HIS A 1 124 ? -10.806 -1.265  14.625  1.00 40.37 ? 124 HIS A ND1 1 
ATOM   969  C CD2 . HIS A 1 124 ? -10.067 -0.912  12.605  1.00 49.06 ? 124 HIS A CD2 1 
ATOM   970  C CE1 . HIS A 1 124 ? -11.442 -2.104  13.828  1.00 37.30 ? 124 HIS A CE1 1 
ATOM   971  N NE2 . HIS A 1 124 ? -11.021 -1.907  12.589  1.00 41.43 ? 124 HIS A NE2 1 
ATOM   972  N N   . MET A 1 125 ? -8.957  2.973   12.589  1.00 31.33 ? 125 MET A N   1 
ATOM   973  C CA  . MET A 1 125 ? -9.097  3.326   11.175  1.00 31.60 ? 125 MET A CA  1 
ATOM   974  C C   . MET A 1 125 ? -8.156  2.381   10.403  1.00 30.72 ? 125 MET A C   1 
ATOM   975  O O   . MET A 1 125 ? -7.093  2.092   10.967  1.00 24.67 ? 125 MET A O   1 
ATOM   976  C CB  . MET A 1 125 ? -8.705  4.776   11.013  1.00 26.60 ? 125 MET A CB  1 
ATOM   977  C CG  . MET A 1 125 ? -8.646  5.116   9.575   1.00 41.61 ? 125 MET A CG  1 
ATOM   978  S SD  . MET A 1 125 ? -8.248  6.821   9.718   1.00 50.32 ? 125 MET A SD  1 
ATOM   979  C CE  . MET A 1 125 ? -7.936  7.137   8.064   1.00 60.64 ? 125 MET A CE  1 
ATOM   980  N N   . ASP A 1 126 ? -8.611  1.873   9.243   1.00 25.55 ? 126 ASP A N   1 
ATOM   981  C CA  . ASP A 1 126 ? -7.821  0.976   8.416   1.00 19.62 ? 126 ASP A CA  1 
ATOM   982  C C   . ASP A 1 126 ? -7.466  1.745   7.148   1.00 16.76 ? 126 ASP A C   1 
ATOM   983  O O   . ASP A 1 126 ? -8.363  2.410   6.528   1.00 17.97 ? 126 ASP A O   1 
ATOM   984  C CB  . ASP A 1 126 ? -8.839  -0.029  7.834   1.00 28.31 ? 126 ASP A CB  1 
ATOM   985  C CG  . ASP A 1 126 ? -9.250  -1.096  8.810   1.00 38.77 ? 126 ASP A CG  1 
ATOM   986  O OD1 . ASP A 1 126 ? -8.433  -1.446  9.678   1.00 38.45 ? 126 ASP A OD1 1 
ATOM   987  O OD2 . ASP A 1 126 ? -10.385 -1.615  8.804   1.00 45.67 ? 126 ASP A OD2 1 
ATOM   988  N N   . LEU A 1 127 ? -6.246  1.535   6.691   1.00 24.28 ? 127 LEU A N   1 
ATOM   989  C CA  . LEU A 1 127 ? -5.853  1.969   5.374   1.00 23.01 ? 127 LEU A CA  1 
ATOM   990  C C   . LEU A 1 127 ? -5.330  0.769   4.589   1.00 16.01 ? 127 LEU A C   1 
ATOM   991  O O   . LEU A 1 127 ? -4.424  0.027   5.074   1.00 17.98 ? 127 LEU A O   1 
ATOM   992  C CB  . LEU A 1 127 ? -4.772  3.050   5.547   1.00 17.77 ? 127 LEU A CB  1 
ATOM   993  C CG  . LEU A 1 127 ? -4.969  4.370   6.252   1.00 22.43 ? 127 LEU A CG  1 
ATOM   994  C CD1 . LEU A 1 127 ? -3.602  5.045   6.222   1.00 26.67 ? 127 LEU A CD1 1 
ATOM   995  C CD2 . LEU A 1 127 ? -6.075  5.141   5.492   1.00 27.81 ? 127 LEU A CD2 1 
ATOM   996  N N   . VAL A 1 128 ? -5.850  0.639   3.358   1.00 19.70 ? 128 VAL A N   1 
ATOM   997  C CA  . VAL A 1 128 ? -5.506  -0.405  2.440   1.00 19.95 ? 128 VAL A CA  1 
ATOM   998  C C   . VAL A 1 128 ? -5.149  0.187   1.082   1.00 17.41 ? 128 VAL A C   1 
ATOM   999  O O   . VAL A 1 128 ? -5.834  1.084   0.557   1.00 20.29 ? 128 VAL A O   1 
ATOM   1000 C CB  . VAL A 1 128 ? -6.677  -1.366  2.310   1.00 21.52 ? 128 VAL A CB  1 
ATOM   1001 C CG1 . VAL A 1 128 ? -6.347  -2.467  1.317   1.00 29.42 ? 128 VAL A CG1 1 
ATOM   1002 C CG2 . VAL A 1 128 ? -6.925  -2.036  3.682   1.00 23.66 ? 128 VAL A CG2 1 
ATOM   1003 N N   . TRP A 1 129 ? -4.087  -0.321  0.506   1.00 14.01 ? 129 TRP A N   1 
ATOM   1004 C CA  . TRP A 1 129 ? -3.763  0.044   -0.817  1.00 18.19 ? 129 TRP A CA  1 
ATOM   1005 C C   . TRP A 1 129 ? -3.205  -1.116  -1.604  1.00 18.00 ? 129 TRP A C   1 
ATOM   1006 O O   . TRP A 1 129 ? -2.710  -2.060  -1.047  1.00 20.95 ? 129 TRP A O   1 
ATOM   1007 C CB  . TRP A 1 129 ? -2.789  1.223   -0.682  1.00 14.09 ? 129 TRP A CB  1 
ATOM   1008 C CG  . TRP A 1 129 ? -1.468  0.882   -0.114  1.00 18.14 ? 129 TRP A CG  1 
ATOM   1009 C CD1 . TRP A 1 129 ? -0.330  0.579   -0.790  1.00 22.43 ? 129 TRP A CD1 1 
ATOM   1010 C CD2 . TRP A 1 129 ? -1.121  0.933   1.270   1.00 22.79 ? 129 TRP A CD2 1 
ATOM   1011 N NE1 . TRP A 1 129 ? 0.681   0.382   0.109   1.00 19.69 ? 129 TRP A NE1 1 
ATOM   1012 C CE2 . TRP A 1 129 ? 0.232   0.587   1.378   1.00 20.35 ? 129 TRP A CE2 1 
ATOM   1013 C CE3 . TRP A 1 129 ? -1.839  1.214   2.430   1.00 21.49 ? 129 TRP A CE3 1 
ATOM   1014 C CZ2 . TRP A 1 129 ? 0.864   0.469   2.603   1.00 16.86 ? 129 TRP A CZ2 1 
ATOM   1015 C CZ3 . TRP A 1 129 ? -1.204  1.158   3.648   1.00 18.36 ? 129 TRP A CZ3 1 
ATOM   1016 C CH2 . TRP A 1 129 ? 0.136   0.804   3.710   1.00 16.53 ? 129 TRP A CH2 1 
ATOM   1017 N N   . VAL A 1 130 ? -3.304  -1.005  -2.915  1.00 14.42 ? 130 VAL A N   1 
ATOM   1018 C CA  . VAL A 1 130 ? -2.818  -1.991  -3.822  1.00 16.91 ? 130 VAL A CA  1 
ATOM   1019 C C   . VAL A 1 130 ? -1.862  -1.369  -4.852  1.00 14.59 ? 130 VAL A C   1 
ATOM   1020 O O   . VAL A 1 130 ? -2.297  -0.483  -5.626  1.00 19.81 ? 130 VAL A O   1 
ATOM   1021 C CB  . VAL A 1 130 ? -3.984  -2.720  -4.545  1.00 24.56 ? 130 VAL A CB  1 
ATOM   1022 C CG1 . VAL A 1 130 ? -3.486  -3.881  -5.384  1.00 20.88 ? 130 VAL A CG1 1 
ATOM   1023 C CG2 . VAL A 1 130 ? -5.232  -3.134  -3.614  1.00 18.71 ? 130 VAL A CG2 1 
ATOM   1024 N N   . LEU A 1 131 ? -0.628  -1.875  -4.903  1.00 14.72 ? 131 LEU A N   1 
ATOM   1025 C CA  . LEU A 1 131 ? 0.320   -1.528  -5.974  1.00 16.79 ? 131 LEU A CA  1 
ATOM   1026 C C   . LEU A 1 131 ? 0.441   -2.675  -6.999  1.00 15.44 ? 131 LEU A C   1 
ATOM   1027 O O   . LEU A 1 131 ? 0.372   -3.858  -6.633  1.00 20.32 ? 131 LEU A O   1 
ATOM   1028 C CB  . LEU A 1 131 ? 1.737   -1.253  -5.443  1.00 22.26 ? 131 LEU A CB  1 
ATOM   1029 C CG  . LEU A 1 131 ? 1.536   0.054   -4.650  1.00 24.77 ? 131 LEU A CG  1 
ATOM   1030 C CD1 . LEU A 1 131 ? 2.565   0.074   -3.548  1.00 33.44 ? 131 LEU A CD1 1 
ATOM   1031 C CD2 . LEU A 1 131 ? 1.712   1.257   -5.557  1.00 37.31 ? 131 LEU A CD2 1 
ATOM   1032 N N   . SER A 1 132 ? 0.722   -2.290  -8.215  1.00 20.58 ? 132 SER A N   1 
ATOM   1033 C CA  . SER A 1 132 ? 0.940   -3.226  -9.320  1.00 21.33 ? 132 SER A CA  1 
ATOM   1034 C C   . SER A 1 132 ? 2.052   -2.718  -10.273 1.00 21.22 ? 132 SER A C   1 
ATOM   1035 O O   . SER A 1 132 ? 2.135   -1.490  -10.446 1.00 22.09 ? 132 SER A O   1 
ATOM   1036 C CB  . SER A 1 132 ? -0.394  -3.315  -10.066 1.00 22.92 ? 132 SER A CB  1 
ATOM   1037 O OG  . SER A 1 132 ? -0.240  -3.706  -11.422 1.00 20.89 ? 132 SER A OG  1 
ATOM   1038 N N   . ARG A 1 133 ? 2.831   -3.620  -10.866 1.00 17.89 ? 133 ARG A N   1 
ATOM   1039 C CA  . ARG A 1 133 ? 3.837   -3.346  -11.882 1.00 25.97 ? 133 ARG A CA  1 
ATOM   1040 C C   . ARG A 1 133 ? 3.203   -2.714  -13.125 1.00 34.82 ? 133 ARG A C   1 
ATOM   1041 O O   . ARG A 1 133 ? 3.805   -1.923  -13.862 1.00 30.67 ? 133 ARG A O   1 
ATOM   1042 C CB  . ARG A 1 133 ? 4.456   -4.702  -12.262 1.00 36.84 ? 133 ARG A CB  1 
ATOM   1043 C CG  . ARG A 1 133 ? 5.879   -4.690  -12.758 1.00 39.44 ? 133 ARG A CG  1 
ATOM   1044 C CD  . ARG A 1 133 ? 6.647   -5.997  -12.503 1.00 34.92 ? 133 ARG A CD  1 
ATOM   1045 N NE  . ARG A 1 133 ? 5.970   -7.211  -12.965 1.00 48.89 ? 133 ARG A NE  1 
ATOM   1046 C CZ  . ARG A 1 133 ? 6.104   -7.754  -14.177 1.00 51.20 ? 133 ARG A CZ  1 
ATOM   1047 N NH1 . ARG A 1 133 ? 6.860   -7.191  -15.111 1.00 51.71 ? 133 ARG A NH1 1 
ATOM   1048 N NH2 . ARG A 1 133 ? 5.451   -8.867  -14.470 1.00 49.14 ? 133 ARG A NH2 1 
ATOM   1049 N N   . SER A 1 134 ? 1.975   -3.117  -13.395 1.00 23.02 ? 134 SER A N   1 
ATOM   1050 C CA  . SER A 1 134 ? 1.228   -2.516  -14.488 1.00 34.55 ? 134 SER A CA  1 
ATOM   1051 C C   . SER A 1 134 ? 0.191   -1.464  -14.088 1.00 31.17 ? 134 SER A C   1 
ATOM   1052 O O   . SER A 1 134 ? -0.568  -1.604  -13.113 1.00 27.93 ? 134 SER A O   1 
ATOM   1053 C CB  . SER A 1 134 ? 0.563   -3.638  -15.271 1.00 29.23 ? 134 SER A CB  1 
ATOM   1054 O OG  . SER A 1 134 ? -0.243  -4.425  -14.446 1.00 34.67 ? 134 SER A OG  1 
ATOM   1055 N N   . MET A 1 135 ? 0.130   -0.379  -14.857 1.00 27.59 ? 135 MET A N   1 
ATOM   1056 C CA  . MET A 1 135 ? -0.887  0.651   -14.594 1.00 28.29 ? 135 MET A CA  1 
ATOM   1057 C C   . MET A 1 135 ? -2.273  0.059   -14.393 1.00 26.20 ? 135 MET A C   1 
ATOM   1058 O O   . MET A 1 135 ? -3.043  0.642   -13.631 1.00 25.51 ? 135 MET A O   1 
ATOM   1059 C CB  . MET A 1 135 ? -0.865  1.705   -15.699 1.00 25.80 ? 135 MET A CB  1 
ATOM   1060 C CG  . MET A 1 135 ? -1.943  2.696   -15.672 1.00 32.75 ? 135 MET A CG  1 
ATOM   1061 S SD  . MET A 1 135 ? -1.762  3.789   -17.101 1.00 43.81 ? 135 MET A SD  1 
ATOM   1062 C CE  . MET A 1 135 ? -0.378  4.552   -16.846 1.00 38.48 ? 135 MET A CE  1 
ATOM   1063 N N   . VAL A 1 136 ? -2.647  -1.039  -15.041 1.00 26.63 ? 136 VAL A N   1 
ATOM   1064 C CA  . VAL A 1 136 ? -3.945  -1.671  -14.759 1.00 34.74 ? 136 VAL A CA  1 
ATOM   1065 C C   . VAL A 1 136 ? -3.790  -3.130  -14.391 1.00 30.40 ? 136 VAL A C   1 
ATOM   1066 O O   . VAL A 1 136 ? -2.919  -3.821  -14.925 1.00 40.31 ? 136 VAL A O   1 
ATOM   1067 C CB  . VAL A 1 136 ? -4.916  -1.619  -15.985 1.00 41.76 ? 136 VAL A CB  1 
ATOM   1068 C CG1 . VAL A 1 136 ? -6.070  -2.577  -15.814 1.00 44.27 ? 136 VAL A CG1 1 
ATOM   1069 C CG2 . VAL A 1 136 ? -5.444  -0.211  -16.163 1.00 44.30 ? 136 VAL A CG2 1 
ATOM   1070 N N   . LEU A 1 137 ? -4.614  -3.594  -13.463 1.00 35.54 ? 137 LEU A N   1 
ATOM   1071 C CA  . LEU A 1 137 ? -4.546  -5.003  -13.094 1.00 38.06 ? 137 LEU A CA  1 
ATOM   1072 C C   . LEU A 1 137 ? -5.149  -5.727  -14.312 1.00 31.34 ? 137 LEU A C   1 
ATOM   1073 O O   . LEU A 1 137 ? -6.263  -5.423  -14.726 1.00 42.55 ? 137 LEU A O   1 
ATOM   1074 C CB  . LEU A 1 137 ? -5.326  -5.295  -11.808 1.00 35.85 ? 137 LEU A CB  1 
ATOM   1075 C CG  . LEU A 1 137 ? -4.714  -4.879  -10.457 1.00 29.31 ? 137 LEU A CG  1 
ATOM   1076 C CD1 . LEU A 1 137 ? -5.684  -5.071  -9.307  1.00 28.43 ? 137 LEU A CD1 1 
ATOM   1077 C CD2 . LEU A 1 137 ? -3.355  -5.540  -10.111 1.00 38.19 ? 137 LEU A CD2 1 
ATOM   1078 N N   . THR A 1 138 ? -4.405  -6.618  -14.935 1.00 44.53 ? 138 THR A N   1 
ATOM   1079 C CA  . THR A 1 138 ? -5.070  -7.483  -15.904 1.00 59.11 ? 138 THR A CA  1 
ATOM   1080 C C   . THR A 1 138 ? -4.824  -8.920  -15.502 1.00 54.71 ? 138 THR A C   1 
ATOM   1081 O O   . THR A 1 138 ? -3.745  -9.280  -15.034 1.00 56.08 ? 138 THR A O   1 
ATOM   1082 C CB  . THR A 1 138 ? -4.738  -7.236  -17.413 1.00 60.39 ? 138 THR A CB  1 
ATOM   1083 O OG1 . THR A 1 138 ? -3.381  -6.800  -17.593 1.00 59.21 ? 138 THR A OG1 1 
ATOM   1084 C CG2 . THR A 1 138 ? -5.601  -6.103  -17.986 1.00 60.91 ? 138 THR A CG2 1 
ATOM   1085 N N   . GLY A 1 139 ? -5.905  -9.674  -15.655 1.00 50.75 ? 139 GLY A N   1 
ATOM   1086 C CA  . GLY A 1 139 ? -5.945  -11.113 -15.593 1.00 52.81 ? 139 GLY A CA  1 
ATOM   1087 C C   . GLY A 1 139 ? -5.427  -11.821 -14.373 1.00 48.46 ? 139 GLY A C   1 
ATOM   1088 O O   . GLY A 1 139 ? -6.029  -11.773 -13.305 1.00 48.05 ? 139 GLY A O   1 
ATOM   1089 N N   . GLU A 1 140 ? -4.314  -12.512 -14.602 1.00 61.20 ? 140 GLU A N   1 
ATOM   1090 C CA  . GLU A 1 140 ? -3.651  -13.318 -13.589 1.00 59.75 ? 140 GLU A CA  1 
ATOM   1091 C C   . GLU A 1 140 ? -3.522  -12.542 -12.284 1.00 54.40 ? 140 GLU A C   1 
ATOM   1092 O O   . GLU A 1 140 ? -3.978  -12.993 -11.230 1.00 48.00 ? 140 GLU A O   1 
ATOM   1093 C CB  . GLU A 1 140 ? -2.277  -13.742 -14.117 1.00 61.85 ? 140 GLU A CB  1 
ATOM   1094 C CG  . GLU A 1 140 ? -1.580  -14.798 -13.264 1.00 68.33 ? 140 GLU A CG  1 
ATOM   1095 C CD  . GLU A 1 140 ? -0.064  -14.732 -13.332 1.00 69.66 ? 140 GLU A CD  1 
ATOM   1096 O OE1 . GLU A 1 140 ? 0.572   -14.645 -12.256 1.00 73.61 ? 140 GLU A OE1 1 
ATOM   1097 O OE2 . GLU A 1 140 ? 0.492   -14.768 -14.451 1.00 70.31 ? 140 GLU A OE2 1 
ATOM   1098 N N   . ALA A 1 141 ? -2.898  -11.369 -12.349 1.00 44.55 ? 141 ALA A N   1 
ATOM   1099 C CA  . ALA A 1 141 ? -2.748  -10.589 -11.126 1.00 50.70 ? 141 ALA A CA  1 
ATOM   1100 C C   . ALA A 1 141 ? -4.144  -10.172 -10.687 1.00 38.07 ? 141 ALA A C   1 
ATOM   1101 O O   . ALA A 1 141 ? -4.526  -10.263 -9.528  1.00 31.72 ? 141 ALA A O   1 
ATOM   1102 C CB  . ALA A 1 141 ? -1.846  -9.403  -11.363 1.00 40.67 ? 141 ALA A CB  1 
ATOM   1103 N N   . LYS A 1 142 ? -4.970  -9.727  -11.621 1.00 37.67 ? 142 LYS A N   1 
ATOM   1104 C CA  . LYS A 1 142 ? -6.295  -9.294  -11.201 1.00 33.68 ? 142 LYS A CA  1 
ATOM   1105 C C   . LYS A 1 142 ? -7.087  -10.416 -10.514 1.00 36.44 ? 142 LYS A C   1 
ATOM   1106 O O   . LYS A 1 142 ? -7.837  -10.172 -9.568  1.00 34.97 ? 142 LYS A O   1 
ATOM   1107 C CB  . LYS A 1 142 ? -7.075  -8.733  -12.406 1.00 38.46 ? 142 LYS A CB  1 
ATOM   1108 C CG  . LYS A 1 142 ? -8.532  -8.321  -12.062 1.00 42.75 ? 142 LYS A CG  1 
ATOM   1109 C CD  . LYS A 1 142 ? -9.344  -7.935  -13.315 1.00 48.83 ? 142 LYS A CD  1 
ATOM   1110 C CE  . LYS A 1 142 ? -10.678 -7.231  -12.986 1.00 46.68 ? 142 LYS A CE  1 
ATOM   1111 N NZ  . LYS A 1 142 ? -10.920 -5.973  -13.743 1.00 51.76 ? 142 LYS A NZ  1 
ATOM   1112 N N   . THR A 1 143 ? -6.915  -11.649 -10.981 1.00 38.31 ? 143 THR A N   1 
ATOM   1113 C CA  . THR A 1 143 ? -7.650  -12.757 -10.381 1.00 46.88 ? 143 THR A CA  1 
ATOM   1114 C C   . THR A 1 143 ? -7.164  -13.039 -8.985  1.00 48.33 ? 143 THR A C   1 
ATOM   1115 O O   . THR A 1 143 ? -7.955  -13.330 -8.086  1.00 59.30 ? 143 THR A O   1 
ATOM   1116 C CB  . THR A 1 143 ? -7.465  -14.071 -11.184 1.00 62.79 ? 143 THR A CB  1 
ATOM   1117 O OG1 . THR A 1 143 ? -7.652  -13.842 -12.585 1.00 56.31 ? 143 THR A OG1 1 
ATOM   1118 C CG2 . THR A 1 143 ? -8.558  -15.079 -10.801 1.00 61.70 ? 143 THR A CG2 1 
ATOM   1119 N N   . ALA A 1 144 ? -5.843  -12.985 -8.833  1.00 47.74 ? 144 ALA A N   1 
ATOM   1120 C CA  . ALA A 1 144 ? -5.263  -13.193 -7.524  1.00 45.37 ? 144 ALA A CA  1 
ATOM   1121 C C   . ALA A 1 144 ? -5.838  -12.118 -6.626  1.00 37.32 ? 144 ALA A C   1 
ATOM   1122 O O   . ALA A 1 144 ? -6.263  -12.381 -5.489  1.00 38.93 ? 144 ALA A O   1 
ATOM   1123 C CB  . ALA A 1 144 ? -3.763  -13.078 -7.625  1.00 51.09 ? 144 ALA A CB  1 
ATOM   1124 N N   . VAL A 1 145 ? -5.862  -10.883 -7.127  1.00 45.19 ? 145 VAL A N   1 
ATOM   1125 C CA  . VAL A 1 145 ? -6.337  -9.812  -6.248  1.00 39.38 ? 145 VAL A CA  1 
ATOM   1126 C C   . VAL A 1 145 ? -7.788  -10.036 -5.961  1.00 42.35 ? 145 VAL A C   1 
ATOM   1127 O O   . VAL A 1 145 ? -8.262  -9.964  -4.818  1.00 33.07 ? 145 VAL A O   1 
ATOM   1128 C CB  . VAL A 1 145 ? -6.157  -8.374  -6.787  1.00 41.63 ? 145 VAL A CB  1 
ATOM   1129 C CG1 . VAL A 1 145 ? -6.776  -7.367  -5.783  1.00 37.24 ? 145 VAL A CG1 1 
ATOM   1130 C CG2 . VAL A 1 145 ? -4.653  -8.030  -6.974  1.00 37.97 ? 145 VAL A CG2 1 
ATOM   1131 N N   . GLU A 1 146 ? -8.515  -10.313 -7.035  1.00 39.68 ? 146 GLU A N   1 
ATOM   1132 C CA  . GLU A 1 146 ? -9.924  -10.570 -6.769  1.00 54.14 ? 146 GLU A CA  1 
ATOM   1133 C C   . GLU A 1 146 ? -10.177 -11.540 -5.585  1.00 58.91 ? 146 GLU A C   1 
ATOM   1134 O O   . GLU A 1 146 ? -10.993 -11.195 -4.727  1.00 64.71 ? 146 GLU A O   1 
ATOM   1135 C CB  . GLU A 1 146 ? -10.633 -10.914 -8.075  1.00 49.63 ? 146 GLU A CB  1 
ATOM   1136 C CG  . GLU A 1 146 ? -10.799 -9.659  -8.933  1.00 45.06 ? 146 GLU A CG  1 
ATOM   1137 C CD  . GLU A 1 146 ? -11.185 -9.977  -10.360 1.00 58.00 ? 146 GLU A CD  1 
ATOM   1138 O OE1 . GLU A 1 146 ? -11.641 -9.072  -11.080 1.00 57.37 ? 146 GLU A OE1 1 
ATOM   1139 O OE2 . GLU A 1 146 ? -11.050 -11.144 -10.779 1.00 67.09 ? 146 GLU A OE2 1 
ATOM   1140 N N   . ASN A 1 147 ? -9.478  -12.682 -5.476  1.00 61.06 ? 147 ASN A N   1 
ATOM   1141 C CA  . ASN A 1 147 ? -9.762  -13.692 -4.428  1.00 63.01 ? 147 ASN A CA  1 
ATOM   1142 C C   . ASN A 1 147 ? -9.313  -13.381 -3.001  1.00 64.34 ? 147 ASN A C   1 
ATOM   1143 O O   . ASN A 1 147 ? -9.957  -13.750 -2.005  1.00 56.64 ? 147 ASN A O   1 
ATOM   1144 C CB  . ASN A 1 147 ? -9.150  -15.058 -4.773  1.00 69.81 ? 147 ASN A CB  1 
ATOM   1145 C CG  . ASN A 1 147 ? -9.819  -15.731 -5.966  1.00 68.48 ? 147 ASN A CG  1 
ATOM   1146 O OD1 . ASN A 1 147 ? -9.145  -16.138 -6.919  1.00 62.17 ? 147 ASN A OD1 1 
ATOM   1147 N ND2 . ASN A 1 147 ? -11.146 -15.841 -5.919  1.00 62.29 ? 147 ASN A ND2 1 
ATOM   1148 N N   . TYR A 1 148 ? -8.179  -12.704 -2.892  1.00 48.98 ? 148 TYR A N   1 
ATOM   1149 C CA  . TYR A 1 148 ? -7.675  -12.405 -1.566  1.00 37.55 ? 148 TYR A CA  1 
ATOM   1150 C C   . TYR A 1 148 ? -8.590  -11.510 -0.753  1.00 38.21 ? 148 TYR A C   1 
ATOM   1151 O O   . TYR A 1 148 ? -8.706  -11.583 0.476   1.00 33.79 ? 148 TYR A O   1 
ATOM   1152 C CB  . TYR A 1 148 ? -6.287  -11.765 -1.630  1.00 37.06 ? 148 TYR A CB  1 
ATOM   1153 C CG  . TYR A 1 148 ? -6.104  -11.216 -0.277  1.00 26.73 ? 148 TYR A CG  1 
ATOM   1154 C CD1 . TYR A 1 148 ? -5.613  -11.983 0.779   1.00 23.38 ? 148 TYR A CD1 1 
ATOM   1155 C CD2 . TYR A 1 148 ? -6.555  -9.944  0.004   1.00 26.33 ? 148 TYR A CD2 1 
ATOM   1156 C CE1 . TYR A 1 148 ? -5.531  -11.474 2.004   1.00 25.88 ? 148 TYR A CE1 1 
ATOM   1157 C CE2 . TYR A 1 148 ? -6.467  -9.454  1.235   1.00 28.19 ? 148 TYR A CE2 1 
ATOM   1158 C CZ  . TYR A 1 148 ? -5.957  -10.198 2.229   1.00 22.76 ? 148 TYR A CZ  1 
ATOM   1159 O OH  . TYR A 1 148 ? -5.905  -9.631  3.458   1.00 36.98 ? 148 TYR A OH  1 
ATOM   1160 N N   . LEU A 1 149 ? -9.281  -10.622 -1.450  1.00 49.67 ? 149 LEU A N   1 
ATOM   1161 C CA  . LEU A 1 149 ? -10.130 -9.637  -0.763  1.00 49.43 ? 149 LEU A CA  1 
ATOM   1162 C C   . LEU A 1 149 ? -11.305 -10.166 0.081   1.00 53.88 ? 149 LEU A C   1 
ATOM   1163 O O   . LEU A 1 149 ? -11.688 -9.554  1.069   1.00 50.23 ? 149 LEU A O   1 
ATOM   1164 C CB  . LEU A 1 149 ? -10.626 -8.587  -1.770  1.00 50.90 ? 149 LEU A CB  1 
ATOM   1165 C CG  . LEU A 1 149 ? -9.511  -7.716  -2.359  1.00 43.91 ? 149 LEU A CG  1 
ATOM   1166 C CD1 . LEU A 1 149 ? -9.966  -7.022  -3.613  1.00 46.94 ? 149 LEU A CD1 1 
ATOM   1167 C CD2 . LEU A 1 149 ? -9.051  -6.726  -1.345  1.00 35.94 ? 149 LEU A CD2 1 
ATOM   1168 N N   . ILE A 1 150 ? -11.826 -11.324 -0.310  1.00 41.81 ? 150 ILE A N   1 
ATOM   1169 C CA  . ILE A 1 150 ? -13.002 -12.060 0.200   1.00 51.07 ? 150 ILE A CA  1 
ATOM   1170 C C   . ILE A 1 150 ? -12.798 -12.774 1.558   1.00 48.59 ? 150 ILE A C   1 
ATOM   1171 O O   . ILE A 1 150 ? -13.673 -12.755 2.427   1.00 35.70 ? 150 ILE A O   1 
ATOM   1172 C CB  . ILE A 1 150 ? -13.396 -13.093 -0.913  1.00 30.03 ? 150 ILE A CB  1 
ATOM   1173 C CG1 . ILE A 1 150 ? -13.339 -12.523 -2.351  1.00 41.47 ? 150 ILE A CG1 1 
ATOM   1174 C CG2 . ILE A 1 150 ? -14.756 -13.742 -0.661  1.00 45.73 ? 150 ILE A CG2 1 
ATOM   1175 C CD1 . ILE A 1 150 ? -13.683 -13.509 -3.542  1.00 31.83 ? 150 ILE A CD1 1 
ATOM   1176 N N   . GLY A 1 151 ? -11.638 -13.409 1.754   1.00 41.95 ? 151 GLY A N   1 
ATOM   1177 C CA  . GLY A 1 151 ? -11.334 -14.090 3.005   1.00 42.23 ? 151 GLY A CA  1 
ATOM   1178 C C   . GLY A 1 151 ? -10.597 -13.189 3.960   1.00 45.58 ? 151 GLY A C   1 
ATOM   1179 O O   . GLY A 1 151 ? -10.042 -13.597 4.977   1.00 45.10 ? 151 GLY A O   1 
ATOM   1180 N N   . SER A 1 152 ? -10.605 -11.917 3.602   1.00 52.84 ? 152 SER A N   1 
ATOM   1181 C CA  . SER A 1 152 ? -9.863  -10.950 4.347   1.00 51.49 ? 152 SER A CA  1 
ATOM   1182 C C   . SER A 1 152 ? -10.569 -10.738 5.679   1.00 61.35 ? 152 SER A C   1 
ATOM   1183 O O   . SER A 1 152 ? -11.780 -10.487 5.740   1.00 63.86 ? 152 SER A O   1 
ATOM   1184 C CB  . SER A 1 152 ? -9.812  -9.662  3.555   1.00 45.52 ? 152 SER A CB  1 
ATOM   1185 O OG  . SER A 1 152 ? -8.798  -8.912  4.158   1.00 34.22 ? 152 SER A OG  1 
ATOM   1186 N N   . PRO A 1 153 ? -9.795  -10.877 6.750   1.00 67.91 ? 153 PRO A N   1 
ATOM   1187 C CA  . PRO A 1 153 ? -10.315 -10.560 8.071   1.00 72.93 ? 153 PRO A CA  1 
ATOM   1188 C C   . PRO A 1 153 ? -10.358 -9.032  8.165   1.00 65.37 ? 153 PRO A C   1 
ATOM   1189 O O   . PRO A 1 153 ? -10.777 -8.516  9.201   1.00 52.01 ? 153 PRO A O   1 
ATOM   1190 C CB  . PRO A 1 153 ? -9.285  -11.175 9.020   1.00 76.05 ? 153 PRO A CB  1 
ATOM   1191 C CG  . PRO A 1 153 ? -8.300  -11.925 8.169   1.00 81.05 ? 153 PRO A CG  1 
ATOM   1192 C CD  . PRO A 1 153 ? -8.391  -11.324 6.812   1.00 76.57 ? 153 PRO A CD  1 
ATOM   1193 N N   . VAL A 1 154 ? -9.936  -8.330  7.110   1.00 48.20 ? 154 VAL A N   1 
ATOM   1194 C CA  . VAL A 1 154 ? -9.865  -6.872  7.120   1.00 46.12 ? 154 VAL A CA  1 
ATOM   1195 C C   . VAL A 1 154 ? -10.104 -6.023  5.859   1.00 26.48 ? 154 VAL A C   1 
ATOM   1196 O O   . VAL A 1 154 ? -10.459 -4.862  5.980   1.00 45.91 ? 154 VAL A O   1 
ATOM   1197 C CB  . VAL A 1 154 ? -8.440  -6.439  7.480   1.00 61.81 ? 154 VAL A CB  1 
ATOM   1198 C CG1 . VAL A 1 154 ? -8.417  -4.936  7.653   1.00 61.03 ? 154 VAL A CG1 1 
ATOM   1199 C CG2 . VAL A 1 154 ? -7.944  -7.128  8.750   1.00 61.24 ? 154 VAL A CG2 1 
ATOM   1200 N N   . VAL A 1 155 ? -9.913  -6.558  4.660   1.00 37.62 ? 155 VAL A N   1 
ATOM   1201 C CA  . VAL A 1 155 ? -10.251 -5.776  3.462   1.00 33.04 ? 155 VAL A CA  1 
ATOM   1202 C C   . VAL A 1 155 ? -11.679 -5.852  2.892   1.00 42.99 ? 155 VAL A C   1 
ATOM   1203 O O   . VAL A 1 155 ? -12.158 -6.918  2.518   1.00 43.98 ? 155 VAL A O   1 
ATOM   1204 C CB  . VAL A 1 155 ? -9.360  -6.066  2.281   1.00 35.96 ? 155 VAL A CB  1 
ATOM   1205 C CG1 . VAL A 1 155 ? -9.855  -5.192  1.136   1.00 38.32 ? 155 VAL A CG1 1 
ATOM   1206 C CG2 . VAL A 1 155 ? -7.932  -5.665  2.630   1.00 32.63 ? 155 VAL A CG2 1 
ATOM   1207 N N   . ASP A 1 156 ? -12.320 -4.694  2.745   1.00 34.55 ? 156 ASP A N   1 
ATOM   1208 C CA  . ASP A 1 156 ? -13.691 -4.606  2.230   1.00 33.95 ? 156 ASP A CA  1 
ATOM   1209 C C   . ASP A 1 156 ? -13.579 -4.248  0.778   1.00 33.90 ? 156 ASP A C   1 
ATOM   1210 O O   . ASP A 1 156 ? -13.260 -3.097  0.414   1.00 41.61 ? 156 ASP A O   1 
ATOM   1211 C CB  . ASP A 1 156 ? -14.461 -3.604  3.097   1.00 38.93 ? 156 ASP A CB  1 
ATOM   1212 C CG  . ASP A 1 156 ? -15.897 -3.366  2.635   1.00 52.87 ? 156 ASP A CG  1 
ATOM   1213 O OD1 . ASP A 1 156 ? -16.665 -2.885  3.493   1.00 51.07 ? 156 ASP A OD1 1 
ATOM   1214 O OD2 . ASP A 1 156 ? -16.328 -3.588  1.475   1.00 54.44 ? 156 ASP A OD2 1 
ATOM   1215 N N   . SER A 1 157 ? -13.813 -5.231  -0.071  1.00 33.63 ? 157 SER A N   1 
ATOM   1216 C CA  . SER A 1 157 ? -13.491 -5.041  -1.465  1.00 28.73 ? 157 SER A CA  1 
ATOM   1217 C C   . SER A 1 157 ? -14.391 -3.923  -1.971  1.00 34.57 ? 157 SER A C   1 
ATOM   1218 O O   . SER A 1 157 ? -13.969 -3.224  -2.902  1.00 33.55 ? 157 SER A O   1 
ATOM   1219 C CB  . SER A 1 157 ? -13.635 -6.302  -2.298  1.00 43.83 ? 157 SER A CB  1 
ATOM   1220 O OG  . SER A 1 157 ? -14.969 -6.426  -2.769  1.00 45.07 ? 157 SER A OG  1 
ATOM   1221 N N   . GLN A 1 158 ? -15.581 -3.722  -1.387  1.00 30.45 ? 158 GLN A N   1 
ATOM   1222 C CA  . GLN A 1 158 ? -16.463 -2.639  -1.878  1.00 41.50 ? 158 GLN A CA  1 
ATOM   1223 C C   . GLN A 1 158 ? -15.989 -1.191  -1.656  1.00 34.32 ? 158 GLN A C   1 
ATOM   1224 O O   . GLN A 1 158 ? -16.349 -0.260  -2.372  1.00 41.08 ? 158 GLN A O   1 
ATOM   1225 C CB  . GLN A 1 158 ? -17.861 -2.743  -1.269  1.00 49.50 ? 158 GLN A CB  1 
ATOM   1226 C CG  . GLN A 1 158 ? -18.578 -4.055  -1.612  1.00 59.16 ? 158 GLN A CG  1 
ATOM   1227 C CD  . GLN A 1 158 ? -18.305 -5.173  -0.611  1.00 67.81 ? 158 GLN A CD  1 
ATOM   1228 O OE1 . GLN A 1 158 ? -18.959 -5.202  0.438   1.00 68.65 ? 158 GLN A OE1 1 
ATOM   1229 N NE2 . GLN A 1 158 ? -17.358 -6.079  -0.919  1.00 71.72 ? 158 GLN A NE2 1 
ATOM   1230 N N   . LYS A 1 159 ? -15.190 -1.052  -0.625  1.00 26.84 ? 159 LYS A N   1 
ATOM   1231 C CA  . LYS A 1 159 ? -14.572 0.176   -0.177  1.00 28.20 ? 159 LYS A CA  1 
ATOM   1232 C C   . LYS A 1 159 ? -13.381 0.600   -0.995  1.00 25.68 ? 159 LYS A C   1 
ATOM   1233 O O   . LYS A 1 159 ? -13.052 1.800   -0.959  1.00 19.36 ? 159 LYS A O   1 
ATOM   1234 C CB  . LYS A 1 159 ? -14.163 -0.023  1.272   1.00 28.19 ? 159 LYS A CB  1 
ATOM   1235 C CG  . LYS A 1 159 ? -13.787 1.217   2.088   1.00 42.37 ? 159 LYS A CG  1 
ATOM   1236 C CD  . LYS A 1 159 ? -13.535 0.809   3.538   1.00 30.20 ? 159 LYS A CD  1 
ATOM   1237 C CE  . LYS A 1 159 ? -13.314 2.012   4.424   1.00 41.21 ? 159 LYS A CE  1 
ATOM   1238 N NZ  . LYS A 1 159 ? -13.104 1.696   5.859   1.00 49.46 ? 159 LYS A NZ  1 
ATOM   1239 N N   . LEU A 1 160 ? -12.697 -0.284  -1.691  1.00 23.76 ? 160 LEU A N   1 
ATOM   1240 C CA  . LEU A 1 160 ? -11.680 0.179   -2.592  1.00 26.67 ? 160 LEU A CA  1 
ATOM   1241 C C   . LEU A 1 160 ? -12.167 1.033   -3.751  1.00 27.46 ? 160 LEU A C   1 
ATOM   1242 O O   . LEU A 1 160 ? -13.202 0.751   -4.339  1.00 23.68 ? 160 LEU A O   1 
ATOM   1243 C CB  . LEU A 1 160 ? -10.947 -1.030  -3.163  1.00 26.62 ? 160 LEU A CB  1 
ATOM   1244 C CG  . LEU A 1 160 ? -10.090 -1.929  -2.258  1.00 17.68 ? 160 LEU A CG  1 
ATOM   1245 C CD1 . LEU A 1 160 ? -9.798  -3.141  -3.039  1.00 23.79 ? 160 LEU A CD1 1 
ATOM   1246 C CD2 . LEU A 1 160 ? -8.799  -1.149  -1.844  1.00 18.78 ? 160 LEU A CD2 1 
ATOM   1247 N N   . VAL A 1 161 ? -11.382 2.072   -4.091  1.00 18.14 ? 161 VAL A N   1 
ATOM   1248 C CA  . VAL A 1 161 ? -11.473 2.928   -5.264  1.00 17.89 ? 161 VAL A CA  1 
ATOM   1249 C C   . VAL A 1 161 ? -10.342 2.596   -6.216  1.00 22.90 ? 161 VAL A C   1 
ATOM   1250 O O   . VAL A 1 161 ? -9.138  2.708   -5.834  1.00 23.62 ? 161 VAL A O   1 
ATOM   1251 C CB  . VAL A 1 161 ? -11.418 4.345   -4.855  1.00 27.42 ? 161 VAL A CB  1 
ATOM   1252 C CG1 . VAL A 1 161 ? -11.480 5.198   -6.087  1.00 21.33 ? 161 VAL A CG1 1 
ATOM   1253 C CG2 . VAL A 1 161 ? -12.594 4.677   -3.952  1.00 33.12 ? 161 VAL A CG2 1 
ATOM   1254 N N   . TYR A 1 162 ? -10.674 2.182   -7.435  1.00 22.86 ? 162 TYR A N   1 
ATOM   1255 C CA  . TYR A 1 162 ? -9.708  1.840   -8.458  1.00 22.66 ? 162 TYR A CA  1 
ATOM   1256 C C   . TYR A 1 162 ? -9.375  3.153   -9.131  1.00 22.63 ? 162 TYR A C   1 
ATOM   1257 O O   . TYR A 1 162 ? -10.244 4.038   -9.297  1.00 21.83 ? 162 TYR A O   1 
ATOM   1258 C CB  . TYR A 1 162 ? -10.161 0.757   -9.434  1.00 25.14 ? 162 TYR A CB  1 
ATOM   1259 C CG  . TYR A 1 162 ? -10.208 -0.567  -8.723  1.00 25.88 ? 162 TYR A CG  1 
ATOM   1260 C CD1 . TYR A 1 162 ? -11.255 -0.893  -7.898  1.00 26.67 ? 162 TYR A CD1 1 
ATOM   1261 C CD2 . TYR A 1 162 ? -9.135  -1.450  -8.823  1.00 31.31 ? 162 TYR A CD2 1 
ATOM   1262 C CE1 . TYR A 1 162 ? -11.282 -2.089  -7.238  1.00 35.66 ? 162 TYR A CE1 1 
ATOM   1263 C CE2 . TYR A 1 162 ? -9.147  -2.618  -8.170  1.00 34.77 ? 162 TYR A CE2 1 
ATOM   1264 C CZ  . TYR A 1 162 ? -10.216 -2.939  -7.375  1.00 36.84 ? 162 TYR A CZ  1 
ATOM   1265 O OH  . TYR A 1 162 ? -10.205 -4.132  -6.723  1.00 33.29 ? 162 TYR A OH  1 
ATOM   1266 N N   . SER A 1 163 ? -8.088  3.240   -9.398  1.00 22.53 ? 163 SER A N   1 
ATOM   1267 C CA  . SER A 1 163 ? -7.533  4.471   -9.935  1.00 19.04 ? 163 SER A CA  1 
ATOM   1268 C C   . SER A 1 163 ? -7.840  4.536   -11.407 1.00 24.15 ? 163 SER A C   1 
ATOM   1269 O O   . SER A 1 163 ? -8.035  3.528   -12.089 1.00 33.17 ? 163 SER A O   1 
ATOM   1270 C CB  . SER A 1 163 ? -6.035  4.681   -9.705  1.00 26.78 ? 163 SER A CB  1 
ATOM   1271 O OG  . SER A 1 163 ? -5.641  4.145   -8.456  1.00 35.33 ? 163 SER A OG  1 
ATOM   1272 N N   . ASP A 1 164 ? -7.847  5.774   -11.863 1.00 30.08 ? 164 ASP A N   1 
ATOM   1273 C CA  . ASP A 1 164 ? -8.108  6.102   -13.249 1.00 27.18 ? 164 ASP A CA  1 
ATOM   1274 C C   . ASP A 1 164 ? -6.911  6.970   -13.636 1.00 23.38 ? 164 ASP A C   1 
ATOM   1275 O O   . ASP A 1 164 ? -6.891  8.159   -13.306 1.00 34.12 ? 164 ASP A O   1 
ATOM   1276 C CB  . ASP A 1 164 ? -9.434  6.875   -13.199 1.00 40.29 ? 164 ASP A CB  1 
ATOM   1277 C CG  . ASP A 1 164 ? -9.616  7.760   -14.385 1.00 50.27 ? 164 ASP A CG  1 
ATOM   1278 O OD1 . ASP A 1 164 ? -10.383 8.747   -14.274 1.00 51.93 ? 164 ASP A OD1 1 
ATOM   1279 O OD2 . ASP A 1 164 ? -8.993  7.473   -15.435 1.00 46.78 ? 164 ASP A OD2 1 
ATOM   1280 N N   . PHE A 1 165 ? -5.911  6.416   -14.300 1.00 27.24 ? 165 PHE A N   1 
ATOM   1281 C CA  . PHE A 1 165 ? -4.659  7.165   -14.504 1.00 23.46 ? 165 PHE A CA  1 
ATOM   1282 C C   . PHE A 1 165 ? -4.819  8.052   -15.739 1.00 38.66 ? 165 PHE A C   1 
ATOM   1283 O O   . PHE A 1 165 ? -3.809  8.544   -16.217 1.00 32.47 ? 165 PHE A O   1 
ATOM   1284 C CB  . PHE A 1 165 ? -3.427  6.241   -14.576 1.00 28.70 ? 165 PHE A CB  1 
ATOM   1285 C CG  . PHE A 1 165 ? -3.009  5.700   -13.233 1.00 32.20 ? 165 PHE A CG  1 
ATOM   1286 C CD1 . PHE A 1 165 ? -2.379  6.520   -12.273 1.00 28.55 ? 165 PHE A CD1 1 
ATOM   1287 C CD2 . PHE A 1 165 ? -3.253  4.379   -12.898 1.00 30.19 ? 165 PHE A CD2 1 
ATOM   1288 C CE1 . PHE A 1 165 ? -2.000  5.997   -10.995 1.00 22.04 ? 165 PHE A CE1 1 
ATOM   1289 C CE2 . PHE A 1 165 ? -2.896  3.885   -11.650 1.00 27.36 ? 165 PHE A CE2 1 
ATOM   1290 C CZ  . PHE A 1 165 ? -2.246  4.690   -10.703 1.00 20.56 ? 165 PHE A CZ  1 
ATOM   1291 N N   . SER A 1 166 ? -6.072  8.244   -16.179 1.00 44.09 ? 166 SER A N   1 
ATOM   1292 C CA  . SER A 1 166 ? -6.532  9.069   -17.313 1.00 54.51 ? 166 SER A CA  1 
ATOM   1293 C C   . SER A 1 166 ? -6.534  10.594  -17.275 1.00 57.96 ? 166 SER A C   1 
ATOM   1294 O O   . SER A 1 166 ? -5.661  11.201  -17.898 1.00 71.36 ? 166 SER A O   1 
ATOM   1295 C CB  . SER A 1 166 ? -8.009  8.777   -17.628 1.00 53.75 ? 166 SER A CB  1 
ATOM   1296 O OG  . SER A 1 166 ? -8.222  7.578   -18.348 1.00 58.74 ? 166 SER A OG  1 
ATOM   1297 N N   . GLU A 1 167 ? -7.511  11.202  -16.591 1.00 56.97 ? 167 GLU A N   1 
ATOM   1298 C CA  . GLU A 1 167 ? -7.760  12.639  -16.732 1.00 54.81 ? 167 GLU A CA  1 
ATOM   1299 C C   . GLU A 1 167 ? -6.526  13.500  -16.899 1.00 60.96 ? 167 GLU A C   1 
ATOM   1300 O O   . GLU A 1 167 ? -6.628  14.720  -16.896 1.00 54.54 ? 167 GLU A O   1 
ATOM   1301 C CB  . GLU A 1 167 ? -8.594  13.157  -15.577 1.00 64.15 ? 167 GLU A CB  1 
ATOM   1302 C CG  . GLU A 1 167 ? -8.976  14.624  -15.631 1.00 74.54 ? 167 GLU A CG  1 
ATOM   1303 C CD  . GLU A 1 167 ? -9.894  15.042  -14.503 1.00 86.53 ? 167 GLU A CD  1 
ATOM   1304 O OE1 . GLU A 1 167 ? -10.287 16.233  -14.487 1.00 94.19 ? 167 GLU A OE1 1 
ATOM   1305 O OE2 . GLU A 1 167 ? -10.215 14.193  -13.638 1.00 97.53 ? 167 GLU A OE2 1 
ATOM   1306 N N   . CYS A 1 170 ? -6.332  13.093  -13.506 1.00 38.58 ? 170 CYS A N   1 
ATOM   1307 C CA  . CYS A 1 170 ? -4.934  13.047  -13.072 1.00 42.70 ? 170 CYS A CA  1 
ATOM   1308 C C   . CYS A 1 170 ? -4.265  14.362  -13.413 1.00 47.66 ? 170 CYS A C   1 
ATOM   1309 O O   . CYS A 1 170 ? -3.260  14.664  -12.807 1.00 31.56 ? 170 CYS A O   1 
ATOM   1310 C CB  . CYS A 1 170 ? -4.141  11.827  -13.553 1.00 43.72 ? 170 CYS A CB  1 
ATOM   1311 S SG  . CYS A 1 170 ? -4.518  10.475  -12.407 1.00 31.12 ? 170 CYS A SG  1 
ATOM   1312 N N   . LYS A 1 171 ? -4.805  15.058  -14.416 1.00 50.67 ? 171 LYS A N   1 
ATOM   1313 C CA  . LYS A 1 171 ? -4.553  16.462  -14.663 1.00 57.87 ? 171 LYS A CA  1 
ATOM   1314 C C   . LYS A 1 171 ? -4.563  16.662  -16.176 1.00 66.45 ? 171 LYS A C   1 
ATOM   1315 O O   . LYS A 1 171 ? -5.336  17.475  -16.688 1.00 72.12 ? 171 LYS A O   1 
ATOM   1316 C CB  . LYS A 1 171 ? -3.266  16.992  -14.016 1.00 56.56 ? 171 LYS A CB  1 
ATOM   1317 C CG  . LYS A 1 171 ? -3.029  18.473  -14.241 1.00 62.78 ? 171 LYS A CG  1 
ATOM   1318 C CD  . LYS A 1 171 ? -1.634  18.933  -13.814 1.00 67.08 ? 171 LYS A CD  1 
ATOM   1319 C CE  . LYS A 1 171 ? -1.467  20.409  -14.153 1.00 66.07 ? 171 LYS A CE  1 
ATOM   1320 N NZ  . LYS A 1 171 ? -0.106  20.964  -13.876 1.00 76.85 ? 171 LYS A NZ  1 
HETATM 1321 O O   . HOH B 2 .   ? -2.664  7.429   -1.894  1.00 18.05 ? 185 HOH A O   1 
HETATM 1322 O O   . HOH B 2 .   ? 0.965   13.004  2.163   1.00 29.24 ? 186 HOH A O   1 
HETATM 1323 O O   . HOH B 2 .   ? 3.670   3.064   12.319  1.00 23.77 ? 187 HOH A O   1 
HETATM 1324 O O   . HOH B 2 .   ? -1.307  -14.363 -4.991  1.00 31.10 ? 188 HOH A O   1 
HETATM 1325 O O   . HOH B 2 .   ? 15.876  -3.288  8.593   1.00 25.79 ? 189 HOH A O   1 
HETATM 1326 O O   . HOH B 2 .   ? -7.440  4.799   -6.640  1.00 25.06 ? 190 HOH A O   1 
HETATM 1327 O O   . HOH B 2 .   ? -10.587 3.855   6.091   1.00 26.06 ? 191 HOH A O   1 
HETATM 1328 O O   . HOH B 2 .   ? -5.835  15.575  -4.927  1.00 19.40 ? 192 HOH A O   1 
HETATM 1329 O O   . HOH B 2 .   ? -11.365 5.127   3.563   1.00 20.68 ? 193 HOH A O   1 
HETATM 1330 O O   . HOH B 2 .   ? 13.511  5.390   -6.454  1.00 23.90 ? 194 HOH A O   1 
HETATM 1331 O O   . HOH B 2 .   ? 14.040  -12.614 -7.753  1.00 18.32 ? 195 HOH A O   1 
HETATM 1332 O O   . HOH B 2 .   ? 5.884   6.760   13.718  1.00 25.77 ? 196 HOH A O   1 
HETATM 1333 O O   . HOH B 2 .   ? 9.241   -8.404  7.432   1.00 20.17 ? 197 HOH A O   1 
HETATM 1334 O O   . HOH B 2 .   ? -3.030  14.707  3.093   1.00 40.57 ? 198 HOH A O   1 
HETATM 1335 O O   . HOH B 2 .   ? 6.313   9.793   11.699  1.00 29.02 ? 199 HOH A O   1 
HETATM 1336 O O   . HOH B 2 .   ? -5.897  14.621  -1.220  1.00 18.14 ? 200 HOH A O   1 
HETATM 1337 O O   . HOH B 2 .   ? 8.172   8.424   -0.306  1.00 24.59 ? 201 HOH A O   1 
HETATM 1338 O O   . HOH B 2 .   ? -3.476  7.267   -5.701  1.00 22.23 ? 202 HOH A O   1 
HETATM 1339 O O   . HOH B 2 .   ? 13.169  -10.796 0.369   1.00 34.41 ? 203 HOH A O   1 
HETATM 1340 O O   . HOH B 2 .   ? -12.196 -0.575  6.787   1.00 40.10 ? 204 HOH A O   1 
HETATM 1341 O O   . HOH B 2 .   ? -6.100  7.971   -8.749  1.00 22.15 ? 205 HOH A O   1 
HETATM 1342 O O   . HOH B 2 .   ? 1.563   -0.941  11.866  1.00 23.17 ? 206 HOH A O   1 
HETATM 1343 O O   . HOH B 2 .   ? -4.626  4.958   -5.287  1.00 26.42 ? 207 HOH A O   1 
HETATM 1344 O O   . HOH B 2 .   ? 3.821   10.342  -1.457  1.00 28.52 ? 208 HOH A O   1 
HETATM 1345 O O   . HOH B 2 .   ? 3.286   11.966  -3.213  1.00 25.28 ? 209 HOH A O   1 
HETATM 1346 O O   . HOH B 2 .   ? -3.453  -14.058 -1.409  1.00 42.32 ? 210 HOH A O   1 
HETATM 1347 O O   . HOH B 2 .   ? -14.830 4.013   -0.940  1.00 30.98 ? 211 HOH A O   1 
HETATM 1348 O O   . HOH B 2 .   ? -11.814 -5.118  -5.550  1.00 38.18 ? 212 HOH A O   1 
HETATM 1349 O O   . HOH B 2 .   ? -1.050  -1.531  11.104  1.00 21.90 ? 213 HOH A O   1 
HETATM 1350 O O   . HOH B 2 .   ? 13.033  10.949  -4.002  1.00 51.63 ? 214 HOH A O   1 
HETATM 1351 O O   . HOH B 2 .   ? 14.131  -4.306  -4.049  1.00 21.72 ? 215 HOH A O   1 
HETATM 1352 O O   . HOH B 2 .   ? 6.986   -9.388  -3.406  1.00 19.58 ? 216 HOH A O   1 
HETATM 1353 O O   . HOH B 2 .   ? -0.543  -3.710  9.272   1.00 25.51 ? 217 HOH A O   1 
HETATM 1354 O O   . HOH B 2 .   ? -10.295 6.633   -9.504  1.00 31.57 ? 218 HOH A O   1 
HETATM 1355 O O   . HOH B 2 .   ? -15.542 2.466   -4.670  1.00 26.76 ? 219 HOH A O   1 
HETATM 1356 O O   . HOH B 2 .   ? 9.472   -7.593  4.901   1.00 23.46 ? 220 HOH A O   1 
HETATM 1357 O O   . HOH B 2 .   ? 4.705   3.437   -1.481  1.00 34.42 ? 221 HOH A O   1 
HETATM 1358 O O   . HOH B 2 .   ? -8.512  13.161  -11.180 1.00 40.32 ? 222 HOH A O   1 
HETATM 1359 O O   . HOH B 2 .   ? 13.992  1.887   -12.657 1.00 48.99 ? 223 HOH A O   1 
HETATM 1360 O O   . HOH B 2 .   ? 6.243   6.682   0.101   1.00 31.36 ? 224 HOH A O   1 
HETATM 1361 O O   . HOH B 2 .   ? 16.887  -6.098  -0.705  1.00 29.09 ? 225 HOH A O   1 
HETATM 1362 O O   . HOH B 2 .   ? -0.045  21.110  -8.700  1.00 31.55 ? 226 HOH A O   1 
HETATM 1363 O O   . HOH B 2 .   ? 9.947   0.561   -14.349 1.00 32.44 ? 227 HOH A O   1 
HETATM 1364 O O   . HOH B 2 .   ? -13.352 2.460   -8.231  1.00 24.28 ? 228 HOH A O   1 
HETATM 1365 O O   . HOH B 2 .   ? 1.083   9.445   -18.634 1.00 43.85 ? 229 HOH A O   1 
HETATM 1366 O O   . HOH B 2 .   ? -7.808  9.088   -10.898 1.00 36.13 ? 230 HOH A O   1 
HETATM 1367 O O   . HOH B 2 .   ? -18.842 1.514   -1.802  1.00 40.35 ? 231 HOH A O   1 
HETATM 1368 O O   . HOH B 2 .   ? 19.124  -4.807  -3.022  1.00 23.56 ? 232 HOH A O   1 
HETATM 1369 O O   . HOH B 2 .   ? -14.385 -1.524  -5.284  1.00 38.72 ? 233 HOH A O   1 
HETATM 1370 O O   . HOH B 2 .   ? -11.321 2.723   8.506   1.00 24.60 ? 234 HOH A O   1 
HETATM 1371 O O   . HOH B 2 .   ? 21.296  -2.933  -3.930  1.00 26.62 ? 235 HOH A O   1 
HETATM 1372 O O   . HOH B 2 .   ? 17.410  -3.885  6.351   1.00 25.33 ? 236 HOH A O   1 
HETATM 1373 O O   . HOH B 2 .   ? 20.288  0.403   -7.016  1.00 26.08 ? 237 HOH A O   1 
HETATM 1374 O O   . HOH B 2 .   ? -1.162  8.260   -16.632 1.00 45.71 ? 238 HOH A O   1 
HETATM 1375 O O   . HOH B 2 .   ? 3.568   0.395   0.146   1.00 26.48 ? 239 HOH A O   1 
HETATM 1376 O O   . HOH B 2 .   ? -7.837  17.409  -8.993  1.00 36.89 ? 240 HOH A O   1 
HETATM 1377 O O   . HOH B 2 .   ? -2.414  -4.703  -17.817 1.00 39.91 ? 241 HOH A O   1 
HETATM 1378 O O   . HOH B 2 .   ? 2.460   -10.107 6.300   1.00 24.79 ? 242 HOH A O   1 
HETATM 1379 O O   . HOH B 2 .   ? 11.483  2.801   -13.708 1.00 26.69 ? 243 HOH A O   1 
HETATM 1380 O O   . HOH B 2 .   ? 1.825   -16.456 3.058   1.00 30.95 ? 244 HOH A O   1 
HETATM 1381 O O   . HOH B 2 .   ? 5.141   5.180   -17.070 1.00 37.55 ? 245 HOH A O   1 
HETATM 1382 O O   . HOH B 2 .   ? -0.079  9.873   -11.980 1.00 30.21 ? 246 HOH A O   1 
HETATM 1383 O O   . HOH B 2 .   ? -5.967  22.592  -4.117  1.00 29.90 ? 247 HOH A O   1 
HETATM 1384 O O   . HOH B 2 .   ? 15.003  3.244   -9.894  1.00 33.99 ? 248 HOH A O   1 
HETATM 1385 O O   . HOH B 2 .   ? -14.072 4.843   3.475   1.00 30.78 ? 249 HOH A O   1 
HETATM 1386 O O   . HOH B 2 .   ? 6.811   3.010   -16.977 1.00 47.11 ? 250 HOH A O   1 
HETATM 1387 O O   . HOH B 2 .   ? -6.435  -1.878  -11.869 1.00 36.02 ? 251 HOH A O   1 
HETATM 1388 O O   . HOH B 2 .   ? 1.263   11.253  -20.410 1.00 53.90 ? 252 HOH A O   1 
HETATM 1389 O O   . HOH B 2 .   ? 19.819  -2.496  6.517   1.00 31.56 ? 253 HOH A O   1 
HETATM 1390 O O   . HOH B 2 .   ? 15.431  -10.688 6.772   1.00 31.00 ? 254 HOH A O   1 
HETATM 1391 O O   . HOH B 2 .   ? 16.078  -3.869  -1.925  1.00 26.11 ? 255 HOH A O   1 
HETATM 1392 O O   . HOH B 2 .   ? 2.367   11.065  0.330   1.00 37.98 ? 256 HOH A O   1 
HETATM 1393 O O   . HOH B 2 .   ? 21.628  -2.501  3.433   1.00 41.99 ? 257 HOH A O   1 
HETATM 1394 O O   . HOH B 2 .   ? 14.492  -0.626  -12.091 1.00 28.91 ? 258 HOH A O   1 
HETATM 1395 O O   . HOH B 2 .   ? 5.718   -0.568  -14.114 1.00 38.04 ? 259 HOH A O   1 
HETATM 1396 O O   . HOH B 2 .   ? -14.639 0.271   -8.640  1.00 39.06 ? 260 HOH A O   1 
HETATM 1397 O O   . HOH B 2 .   ? 9.880   -3.169  -12.302 1.00 36.01 ? 261 HOH A O   1 
HETATM 1398 O O   . HOH B 2 .   ? 10.785  8.654   -11.163 1.00 61.46 ? 262 HOH A O   1 
HETATM 1399 O O   . HOH B 2 .   ? -9.905  10.958  4.405   1.00 32.66 ? 263 HOH A O   1 
HETATM 1400 O O   . HOH B 2 .   ? 3.903   -9.073  9.027   1.00 28.58 ? 264 HOH A O   1 
HETATM 1401 O O   . HOH B 2 .   ? 1.859   -6.931  -13.739 1.00 37.12 ? 265 HOH A O   1 
HETATM 1402 O O   . HOH B 2 .   ? 4.771   -15.666 8.582   1.00 35.74 ? 266 HOH A O   1 
HETATM 1403 O O   . HOH B 2 .   ? 4.684   -8.379  -6.369  1.00 28.04 ? 267 HOH A O   1 
HETATM 1404 O O   . HOH B 2 .   ? 1.986   -14.917 0.466   1.00 32.47 ? 268 HOH A O   1 
HETATM 1405 O O   . HOH B 2 .   ? 15.560  -6.731  8.794   1.00 30.35 ? 269 HOH A O   1 
HETATM 1406 O O   . HOH B 2 .   ? -6.301  -3.302  -19.876 1.00 42.29 ? 270 HOH A O   1 
HETATM 1407 O O   . HOH B 2 .   ? 3.617   -15.746 -8.331  1.00 29.65 ? 271 HOH A O   1 
HETATM 1408 O O   . HOH B 2 .   ? -15.267 8.379   11.547  1.00 39.68 ? 272 HOH A O   1 
HETATM 1409 O O   . HOH B 2 .   ? -12.189 -17.191 -8.632  1.00 46.35 ? 273 HOH A O   1 
HETATM 1410 O O   . HOH B 2 .   ? 3.505   -9.753  11.457  1.00 33.51 ? 274 HOH A O   1 
HETATM 1411 O O   . HOH B 2 .   ? 17.597  -6.419  7.023   1.00 29.40 ? 275 HOH A O   1 
HETATM 1412 O O   . HOH B 2 .   ? 2.795   11.077  -13.484 1.00 30.57 ? 276 HOH A O   1 
HETATM 1413 O O   . HOH B 2 .   ? 12.646  3.351   -11.068 1.00 27.29 ? 277 HOH A O   1 
HETATM 1414 O O   . HOH B 2 .   ? 5.728   22.159  2.314   1.00 35.46 ? 278 HOH A O   1 
HETATM 1415 O O   . HOH B 2 .   ? 18.148  -9.327  -4.704  1.00 22.79 ? 279 HOH A O   1 
HETATM 1416 O O   . HOH B 2 .   ? 12.690  -12.405 2.022   1.00 32.86 ? 280 HOH A O   1 
HETATM 1417 O O   . HOH B 2 .   ? 19.683  2.585   7.823   1.00 34.16 ? 281 HOH A O   1 
HETATM 1418 O O   . HOH B 2 .   ? 15.892  -7.891  -2.655  1.00 30.38 ? 282 HOH A O   1 
HETATM 1419 O O   . HOH B 2 .   ? 13.327  7.249   -13.287 1.00 46.22 ? 283 HOH A O   1 
HETATM 1420 O O   . HOH B 2 .   ? 0.312   4.056   6.449   1.00 34.71 ? 284 HOH A O   1 
HETATM 1421 O O   . HOH B 2 .   ? 9.398   -7.473  -10.158 1.00 67.11 ? 285 HOH A O   1 
HETATM 1422 O O   . HOH B 2 .   ? -7.968  -13.835 17.562  1.00 35.30 ? 286 HOH A O   1 
HETATM 1423 O O   . HOH B 2 .   ? -0.048  -6.160  -12.421 1.00 37.60 ? 287 HOH A O   1 
HETATM 1424 O O   . HOH B 2 .   ? 0.876   -8.081  12.128  1.00 54.77 ? 288 HOH A O   1 
# 
